data_9C12
#
_entry.id   9C12
#
_cell.length_a   1.00
_cell.length_b   1.00
_cell.length_c   1.00
_cell.angle_alpha   90.00
_cell.angle_beta   90.00
_cell.angle_gamma   90.00
#
_symmetry.space_group_name_H-M   'P 1'
#
loop_
_entity.id
_entity.type
_entity.pdbx_description
1 polymer 'ATP-binding cassette sub-family C member 2'
2 non-polymer '(5~{S},6~{R},7~{E},9~{E},11~{Z},14~{Z})-6-[(2~{R})-2-[[(4~{S})-4-azanyl-5-oxidanyl-5-oxidanylidene-pentanoyl]amino]-3-( 2-hydroxy-2-oxoethylamino)-3-oxidanylidene-propyl]sulfanyl-5-oxidanyl-icosa-7,9,11,14-tetraenoic acid'
3 non-polymer CHOLESTEROL
4 non-polymer 'UNKNOWN LIGAND'
#
_entity_poly.entity_id   1
_entity_poly.type   'polypeptide(L)'
_entity_poly.pdbx_seq_one_letter_code
;MLEKFCNSTFWNSSFLDSPEADLPLCFEQTVLVWIPLGYLWLLAPWQLLHVYKSRTKRSSTTKLYLAKQVFVGFLLILAA
IELALVLTEDSGQATVPAVRYTNPSLYLGTWLLVLLIQYSRQWCVQKNSWFLSLFWILSILCGTFQFQTLIRTLLQGDNS
NLAYSCLFFISYGFQILILIFSAFSENNESSNNPSSIASFLSSITYSWYDSIILKGYKRPLTLEDVWEVDEEMKTKTLVS
KFETHMKRELQKARRALQRRQEKSSQQNSGARLPGLNKNQSQSQDALVLEDVEKKKKKSGTKKDVPKSWLMKALFKTFYM
VLLKSFLLKLVNDIFTFVSPQLLKLLISFASDRDTYLWIGYLCAILLFTAALIQSFCLQCYFQLCFKLGVKVRTAIMASV
YKKALTLSNLARKEYTVGETVNLMSVDAQKLMDVTNFMHMLWSSVLQIVLSIFFLWRELGPSVLAGVGVMVLVIPINAIL
STKSKTIQVKNMKNKDKRLKIMNEILSGIKILKYFAWEPSFRDQVQNLRKKELKNLLAFSQLQCVVIFVFQLTPVLVSVV
TFSVYVLVDSNNILDAQKAFTSITLFNILRFPLSMLPMMISSMLQASVSTERLEKYLGGDDLDTSAIRHDCNFDKAMQFS
EASFTWEHDSEATVRDVNLDIMAGQLVAVIGPVGSGKSSLISAMLGEMENVHGHITIKGTTAYVPQQSWIQNGTIKDNIL
FGTEFNEKRYQQVLEACALLPDLEMLPGGDLAEIGEKGINLSGGQKQRISLARATYQNLDIYLLDDPLSAVDAHVGKHIF
NKVLGPNGLLKGKTRLLVTHSMHFLPQVDEIVVLGNGTIVEKGSYSALLAKKGEFAKNLKTFLRHTGPEEEATVHDGSEE
EDDDYGLISSVEEIPEDAASITMRRENSFRRTLSRSSRSNGRHLKSLRNSLKTRNVNSLKEDEELVKGQKLIKKEFIETG
KVKFSIYLEYLQAIGLFSIFFIILAFVMNSVAFIGSNLWLSAWTSDSKIFNSTDYPASQRDMRVGVYGALGLAQGIFVFI
AHFWSAFGFVHASNILHKQLLNNILRAPMRFFDTTPTGRIVNRFAGDISTVDDTLPQSLRSWITCFLGIISTLVMICMAT
PVFTIIVIPLGIIYVSVQMFYVSTSRQLRRLDSVTRSPIYSHFSETVSGLPVIRAFEHQQRFLKHNEVRIDTNQKCVFSW
ITSNRWLAIRLELVGNLTVFFSALMMVIYRDTLSGDTVGFVLSNALNITQTLNWLVRMTSEIETNIVAVERITEYTKVEN
EAPWVTDKRPPPDWPSKGKIQFNNYQVRYRPELDLVLRGITCDIGSMEKIGVVGRTGAGKSSLTNCLFRILEAAGGQIII
DGVDIASIGLHDLREKLTIIPQDPILFSGSLRMNLDPFNNYSDEEIWKALELAHLKSFVASLQLGLSHEVTEAGGNLSIG
QRQLLCLGRALLRKSKILVLDEATAAVDLETDNLIQTTIQNEFAHCTVITIAHRLHTIMDSDKVMVLDNGKIIECGSPEE
LLQIPGPFYFMAKEAGIENVNSTKF
;
_entity_poly.pdbx_strand_id   A
#
loop_
_chem_comp.id
_chem_comp.type
_chem_comp.name
_chem_comp.formula
CLR non-polymer CHOLESTEROL 'C27 H46 O'
LTX non-polymer '(5~{S},6~{R},7~{E},9~{E},11~{Z},14~{Z})-6-[(2~{R})-2-[[(4~{S})-4-azanyl-5-oxidanyl-5-oxidanylidene-pentanoyl]amino]-3-( 2-hydroxy-2-oxoethylamino)-3-oxidanylidene-propyl]sulfanyl-5-oxidanyl-icosa-7,9,11,14-tetraenoic acid' 'C30 H47 N3 O9 S'
UNL non-polymer 'UNKNOWN LIGAND' ?
#
# COMPACT_ATOMS: atom_id res chain seq x y z
N MET A 1 -49.61 0.22 -47.01
CA MET A 1 -49.17 1.38 -47.83
C MET A 1 -47.86 1.11 -48.58
N LEU A 2 -46.80 0.59 -47.96
CA LEU A 2 -45.48 0.51 -48.61
C LEU A 2 -45.49 -0.30 -49.92
N GLU A 3 -46.48 -1.18 -50.11
CA GLU A 3 -46.72 -1.91 -51.36
C GLU A 3 -46.92 -1.00 -52.59
N LYS A 4 -47.39 0.24 -52.39
CA LYS A 4 -47.60 1.27 -53.42
C LYS A 4 -46.72 2.52 -53.22
N PHE A 5 -45.79 2.44 -52.27
CA PHE A 5 -44.55 3.21 -52.26
C PHE A 5 -43.47 2.56 -53.15
N CYS A 6 -43.40 1.23 -53.17
CA CYS A 6 -42.40 0.43 -53.90
C CYS A 6 -42.95 -0.42 -55.08
N ASN A 7 -44.27 -0.43 -55.33
CA ASN A 7 -44.94 -1.29 -56.33
C ASN A 7 -44.54 -2.78 -56.26
N SER A 8 -44.28 -3.28 -55.05
CA SER A 8 -43.84 -4.66 -54.76
C SER A 8 -44.11 -4.99 -53.29
N THR A 9 -44.14 -6.27 -52.92
CA THR A 9 -44.59 -6.69 -51.58
C THR A 9 -43.62 -6.26 -50.46
N PHE A 10 -44.15 -5.71 -49.37
CA PHE A 10 -43.34 -5.29 -48.22
C PHE A 10 -42.88 -6.46 -47.35
N TRP A 11 -43.75 -7.43 -47.09
CA TRP A 11 -43.42 -8.59 -46.25
C TRP A 11 -44.24 -9.83 -46.62
N ASN A 12 -43.58 -10.98 -46.63
CA ASN A 12 -44.17 -12.29 -46.88
C ASN A 12 -43.25 -13.34 -46.27
N SER A 13 -43.67 -13.96 -45.16
CA SER A 13 -42.85 -14.94 -44.43
C SER A 13 -42.43 -16.16 -45.28
N SER A 14 -43.13 -16.45 -46.38
CA SER A 14 -42.76 -17.52 -47.31
C SER A 14 -41.43 -17.28 -48.06
N PHE A 15 -40.85 -16.08 -48.02
CA PHE A 15 -39.47 -15.86 -48.49
C PHE A 15 -38.41 -16.50 -47.57
N LEU A 16 -38.67 -16.62 -46.26
CA LEU A 16 -37.71 -17.13 -45.29
C LEU A 16 -37.74 -18.67 -45.19
N ASP A 17 -38.90 -19.30 -45.38
CA ASP A 17 -39.05 -20.76 -45.37
C ASP A 17 -38.54 -21.41 -46.66
N SER A 18 -37.24 -21.29 -46.95
CA SER A 18 -36.55 -21.95 -48.07
C SER A 18 -35.03 -22.05 -47.87
N PRO A 19 -34.33 -22.96 -48.58
CA PRO A 19 -32.87 -23.10 -48.51
C PRO A 19 -32.07 -21.90 -49.01
N GLU A 20 -32.69 -20.99 -49.77
CA GLU A 20 -32.05 -19.87 -50.47
C GLU A 20 -32.66 -18.51 -50.11
N ALA A 21 -33.13 -18.36 -48.87
CA ALA A 21 -33.88 -17.19 -48.40
C ALA A 21 -33.19 -15.84 -48.67
N ASP A 22 -34.01 -14.79 -48.84
CA ASP A 22 -33.62 -13.38 -48.88
C ASP A 22 -34.78 -12.50 -48.37
N LEU A 23 -34.49 -11.25 -48.01
CA LEU A 23 -35.54 -10.28 -47.64
C LEU A 23 -36.15 -9.64 -48.89
N PRO A 24 -37.41 -9.16 -48.87
CA PRO A 24 -37.97 -8.38 -49.97
C PRO A 24 -37.20 -7.06 -50.15
N LEU A 25 -36.93 -6.62 -51.40
CA LEU A 25 -36.26 -5.34 -51.65
C LEU A 25 -36.99 -4.15 -51.05
N CYS A 26 -38.34 -4.17 -51.02
CA CYS A 26 -39.13 -3.13 -50.37
C CYS A 26 -38.78 -2.99 -48.87
N PHE A 27 -38.53 -4.09 -48.16
CA PHE A 27 -38.16 -4.06 -46.76
C PHE A 27 -36.76 -3.46 -46.58
N GLU A 28 -35.81 -3.87 -47.43
CA GLU A 28 -34.44 -3.35 -47.40
C GLU A 28 -34.40 -1.86 -47.73
N GLN A 29 -35.11 -1.42 -48.77
CA GLN A 29 -35.12 -0.03 -49.23
C GLN A 29 -35.93 0.91 -48.34
N THR A 30 -36.79 0.41 -47.44
CA THR A 30 -37.49 1.21 -46.44
C THR A 30 -37.00 1.20 -44.99
N VAL A 31 -37.02 0.04 -44.32
CA VAL A 31 -36.80 -0.07 -42.87
C VAL A 31 -35.29 -0.01 -42.65
N LEU A 32 -34.50 -0.75 -43.42
CA LEU A 32 -33.04 -0.77 -43.26
C LEU A 32 -32.33 0.50 -43.77
N VAL A 33 -33.02 1.40 -44.48
CA VAL A 33 -32.56 2.78 -44.71
C VAL A 33 -33.00 3.69 -43.56
N TRP A 34 -34.25 3.61 -43.13
CA TRP A 34 -34.79 4.52 -42.14
C TRP A 34 -34.17 4.35 -40.75
N ILE A 35 -33.62 3.18 -40.41
CA ILE A 35 -32.91 2.95 -39.14
C ILE A 35 -31.62 3.80 -39.02
N PRO A 36 -30.61 3.67 -39.90
CA PRO A 36 -29.40 4.48 -39.79
C PRO A 36 -29.66 5.97 -40.00
N LEU A 37 -30.57 6.36 -40.91
CA LEU A 37 -30.89 7.79 -41.11
C LEU A 37 -31.67 8.38 -39.92
N GLY A 38 -32.57 7.62 -39.31
CA GLY A 38 -33.31 8.07 -38.13
C GLY A 38 -32.40 8.35 -36.92
N TYR A 39 -31.38 7.52 -36.69
CA TYR A 39 -30.36 7.78 -35.68
C TYR A 39 -29.62 9.10 -35.92
N LEU A 40 -29.27 9.43 -37.17
CA LEU A 40 -28.55 10.65 -37.51
C LEU A 40 -29.40 11.91 -37.25
N TRP A 41 -30.57 12.02 -37.86
CA TRP A 41 -31.37 13.25 -37.80
C TRP A 41 -31.97 13.56 -36.42
N LEU A 42 -32.31 12.55 -35.61
CA LEU A 42 -32.85 12.80 -34.27
C LEU A 42 -31.83 13.41 -33.29
N LEU A 43 -30.53 13.22 -33.50
CA LEU A 43 -29.48 13.61 -32.54
C LEU A 43 -28.52 14.69 -33.07
N ALA A 44 -28.36 14.85 -34.38
CA ALA A 44 -27.44 15.83 -34.94
C ALA A 44 -27.69 17.28 -34.46
N PRO A 45 -28.92 17.79 -34.33
CA PRO A 45 -29.16 19.15 -33.80
C PRO A 45 -28.56 19.37 -32.42
N TRP A 46 -28.72 18.42 -31.50
CA TRP A 46 -28.09 18.47 -30.17
C TRP A 46 -26.55 18.43 -30.25
N GLN A 47 -25.99 17.56 -31.09
CA GLN A 47 -24.53 17.47 -31.25
C GLN A 47 -23.93 18.75 -31.85
N LEU A 48 -24.63 19.43 -32.76
CA LEU A 48 -24.21 20.74 -33.27
C LEU A 48 -24.28 21.83 -32.20
N LEU A 49 -25.39 21.91 -31.45
CA LEU A 49 -25.53 22.92 -30.39
C LEU A 49 -24.53 22.71 -29.25
N HIS A 50 -24.19 21.47 -28.92
CA HIS A 50 -23.18 21.17 -27.90
C HIS A 50 -21.81 21.76 -28.27
N VAL A 51 -21.37 21.63 -29.53
CA VAL A 51 -20.14 22.27 -29.99
C VAL A 51 -20.27 23.78 -30.04
N TYR A 52 -21.39 24.32 -30.54
CA TYR A 52 -21.58 25.77 -30.60
C TYR A 52 -21.52 26.45 -29.22
N LYS A 53 -22.01 25.78 -28.18
CA LYS A 53 -21.95 26.24 -26.78
C LYS A 53 -20.66 25.84 -26.03
N SER A 54 -19.68 25.22 -26.68
CA SER A 54 -18.43 24.78 -26.02
C SER A 54 -17.14 24.98 -26.83
N ARG A 55 -17.22 25.52 -28.05
CA ARG A 55 -16.05 25.85 -28.89
C ARG A 55 -15.10 26.87 -28.25
N THR A 56 -13.83 26.85 -28.65
CA THR A 56 -12.78 27.80 -28.22
C THR A 56 -12.00 28.37 -29.41
N LYS A 57 -11.29 27.52 -30.18
CA LYS A 57 -10.63 27.86 -31.45
C LYS A 57 -10.57 26.65 -32.39
N ARG A 58 -10.39 26.88 -33.70
CA ARG A 58 -10.15 25.80 -34.67
C ARG A 58 -8.79 25.15 -34.48
N SER A 59 -8.73 23.87 -34.82
CA SER A 59 -7.46 23.13 -34.99
C SER A 59 -6.83 23.42 -36.35
N SER A 60 -5.60 22.95 -36.58
CA SER A 60 -5.00 22.93 -37.92
C SER A 60 -5.79 22.02 -38.88
N THR A 61 -5.61 22.22 -40.18
CA THR A 61 -6.06 21.27 -41.21
C THR A 61 -5.07 20.09 -41.31
N THR A 62 -5.55 18.90 -41.65
CA THR A 62 -4.76 17.65 -41.70
C THR A 62 -5.06 16.86 -42.97
N LYS A 63 -4.18 15.92 -43.33
CA LYS A 63 -4.42 15.00 -44.46
C LYS A 63 -5.66 14.13 -44.24
N LEU A 64 -5.91 13.67 -43.01
CA LEU A 64 -7.08 12.86 -42.68
C LEU A 64 -8.39 13.67 -42.73
N TYR A 65 -8.39 14.95 -42.38
CA TYR A 65 -9.56 15.80 -42.55
C TYR A 65 -9.94 15.96 -44.03
N LEU A 66 -8.97 16.25 -44.90
CA LEU A 66 -9.17 16.26 -46.35
C LEU A 66 -9.72 14.91 -46.83
N ALA A 67 -9.09 13.81 -46.44
CA ALA A 67 -9.46 12.48 -46.90
C ALA A 67 -10.89 12.06 -46.48
N LYS A 68 -11.32 12.39 -45.26
CA LYS A 68 -12.71 12.19 -44.83
C LYS A 68 -13.69 13.03 -45.64
N GLN A 69 -13.40 14.32 -45.82
CA GLN A 69 -14.32 15.25 -46.48
C GLN A 69 -14.50 14.95 -47.98
N VAL A 70 -13.43 14.62 -48.71
CA VAL A 70 -13.54 14.33 -50.15
C VAL A 70 -14.35 13.06 -50.42
N PHE A 71 -14.20 11.98 -49.64
CA PHE A 71 -14.99 10.77 -49.84
C PHE A 71 -16.46 10.94 -49.47
N VAL A 72 -16.81 11.77 -48.48
CA VAL A 72 -18.23 12.14 -48.30
C VAL A 72 -18.71 12.99 -49.48
N GLY A 73 -17.84 13.81 -50.08
CA GLY A 73 -18.13 14.50 -51.33
C GLY A 73 -18.48 13.55 -52.48
N PHE A 74 -17.77 12.43 -52.62
CA PHE A 74 -18.12 11.40 -53.60
C PHE A 74 -19.48 10.75 -53.29
N LEU A 75 -19.79 10.44 -52.02
CA LEU A 75 -21.11 9.97 -51.61
C LEU A 75 -22.23 10.95 -52.02
N LEU A 76 -22.00 12.25 -51.89
CA LEU A 76 -22.94 13.28 -52.34
C LEU A 76 -23.10 13.30 -53.88
N ILE A 77 -22.00 13.21 -54.63
CA ILE A 77 -22.03 13.16 -56.09
C ILE A 77 -22.77 11.91 -56.59
N LEU A 78 -22.49 10.73 -56.02
CA LEU A 78 -23.18 9.50 -56.43
C LEU A 78 -24.68 9.57 -56.14
N ALA A 79 -25.11 10.17 -55.03
CA ALA A 79 -26.54 10.38 -54.78
C ALA A 79 -27.19 11.32 -55.81
N ALA A 80 -26.46 12.32 -56.32
CA ALA A 80 -26.97 13.18 -57.38
C ALA A 80 -27.08 12.45 -58.72
N ILE A 81 -26.08 11.64 -59.10
CA ILE A 81 -26.12 10.83 -60.32
C ILE A 81 -27.27 9.82 -60.27
N GLU A 82 -27.47 9.17 -59.12
CA GLU A 82 -28.57 8.21 -58.92
C GLU A 82 -29.93 8.87 -59.12
N LEU A 83 -30.17 10.07 -58.58
CA LEU A 83 -31.39 10.80 -58.82
C LEU A 83 -31.52 11.25 -60.28
N ALA A 84 -30.44 11.68 -60.92
CA ALA A 84 -30.47 12.10 -62.33
C ALA A 84 -30.88 10.96 -63.27
N LEU A 85 -30.34 9.76 -63.08
CA LEU A 85 -30.70 8.58 -63.88
C LEU A 85 -32.16 8.15 -63.69
N VAL A 86 -32.76 8.41 -62.53
CA VAL A 86 -34.21 8.08 -62.35
C VAL A 86 -35.07 9.18 -62.97
N LEU A 87 -34.65 10.45 -62.84
CA LEU A 87 -35.43 11.58 -63.33
C LEU A 87 -35.39 11.72 -64.87
N THR A 88 -34.26 11.38 -65.52
CA THR A 88 -34.15 11.40 -66.99
C THR A 88 -34.77 10.17 -67.65
N GLU A 89 -34.56 8.97 -67.11
CA GLU A 89 -34.97 7.72 -67.77
C GLU A 89 -36.48 7.46 -67.76
N ASP A 90 -37.22 8.02 -66.80
CA ASP A 90 -38.67 7.87 -66.71
C ASP A 90 -39.43 8.54 -67.86
N SER A 91 -38.95 9.70 -68.34
CA SER A 91 -39.47 10.44 -69.50
C SER A 91 -40.98 10.76 -69.49
N GLY A 92 -41.65 10.69 -68.33
CA GLY A 92 -43.11 10.76 -68.19
C GLY A 92 -43.87 9.55 -68.78
N GLN A 93 -43.17 8.49 -69.19
CA GLN A 93 -43.74 7.36 -69.93
C GLN A 93 -44.48 6.32 -69.08
N ALA A 94 -44.17 6.21 -67.79
CA ALA A 94 -44.79 5.26 -66.86
C ALA A 94 -44.80 5.77 -65.40
N THR A 95 -45.70 5.22 -64.58
CA THR A 95 -45.82 5.55 -63.16
C THR A 95 -44.72 4.89 -62.31
N VAL A 96 -43.53 5.50 -62.33
CA VAL A 96 -42.36 4.96 -61.57
C VAL A 96 -42.65 5.00 -60.07
N PRO A 97 -42.26 3.95 -59.28
CA PRO A 97 -42.50 3.91 -57.84
C PRO A 97 -41.92 5.13 -57.10
N ALA A 98 -42.56 5.52 -55.99
CA ALA A 98 -42.10 6.71 -55.22
C ALA A 98 -40.70 6.47 -54.62
N VAL A 99 -40.45 5.26 -54.11
CA VAL A 99 -39.14 4.98 -53.43
C VAL A 99 -38.00 5.36 -54.37
N ARG A 100 -38.19 5.20 -55.68
CA ARG A 100 -37.11 5.48 -56.66
C ARG A 100 -36.65 6.94 -56.58
N TYR A 101 -37.41 7.80 -55.91
CA TYR A 101 -37.07 9.25 -55.85
C TYR A 101 -36.77 9.67 -54.41
N THR A 102 -37.59 9.23 -53.45
CA THR A 102 -37.41 9.68 -52.05
C THR A 102 -36.02 9.29 -51.53
N ASN A 103 -35.60 8.03 -51.72
CA ASN A 103 -34.34 7.55 -51.17
C ASN A 103 -33.13 8.41 -51.60
N PRO A 104 -32.87 8.68 -52.91
CA PRO A 104 -31.79 9.60 -53.28
C PRO A 104 -31.96 10.96 -52.60
N SER A 105 -33.18 11.52 -52.61
CA SER A 105 -33.45 12.83 -52.00
C SER A 105 -33.08 12.88 -50.52
N LEU A 106 -33.35 11.82 -49.77
CA LEU A 106 -32.87 11.68 -48.38
C LEU A 106 -31.35 11.61 -48.32
N TYR A 107 -30.70 10.81 -49.17
CA TYR A 107 -29.24 10.71 -49.13
C TYR A 107 -28.55 12.02 -49.46
N LEU A 108 -29.03 12.80 -50.44
CA LEU A 108 -28.53 14.15 -50.71
C LEU A 108 -28.60 15.05 -49.47
N GLY A 109 -29.72 15.03 -48.74
CA GLY A 109 -29.82 15.78 -47.48
C GLY A 109 -28.85 15.27 -46.41
N THR A 110 -28.68 13.96 -46.28
CA THR A 110 -27.79 13.40 -45.25
C THR A 110 -26.33 13.70 -45.52
N TRP A 111 -25.83 13.58 -46.75
CA TRP A 111 -24.41 13.82 -47.00
C TRP A 111 -24.02 15.29 -46.83
N LEU A 112 -24.92 16.24 -47.11
CA LEU A 112 -24.72 17.63 -46.72
C LEU A 112 -24.64 17.79 -45.20
N LEU A 113 -25.49 17.11 -44.43
CA LEU A 113 -25.41 17.13 -42.97
C LEU A 113 -24.11 16.51 -42.46
N VAL A 114 -23.66 15.39 -43.03
CA VAL A 114 -22.41 14.74 -42.64
C VAL A 114 -21.20 15.63 -42.94
N LEU A 115 -21.14 16.30 -44.09
CA LEU A 115 -20.10 17.29 -44.37
C LEU A 115 -20.08 18.41 -43.35
N LEU A 116 -21.26 18.91 -42.95
CA LEU A 116 -21.40 19.98 -41.98
C LEU A 116 -20.97 19.56 -40.58
N ILE A 117 -21.39 18.40 -40.08
CA ILE A 117 -20.97 17.96 -38.74
C ILE A 117 -19.49 17.58 -38.69
N GLN A 118 -18.92 16.96 -39.74
CA GLN A 118 -17.47 16.77 -39.82
C GLN A 118 -16.71 18.10 -39.80
N TYR A 119 -17.19 19.13 -40.51
CA TYR A 119 -16.59 20.46 -40.45
C TYR A 119 -16.66 21.04 -39.04
N SER A 120 -17.82 20.94 -38.38
CA SER A 120 -17.99 21.46 -37.02
C SER A 120 -17.05 20.81 -36.01
N ARG A 121 -16.60 19.59 -36.28
CA ARG A 121 -15.76 18.78 -35.40
C ARG A 121 -14.34 19.31 -35.25
N GLN A 122 -13.88 20.19 -36.13
CA GLN A 122 -12.52 20.72 -36.13
C GLN A 122 -12.22 21.67 -34.94
N TRP A 123 -13.23 22.05 -34.16
CA TRP A 123 -13.10 22.80 -32.90
C TRP A 123 -12.91 21.92 -31.66
N CYS A 124 -13.19 20.61 -31.73
CA CYS A 124 -13.16 19.72 -30.58
C CYS A 124 -11.75 19.17 -30.27
N VAL A 125 -11.49 18.79 -29.03
CA VAL A 125 -10.23 18.11 -28.65
C VAL A 125 -10.18 16.68 -29.21
N GLN A 126 -11.21 15.86 -28.99
CA GLN A 126 -11.39 14.56 -29.64
C GLN A 126 -12.08 14.74 -31.00
N LYS A 127 -11.38 14.47 -32.12
CA LYS A 127 -11.94 14.62 -33.45
C LYS A 127 -13.00 13.54 -33.73
N ASN A 128 -12.61 12.29 -33.87
CA ASN A 128 -13.49 11.19 -34.25
C ASN A 128 -14.27 10.64 -33.03
N SER A 129 -15.45 11.19 -32.75
CA SER A 129 -16.28 10.86 -31.57
C SER A 129 -17.19 9.65 -31.79
N TRP A 130 -17.96 9.28 -30.75
CA TRP A 130 -18.90 8.17 -30.79
C TRP A 130 -20.05 8.38 -31.78
N PHE A 131 -20.52 9.62 -31.98
CA PHE A 131 -21.76 9.88 -32.70
C PHE A 131 -21.69 9.46 -34.16
N LEU A 132 -20.69 9.94 -34.91
CA LEU A 132 -20.44 9.51 -36.29
C LEU A 132 -19.92 8.07 -36.36
N SER A 133 -19.12 7.62 -35.41
CA SER A 133 -18.56 6.27 -35.44
C SER A 133 -19.66 5.20 -35.40
N LEU A 134 -20.69 5.37 -34.58
CA LEU A 134 -21.85 4.47 -34.60
C LEU A 134 -22.73 4.66 -35.83
N PHE A 135 -22.82 5.85 -36.43
CA PHE A 135 -23.54 6.00 -37.70
C PHE A 135 -22.93 5.15 -38.80
N TRP A 136 -21.60 5.17 -38.99
CA TRP A 136 -20.97 4.36 -40.03
C TRP A 136 -21.15 2.87 -39.77
N ILE A 137 -21.04 2.42 -38.51
CA ILE A 137 -21.28 1.03 -38.14
C ILE A 137 -22.73 0.61 -38.42
N LEU A 138 -23.73 1.39 -37.98
CA LEU A 138 -25.13 1.11 -38.28
C LEU A 138 -25.40 1.09 -39.78
N SER A 139 -24.84 2.04 -40.55
CA SER A 139 -25.04 2.07 -41.99
C SER A 139 -24.47 0.84 -42.69
N ILE A 140 -23.24 0.44 -42.37
CA ILE A 140 -22.59 -0.73 -42.98
C ILE A 140 -23.30 -2.03 -42.61
N LEU A 141 -23.75 -2.19 -41.36
CA LEU A 141 -24.45 -3.40 -40.90
C LEU A 141 -25.90 -3.49 -41.36
N CYS A 142 -26.57 -2.39 -41.67
CA CYS A 142 -27.87 -2.44 -42.35
C CYS A 142 -27.73 -2.66 -43.86
N GLY A 143 -26.74 -2.04 -44.51
CA GLY A 143 -26.54 -2.17 -45.95
C GLY A 143 -26.08 -3.56 -46.39
N THR A 144 -25.53 -4.38 -45.50
CA THR A 144 -25.02 -5.72 -45.86
C THR A 144 -26.10 -6.65 -46.42
N PHE A 145 -27.34 -6.53 -45.94
CA PHE A 145 -28.48 -7.31 -46.46
C PHE A 145 -28.77 -6.97 -47.92
N GLN A 146 -28.90 -5.68 -48.24
CA GLN A 146 -29.13 -5.23 -49.60
C GLN A 146 -27.94 -5.56 -50.52
N PHE A 147 -26.71 -5.47 -50.02
CA PHE A 147 -25.52 -5.83 -50.78
C PHE A 147 -25.60 -7.27 -51.27
N GLN A 148 -25.88 -8.24 -50.40
CA GLN A 148 -26.02 -9.63 -50.83
C GLN A 148 -27.28 -9.87 -51.67
N THR A 149 -28.38 -9.14 -51.47
CA THR A 149 -29.57 -9.26 -52.35
C THR A 149 -29.27 -8.80 -53.77
N LEU A 150 -28.65 -7.64 -53.94
CA LEU A 150 -28.32 -7.11 -55.26
C LEU A 150 -27.31 -8.00 -55.98
N ILE A 151 -26.20 -8.37 -55.34
CA ILE A 151 -25.17 -9.17 -56.00
C ILE A 151 -25.71 -10.57 -56.33
N ARG A 152 -26.55 -11.18 -55.49
CA ARG A 152 -27.13 -12.50 -55.77
C ARG A 152 -28.16 -12.44 -56.90
N THR A 153 -28.96 -11.38 -56.98
CA THR A 153 -29.89 -11.17 -58.10
C THR A 153 -29.14 -10.97 -59.42
N LEU A 154 -28.07 -10.18 -59.41
CA LEU A 154 -27.19 -9.96 -60.56
C LEU A 154 -26.46 -11.24 -60.99
N LEU A 155 -25.94 -12.02 -60.05
CA LEU A 155 -25.25 -13.29 -60.31
C LEU A 155 -26.18 -14.36 -60.89
N GLN A 156 -27.47 -14.32 -60.56
CA GLN A 156 -28.50 -15.19 -61.15
C GLN A 156 -28.76 -14.87 -62.64
N GLY A 157 -28.30 -13.73 -63.14
CA GLY A 157 -28.30 -13.37 -64.57
C GLY A 157 -29.21 -12.20 -64.96
N ASP A 158 -29.99 -11.62 -64.05
CA ASP A 158 -30.82 -10.44 -64.33
C ASP A 158 -30.00 -9.13 -64.35
N ASN A 159 -30.00 -8.40 -65.46
CA ASN A 159 -29.31 -7.10 -65.60
C ASN A 159 -30.22 -5.87 -65.48
N SER A 160 -31.50 -6.03 -65.11
CA SER A 160 -32.53 -4.96 -65.18
C SER A 160 -32.28 -3.73 -64.30
N ASN A 161 -31.33 -3.76 -63.37
CA ASN A 161 -30.92 -2.63 -62.54
C ASN A 161 -29.38 -2.58 -62.32
N LEU A 162 -28.61 -2.96 -63.34
CA LEU A 162 -27.14 -3.04 -63.28
C LEU A 162 -26.51 -1.71 -62.85
N ALA A 163 -26.91 -0.59 -63.45
CA ALA A 163 -26.34 0.72 -63.15
C ALA A 163 -26.58 1.13 -61.69
N TYR A 164 -27.82 1.01 -61.21
CA TYR A 164 -28.15 1.23 -59.80
C TYR A 164 -27.34 0.32 -58.86
N SER A 165 -27.15 -0.95 -59.23
CA SER A 165 -26.33 -1.87 -58.45
C SER A 165 -24.90 -1.38 -58.31
N CYS A 166 -24.29 -0.87 -59.39
CA CYS A 166 -22.93 -0.33 -59.34
C CYS A 166 -22.82 0.92 -58.46
N LEU A 167 -23.79 1.85 -58.54
CA LEU A 167 -23.83 3.02 -57.66
C LEU A 167 -23.97 2.62 -56.19
N PHE A 168 -24.73 1.56 -55.88
CA PHE A 168 -24.79 1.00 -54.54
C PHE A 168 -23.46 0.37 -54.11
N PHE A 169 -22.86 -0.50 -54.92
CA PHE A 169 -21.60 -1.16 -54.55
C PHE A 169 -20.47 -0.16 -54.29
N ILE A 170 -20.34 0.90 -55.09
CA ILE A 170 -19.33 1.94 -54.84
C ILE A 170 -19.65 2.71 -53.55
N SER A 171 -20.92 3.07 -53.31
CA SER A 171 -21.32 3.75 -52.08
C SER A 171 -21.08 2.90 -50.83
N TYR A 172 -21.21 1.57 -50.92
CA TYR A 172 -20.90 0.68 -49.81
C TYR A 172 -19.39 0.61 -49.53
N GLY A 173 -18.57 0.50 -50.58
CA GLY A 173 -17.11 0.48 -50.46
C GLY A 173 -16.53 1.74 -49.83
N PHE A 174 -16.96 2.93 -50.26
CA PHE A 174 -16.48 4.19 -49.69
C PHE A 174 -16.87 4.38 -48.22
N GLN A 175 -18.02 3.89 -47.76
CA GLN A 175 -18.36 3.97 -46.34
C GLN A 175 -17.42 3.14 -45.46
N ILE A 176 -17.05 1.92 -45.90
CA ILE A 176 -16.06 1.11 -45.18
C ILE A 176 -14.72 1.83 -45.11
N LEU A 177 -14.32 2.52 -46.18
CA LEU A 177 -13.08 3.28 -46.22
C LEU A 177 -13.12 4.54 -45.33
N ILE A 178 -14.24 5.25 -45.28
CA ILE A 178 -14.42 6.39 -44.36
C ILE A 178 -14.36 5.92 -42.90
N LEU A 179 -14.94 4.76 -42.56
CA LEU A 179 -14.84 4.20 -41.21
C LEU A 179 -13.39 3.88 -40.85
N ILE A 180 -12.58 3.36 -41.78
CA ILE A 180 -11.15 3.13 -41.53
C ILE A 180 -10.41 4.44 -41.25
N PHE A 181 -10.61 5.49 -42.05
CA PHE A 181 -9.99 6.79 -41.77
C PHE A 181 -10.45 7.38 -40.44
N SER A 182 -11.72 7.17 -40.08
CA SER A 182 -12.31 7.61 -38.82
C SER A 182 -11.76 6.88 -37.58
N ALA A 183 -10.89 5.88 -37.72
CA ALA A 183 -10.31 5.17 -36.58
C ALA A 183 -9.08 5.87 -35.96
N PHE A 184 -8.30 6.64 -36.74
CA PHE A 184 -7.04 7.23 -36.30
C PHE A 184 -7.21 8.43 -35.35
N SER A 185 -6.18 8.73 -34.57
CA SER A 185 -6.23 9.72 -33.49
C SER A 185 -6.14 11.18 -33.95
N GLU A 186 -5.53 11.46 -35.11
CA GLU A 186 -5.47 12.81 -35.73
C GLU A 186 -5.02 13.90 -34.73
N ASN A 187 -3.84 13.69 -34.15
CA ASN A 187 -3.40 14.34 -32.91
C ASN A 187 -3.36 15.89 -32.96
N ASN A 188 -3.69 16.54 -31.83
CA ASN A 188 -3.21 17.89 -31.49
C ASN A 188 -1.71 17.93 -31.12
N GLU A 189 -1.07 16.76 -30.98
CA GLU A 189 0.29 16.54 -30.47
C GLU A 189 0.53 17.09 -29.05
N SER A 190 -0.51 17.11 -28.20
CA SER A 190 -0.36 17.39 -26.77
C SER A 190 0.34 16.22 -26.06
N SER A 191 1.45 16.51 -25.38
CA SER A 191 2.31 15.51 -24.72
C SER A 191 1.82 15.07 -23.33
N ASN A 192 0.73 15.66 -22.83
CA ASN A 192 0.16 15.40 -21.51
C ASN A 192 -0.30 13.93 -21.33
N ASN A 193 -1.23 13.45 -22.16
CA ASN A 193 -1.75 12.09 -22.14
C ASN A 193 -2.53 11.81 -23.44
N PRO A 194 -2.29 10.69 -24.15
CA PRO A 194 -3.03 10.34 -25.36
C PRO A 194 -4.53 10.14 -25.18
N SER A 195 -5.00 9.75 -23.99
CA SER A 195 -6.41 9.41 -23.76
C SER A 195 -7.38 10.56 -23.99
N SER A 196 -6.95 11.82 -23.91
CA SER A 196 -7.81 12.98 -24.20
C SER A 196 -8.07 13.16 -25.70
N ILE A 197 -7.13 12.78 -26.56
CA ILE A 197 -7.21 12.99 -28.02
C ILE A 197 -7.64 11.74 -28.79
N ALA A 198 -7.56 10.54 -28.19
CA ALA A 198 -7.84 9.28 -28.87
C ALA A 198 -9.26 9.19 -29.46
N SER A 199 -9.40 8.57 -30.63
CA SER A 199 -10.69 8.33 -31.29
C SER A 199 -11.60 7.41 -30.49
N PHE A 200 -12.89 7.35 -30.81
CA PHE A 200 -13.83 6.44 -30.15
C PHE A 200 -13.42 4.97 -30.23
N LEU A 201 -13.01 4.48 -31.41
CA LEU A 201 -12.60 3.08 -31.57
C LEU A 201 -11.31 2.77 -30.79
N SER A 202 -10.36 3.70 -30.80
CA SER A 202 -9.13 3.50 -29.99
C SER A 202 -9.46 3.52 -28.51
N SER A 203 -10.48 4.30 -28.12
CA SER A 203 -10.82 4.44 -26.68
C SER A 203 -11.46 3.15 -26.15
N ILE A 204 -12.42 2.60 -26.87
CA ILE A 204 -13.16 1.39 -26.39
C ILE A 204 -12.20 0.18 -26.42
N THR A 205 -11.16 0.24 -27.24
CA THR A 205 -10.20 -0.90 -27.36
C THR A 205 -8.92 -0.58 -26.59
N TYR A 206 -8.85 0.59 -25.95
CA TYR A 206 -7.67 0.96 -25.13
C TYR A 206 -6.39 0.78 -25.96
N SER A 207 -6.44 1.15 -27.25
CA SER A 207 -5.27 0.97 -28.14
C SER A 207 -4.36 2.18 -28.07
N TRP A 208 -4.62 3.10 -27.15
CA TRP A 208 -3.76 4.30 -26.96
C TRP A 208 -2.72 4.01 -25.87
N TYR A 209 -2.77 2.81 -25.28
CA TYR A 209 -1.84 2.46 -24.18
C TYR A 209 -0.65 1.67 -24.76
N ASP A 210 -0.80 1.13 -25.97
CA ASP A 210 0.27 0.29 -26.57
C ASP A 210 1.60 1.05 -26.50
N SER A 211 1.54 2.38 -26.48
CA SER A 211 2.75 3.20 -26.37
C SER A 211 3.54 2.92 -25.09
N ILE A 212 2.87 2.68 -23.95
CA ILE A 212 3.53 2.26 -22.71
C ILE A 212 3.94 0.78 -22.78
N ILE A 213 3.08 -0.10 -23.30
CA ILE A 213 3.38 -1.52 -23.40
C ILE A 213 4.66 -1.79 -24.20
N LEU A 214 4.85 -1.11 -25.34
CA LEU A 214 6.06 -1.22 -26.15
C LEU A 214 7.29 -0.54 -25.53
N LYS A 215 7.11 0.38 -24.58
CA LYS A 215 8.18 1.09 -23.86
C LYS A 215 8.68 0.27 -22.69
N GLY A 216 7.78 -0.27 -21.87
CA GLY A 216 8.09 -1.08 -20.70
C GLY A 216 8.63 -2.48 -21.02
N TYR A 217 8.43 -2.97 -22.25
CA TYR A 217 9.00 -4.25 -22.70
C TYR A 217 10.51 -4.17 -22.96
N LYS A 218 10.98 -3.15 -23.67
CA LYS A 218 12.39 -3.05 -24.13
C LYS A 218 13.39 -2.52 -23.09
N ARG A 219 12.88 -1.88 -22.04
CA ARG A 219 13.77 -1.34 -20.98
C ARG A 219 12.97 -1.07 -19.71
N PRO A 220 13.59 -0.95 -18.51
CA PRO A 220 12.88 -0.57 -17.31
C PRO A 220 12.22 0.80 -17.47
N LEU A 221 11.04 0.98 -16.87
CA LEU A 221 10.32 2.26 -16.86
C LEU A 221 10.31 2.88 -15.46
N THR A 222 10.10 4.19 -15.40
CA THR A 222 10.23 5.01 -14.18
C THR A 222 9.16 6.10 -14.12
N LEU A 223 9.03 6.81 -12.99
CA LEU A 223 7.94 7.76 -12.74
C LEU A 223 7.83 8.89 -13.78
N GLU A 224 8.87 9.16 -14.56
CA GLU A 224 8.84 10.12 -15.67
C GLU A 224 8.14 9.57 -16.93
N ASP A 225 8.06 8.25 -17.09
CA ASP A 225 7.38 7.61 -18.23
C ASP A 225 5.86 7.52 -18.05
N VAL A 226 5.37 7.50 -16.82
CA VAL A 226 3.95 7.36 -16.49
C VAL A 226 3.21 8.69 -16.73
N TRP A 227 2.12 8.68 -17.49
CA TRP A 227 1.35 9.90 -17.80
C TRP A 227 0.80 10.55 -16.52
N GLU A 228 0.84 11.88 -16.43
CA GLU A 228 0.24 12.59 -15.30
C GLU A 228 -1.29 12.46 -15.32
N VAL A 229 -1.94 12.39 -14.15
CA VAL A 229 -3.39 12.12 -14.05
C VAL A 229 -4.24 13.30 -14.53
N ASP A 230 -5.47 13.04 -14.99
CA ASP A 230 -6.37 14.05 -15.54
C ASP A 230 -6.82 15.10 -14.50
N GLU A 231 -7.13 16.32 -14.94
CA GLU A 231 -7.34 17.47 -14.05
C GLU A 231 -8.58 17.32 -13.16
N GLU A 232 -9.60 16.58 -13.63
CA GLU A 232 -10.80 16.20 -12.86
C GLU A 232 -10.48 15.33 -11.64
N MET A 233 -9.29 14.75 -11.59
CA MET A 233 -8.89 13.70 -10.65
C MET A 233 -7.72 14.13 -9.74
N LYS A 234 -7.14 15.32 -9.95
CA LYS A 234 -6.12 15.92 -9.06
C LYS A 234 -6.65 16.14 -7.65
N THR A 235 -5.80 16.06 -6.63
CA THR A 235 -6.24 16.17 -5.23
C THR A 235 -6.95 17.49 -4.91
N LYS A 236 -6.45 18.64 -5.36
CA LYS A 236 -7.13 19.95 -5.19
C LYS A 236 -8.53 19.98 -5.80
N THR A 237 -8.70 19.40 -6.99
CA THR A 237 -10.00 19.31 -7.65
C THR A 237 -10.98 18.47 -6.84
N LEU A 238 -10.57 17.30 -6.35
CA LEU A 238 -11.47 16.41 -5.60
C LEU A 238 -11.85 16.97 -4.24
N VAL A 239 -10.89 17.49 -3.47
CA VAL A 239 -11.17 17.98 -2.12
C VAL A 239 -12.10 19.19 -2.15
N SER A 240 -11.91 20.12 -3.10
CA SER A 240 -12.79 21.30 -3.19
C SER A 240 -14.23 20.95 -3.59
N LYS A 241 -14.48 19.89 -4.36
CA LYS A 241 -15.84 19.35 -4.53
C LYS A 241 -16.36 18.68 -3.27
N PHE A 242 -15.61 17.74 -2.70
CA PHE A 242 -16.06 16.95 -1.56
C PHE A 242 -16.35 17.82 -0.33
N GLU A 243 -15.50 18.79 -0.02
CA GLU A 243 -15.68 19.65 1.16
C GLU A 243 -17.00 20.43 1.11
N THR A 244 -17.46 20.81 -0.07
CA THR A 244 -18.73 21.53 -0.25
C THR A 244 -19.92 20.72 0.26
N HIS A 245 -19.97 19.42 -0.06
CA HIS A 245 -21.02 18.51 0.44
C HIS A 245 -20.78 18.04 1.87
N MET A 246 -19.52 17.85 2.28
CA MET A 246 -19.17 17.50 3.65
C MET A 246 -19.68 18.55 4.64
N LYS A 247 -19.41 19.84 4.42
CA LYS A 247 -19.85 20.92 5.32
C LYS A 247 -21.38 21.00 5.42
N ARG A 248 -22.08 20.88 4.28
CA ARG A 248 -23.54 20.86 4.20
C ARG A 248 -24.15 19.73 5.04
N GLU A 249 -23.73 18.49 4.81
CA GLU A 249 -24.30 17.33 5.50
C GLU A 249 -23.86 17.22 6.97
N LEU A 250 -22.63 17.60 7.30
CA LEU A 250 -22.17 17.63 8.68
C LEU A 250 -22.96 18.67 9.49
N GLN A 251 -23.19 19.86 8.95
CA GLN A 251 -23.98 20.89 9.65
C GLN A 251 -25.43 20.44 9.86
N LYS A 252 -26.05 19.80 8.87
CA LYS A 252 -27.39 19.22 9.00
C LYS A 252 -27.44 18.15 10.09
N ALA A 253 -26.47 17.25 10.15
CA ALA A 253 -26.40 16.22 11.18
C ALA A 253 -26.14 16.80 12.57
N ARG A 254 -25.31 17.86 12.68
CA ARG A 254 -25.09 18.61 13.93
C ARG A 254 -26.40 19.22 14.45
N ARG A 255 -27.17 19.87 13.58
CA ARG A 255 -28.49 20.44 13.90
C ARG A 255 -29.49 19.37 14.32
N ALA A 256 -29.54 18.23 13.63
CA ALA A 256 -30.40 17.10 14.04
C ALA A 256 -30.02 16.54 15.43
N LEU A 257 -28.72 16.39 15.72
CA LEU A 257 -28.26 15.96 17.04
C LEU A 257 -28.59 16.97 18.16
N GLN A 258 -28.58 18.28 17.86
CA GLN A 258 -28.98 19.32 18.80
C GLN A 258 -30.51 19.46 18.98
N ARG A 259 -31.30 19.04 17.99
CA ARG A 259 -32.76 18.95 18.12
C ARG A 259 -33.18 17.69 18.91
N ARG A 260 -32.43 16.60 18.81
CA ARG A 260 -32.55 15.43 19.68
C ARG A 260 -32.04 15.72 21.12
N GLN A 261 -32.31 14.81 22.06
CA GLN A 261 -31.96 14.94 23.49
C GLN A 261 -32.51 16.21 24.18
N GLU A 262 -33.63 16.73 23.70
CA GLU A 262 -34.30 17.93 24.18
C GLU A 262 -35.82 17.86 24.00
N VAL A 305 -21.23 12.67 19.50
CA VAL A 305 -20.97 13.25 18.20
C VAL A 305 -22.09 12.96 17.19
N PRO A 306 -22.29 13.82 16.17
CA PRO A 306 -23.26 13.56 15.10
C PRO A 306 -22.76 12.43 14.17
N LYS A 307 -23.68 11.69 13.56
CA LYS A 307 -23.37 10.50 12.75
C LYS A 307 -24.38 10.25 11.63
N SER A 308 -24.03 9.37 10.69
CA SER A 308 -24.79 9.03 9.48
C SER A 308 -24.89 10.19 8.47
N TRP A 309 -23.74 10.77 8.13
CA TRP A 309 -23.60 11.88 7.17
C TRP A 309 -22.53 11.66 6.09
N LEU A 310 -21.54 10.78 6.30
CA LEU A 310 -20.43 10.60 5.36
C LEU A 310 -20.87 9.91 4.05
N MET A 311 -21.74 8.91 4.12
CA MET A 311 -22.27 8.24 2.91
C MET A 311 -23.11 9.19 2.06
N LYS A 312 -23.88 10.08 2.68
CA LYS A 312 -24.66 11.10 1.98
C LYS A 312 -23.75 12.10 1.27
N ALA A 313 -22.68 12.55 1.93
CA ALA A 313 -21.71 13.46 1.31
C ALA A 313 -20.98 12.82 0.12
N LEU A 314 -20.58 11.55 0.23
CA LEU A 314 -19.96 10.80 -0.87
C LEU A 314 -20.95 10.59 -2.03
N PHE A 315 -22.17 10.12 -1.77
CA PHE A 315 -23.16 9.89 -2.82
C PHE A 315 -23.45 11.17 -3.61
N LYS A 316 -23.74 12.29 -2.93
CA LYS A 316 -23.98 13.57 -3.62
C LYS A 316 -22.77 14.09 -4.38
N THR A 317 -21.55 13.77 -3.97
CA THR A 317 -20.34 14.18 -4.69
C THR A 317 -20.16 13.42 -6.01
N PHE A 318 -20.54 12.14 -6.06
CA PHE A 318 -20.20 11.23 -7.17
C PHE A 318 -21.38 10.62 -7.93
N TYR A 319 -22.63 10.99 -7.65
CA TYR A 319 -23.83 10.33 -8.20
C TYR A 319 -23.84 10.15 -9.74
N MET A 320 -23.27 11.10 -10.48
CA MET A 320 -23.24 11.01 -11.94
C MET A 320 -22.42 9.84 -12.47
N VAL A 321 -21.34 9.46 -11.77
CA VAL A 321 -20.54 8.28 -12.12
C VAL A 321 -21.33 6.99 -11.83
N LEU A 322 -22.19 6.99 -10.81
CA LEU A 322 -23.02 5.84 -10.47
C LEU A 322 -24.04 5.55 -11.56
N LEU A 323 -24.71 6.59 -12.09
CA LEU A 323 -25.69 6.44 -13.17
C LEU A 323 -25.06 5.89 -14.45
N LYS A 324 -23.92 6.44 -14.87
CA LYS A 324 -23.17 5.94 -16.04
C LYS A 324 -22.73 4.49 -15.87
N SER A 325 -22.31 4.09 -14.67
CA SER A 325 -21.92 2.71 -14.36
C SER A 325 -23.11 1.75 -14.33
N PHE A 326 -24.25 2.16 -13.78
CA PHE A 326 -25.46 1.35 -13.69
C PHE A 326 -25.98 0.95 -15.07
N LEU A 327 -26.06 1.90 -16.01
CA LEU A 327 -26.55 1.63 -17.36
C LEU A 327 -25.64 0.66 -18.13
N LEU A 328 -24.31 0.76 -18.01
CA LEU A 328 -23.38 -0.18 -18.64
C LEU A 328 -23.52 -1.58 -18.05
N LYS A 329 -23.63 -1.72 -16.72
CA LYS A 329 -23.79 -3.02 -16.06
C LYS A 329 -25.12 -3.69 -16.44
N LEU A 330 -26.20 -2.93 -16.56
CA LEU A 330 -27.50 -3.45 -16.97
C LEU A 330 -27.47 -4.02 -18.40
N VAL A 331 -26.77 -3.38 -19.35
CA VAL A 331 -26.60 -3.92 -20.71
C VAL A 331 -25.81 -5.23 -20.71
N ASN A 332 -24.72 -5.34 -19.95
CA ASN A 332 -24.03 -6.61 -19.76
C ASN A 332 -24.96 -7.70 -19.20
N ASP A 333 -25.74 -7.38 -18.17
CA ASP A 333 -26.65 -8.34 -17.55
C ASP A 333 -27.86 -8.72 -18.43
N ILE A 334 -28.12 -8.01 -19.54
CA ILE A 334 -29.01 -8.47 -20.62
C ILE A 334 -28.25 -9.37 -21.59
N PHE A 335 -27.11 -8.93 -22.13
CA PHE A 335 -26.36 -9.72 -23.12
C PHE A 335 -25.85 -11.06 -22.58
N THR A 336 -25.59 -11.19 -21.27
CA THR A 336 -25.10 -12.46 -20.72
C THR A 336 -26.08 -13.62 -20.90
N PHE A 337 -27.39 -13.34 -20.96
CA PHE A 337 -28.44 -14.35 -21.20
C PHE A 337 -28.78 -14.56 -22.68
N VAL A 338 -28.11 -13.91 -23.62
CA VAL A 338 -28.30 -14.17 -25.07
C VAL A 338 -27.59 -15.45 -25.49
N SER A 339 -26.36 -15.68 -25.06
CA SER A 339 -25.56 -16.84 -25.51
C SER A 339 -26.20 -18.21 -25.20
N PRO A 340 -26.80 -18.48 -24.03
CA PRO A 340 -27.55 -19.71 -23.79
C PRO A 340 -28.70 -19.95 -24.77
N GLN A 341 -29.36 -18.90 -25.29
CA GLN A 341 -30.45 -19.07 -26.25
C GLN A 341 -29.93 -19.40 -27.65
N LEU A 342 -28.85 -18.77 -28.09
CA LEU A 342 -28.18 -19.12 -29.36
C LEU A 342 -27.55 -20.52 -29.30
N LEU A 343 -27.05 -20.95 -28.14
CA LEU A 343 -26.60 -22.33 -27.93
C LEU A 343 -27.72 -23.34 -28.18
N LYS A 344 -28.93 -23.13 -27.65
CA LYS A 344 -30.06 -24.04 -27.91
C LYS A 344 -30.37 -24.16 -29.40
N LEU A 345 -30.35 -23.06 -30.16
CA LEU A 345 -30.58 -23.11 -31.60
C LEU A 345 -29.55 -23.98 -32.32
N LEU A 346 -28.26 -23.86 -32.00
CA LEU A 346 -27.23 -24.71 -32.62
C LEU A 346 -27.38 -26.19 -32.26
N ILE A 347 -27.79 -26.53 -31.03
CA ILE A 347 -28.08 -27.93 -30.67
C ILE A 347 -29.26 -28.47 -31.47
N SER A 348 -30.32 -27.68 -31.67
CA SER A 348 -31.44 -28.09 -32.53
C SER A 348 -31.04 -28.29 -33.99
N PHE A 349 -30.21 -27.40 -34.55
CA PHE A 349 -29.68 -27.48 -35.91
C PHE A 349 -28.83 -28.73 -36.16
N ALA A 350 -28.19 -29.28 -35.14
CA ALA A 350 -27.46 -30.55 -35.22
C ALA A 350 -28.34 -31.78 -34.94
N SER A 351 -29.53 -31.62 -34.35
CA SER A 351 -30.40 -32.72 -33.93
C SER A 351 -31.36 -33.23 -35.01
N ASP A 352 -31.51 -32.51 -36.11
CA ASP A 352 -32.13 -32.96 -37.35
C ASP A 352 -31.32 -32.44 -38.55
N ARG A 353 -31.54 -32.99 -39.75
CA ARG A 353 -30.67 -32.74 -40.91
C ARG A 353 -31.40 -32.20 -42.14
N ASP A 354 -32.59 -31.64 -41.95
CA ASP A 354 -33.35 -30.91 -42.97
C ASP A 354 -33.75 -29.47 -42.55
N THR A 355 -33.33 -29.01 -41.37
CA THR A 355 -33.22 -27.56 -41.07
C THR A 355 -32.26 -26.88 -42.04
N TYR A 356 -32.64 -25.71 -42.56
CA TYR A 356 -31.91 -25.02 -43.62
C TYR A 356 -30.50 -24.58 -43.22
N LEU A 357 -29.52 -24.77 -44.11
CA LEU A 357 -28.10 -24.55 -43.82
C LEU A 357 -27.78 -23.12 -43.38
N TRP A 358 -28.49 -22.11 -43.89
CA TRP A 358 -28.25 -20.72 -43.55
C TRP A 358 -28.54 -20.38 -42.08
N ILE A 359 -29.38 -21.17 -41.39
CA ILE A 359 -29.69 -20.97 -39.96
C ILE A 359 -28.45 -21.25 -39.09
N GLY A 360 -27.63 -22.25 -39.45
CA GLY A 360 -26.44 -22.60 -38.70
C GLY A 360 -25.38 -21.50 -38.76
N TYR A 361 -25.06 -21.01 -39.95
CA TYR A 361 -24.12 -19.90 -40.11
C TYR A 361 -24.60 -18.63 -39.42
N LEU A 362 -25.88 -18.29 -39.50
CA LEU A 362 -26.40 -17.09 -38.85
C LEU A 362 -26.24 -17.15 -37.32
N CYS A 363 -26.47 -18.30 -36.68
CA CYS A 363 -26.22 -18.44 -35.24
C CYS A 363 -24.75 -18.30 -34.87
N ALA A 364 -23.81 -18.80 -35.68
CA ALA A 364 -22.38 -18.62 -35.42
C ALA A 364 -21.97 -17.14 -35.48
N ILE A 365 -22.45 -16.38 -36.45
CA ILE A 365 -22.20 -14.93 -36.57
C ILE A 365 -22.79 -14.16 -35.38
N LEU A 366 -24.00 -14.49 -34.94
CA LEU A 366 -24.63 -13.83 -33.81
C LEU A 366 -23.94 -14.13 -32.49
N LEU A 367 -23.43 -15.35 -32.25
CA LEU A 367 -22.61 -15.66 -31.06
C LEU A 367 -21.39 -14.74 -30.96
N PHE A 368 -20.62 -14.63 -32.04
CA PHE A 368 -19.44 -13.77 -32.07
C PHE A 368 -19.79 -12.32 -31.78
N THR A 369 -20.86 -11.83 -32.39
CA THR A 369 -21.32 -10.43 -32.29
C THR A 369 -21.82 -10.10 -30.89
N ALA A 370 -22.63 -10.95 -30.27
CA ALA A 370 -23.14 -10.73 -28.92
C ALA A 370 -22.00 -10.71 -27.89
N ALA A 371 -21.04 -11.62 -27.99
CA ALA A 371 -19.88 -11.65 -27.09
C ALA A 371 -18.97 -10.44 -27.26
N LEU A 372 -18.79 -9.92 -28.47
CA LEU A 372 -18.01 -8.72 -28.75
C LEU A 372 -18.65 -7.48 -28.12
N ILE A 373 -19.95 -7.26 -28.33
CA ILE A 373 -20.68 -6.12 -27.74
C ILE A 373 -20.66 -6.18 -26.22
N GLN A 374 -20.80 -7.36 -25.62
CA GLN A 374 -20.72 -7.53 -24.18
C GLN A 374 -19.34 -7.17 -23.63
N SER A 375 -18.26 -7.60 -24.29
CA SER A 375 -16.89 -7.31 -23.86
C SER A 375 -16.60 -5.81 -23.81
N PHE A 376 -16.99 -5.04 -24.83
CA PHE A 376 -16.80 -3.59 -24.82
C PHE A 376 -17.59 -2.91 -23.69
N CYS A 377 -18.81 -3.33 -23.38
CA CYS A 377 -19.57 -2.77 -22.26
C CYS A 377 -18.94 -3.09 -20.91
N LEU A 378 -18.52 -4.33 -20.70
CA LEU A 378 -18.00 -4.77 -19.41
C LEU A 378 -16.70 -4.05 -19.04
N GLN A 379 -15.78 -3.93 -20.00
CA GLN A 379 -14.47 -3.31 -19.71
C GLN A 379 -14.65 -1.80 -19.44
N CYS A 380 -15.68 -1.18 -20.00
CA CYS A 380 -15.96 0.25 -19.70
C CYS A 380 -16.50 0.35 -18.27
N TYR A 381 -17.51 -0.45 -17.94
CA TYR A 381 -18.02 -0.48 -16.57
C TYR A 381 -16.88 -0.59 -15.56
N PHE A 382 -15.92 -1.50 -15.75
CA PHE A 382 -14.78 -1.61 -14.85
C PHE A 382 -13.89 -0.36 -14.85
N GLN A 383 -13.70 0.28 -16.00
CA GLN A 383 -12.93 1.55 -15.98
C GLN A 383 -13.60 2.54 -15.02
N LEU A 384 -14.91 2.78 -15.17
CA LEU A 384 -15.59 3.70 -14.28
C LEU A 384 -15.52 3.28 -12.80
N CYS A 385 -15.76 2.02 -12.49
CA CYS A 385 -15.80 1.55 -11.10
C CYS A 385 -14.45 1.64 -10.40
N PHE A 386 -13.38 1.15 -11.01
CA PHE A 386 -12.06 1.21 -10.39
C PHE A 386 -11.51 2.63 -10.35
N LYS A 387 -11.82 3.50 -11.31
CA LYS A 387 -11.48 4.93 -11.21
C LYS A 387 -12.22 5.60 -10.06
N LEU A 388 -13.51 5.35 -9.87
CA LEU A 388 -14.28 5.90 -8.75
C LEU A 388 -13.71 5.47 -7.39
N GLY A 389 -13.31 4.22 -7.23
CA GLY A 389 -12.71 3.76 -5.97
C GLY A 389 -11.44 4.53 -5.61
N VAL A 390 -10.58 4.84 -6.59
CA VAL A 390 -9.41 5.69 -6.38
C VAL A 390 -9.82 7.12 -6.02
N LYS A 391 -10.81 7.72 -6.69
CA LYS A 391 -11.29 9.06 -6.36
C LYS A 391 -11.85 9.16 -4.95
N VAL A 392 -12.58 8.15 -4.46
CA VAL A 392 -13.07 8.11 -3.08
C VAL A 392 -11.92 8.03 -2.08
N ARG A 393 -10.94 7.18 -2.33
CA ARG A 393 -9.76 7.11 -1.43
C ARG A 393 -9.12 8.50 -1.32
N THR A 394 -8.76 9.11 -2.45
CA THR A 394 -8.12 10.43 -2.48
C THR A 394 -8.92 11.48 -1.73
N ALA A 395 -10.25 11.52 -1.89
CA ALA A 395 -11.08 12.49 -1.18
C ALA A 395 -11.04 12.30 0.35
N ILE A 396 -11.04 11.07 0.85
CA ILE A 396 -10.92 10.80 2.29
C ILE A 396 -9.51 11.09 2.81
N MET A 397 -8.44 10.59 2.17
CA MET A 397 -7.08 10.77 2.70
C MET A 397 -6.69 12.24 2.84
N ALA A 398 -6.97 13.05 1.83
CA ALA A 398 -6.67 14.47 1.87
C ALA A 398 -7.57 15.23 2.87
N SER A 399 -8.80 14.79 3.12
CA SER A 399 -9.67 15.38 4.14
C SER A 399 -9.22 15.04 5.57
N VAL A 400 -8.79 13.80 5.81
CA VAL A 400 -8.21 13.40 7.10
C VAL A 400 -6.93 14.17 7.38
N TYR A 401 -6.05 14.35 6.39
CA TYR A 401 -4.83 15.14 6.57
C TYR A 401 -5.14 16.59 6.94
N LYS A 402 -6.03 17.26 6.21
CA LYS A 402 -6.34 18.68 6.46
C LYS A 402 -7.05 18.90 7.80
N LYS A 403 -7.81 17.92 8.29
CA LYS A 403 -8.43 17.97 9.62
C LYS A 403 -7.39 17.89 10.74
N ALA A 404 -6.37 17.06 10.61
CA ALA A 404 -5.36 16.87 11.66
C ALA A 404 -4.63 18.15 12.05
N LEU A 405 -4.40 19.06 11.10
CA LEU A 405 -3.74 20.35 11.35
C LEU A 405 -4.56 21.31 12.22
N THR A 406 -5.86 21.09 12.40
CA THR A 406 -6.77 22.02 13.09
C THR A 406 -7.66 21.39 14.16
N LEU A 407 -7.53 20.08 14.42
CA LEU A 407 -8.28 19.35 15.43
C LEU A 407 -7.89 19.77 16.85
N SER A 408 -8.88 19.97 17.73
CA SER A 408 -8.72 20.34 19.13
C SER A 408 -7.85 19.37 19.94
N ASN A 409 -7.11 19.87 20.94
CA ASN A 409 -6.22 19.07 21.78
C ASN A 409 -6.97 17.99 22.59
N LEU A 410 -8.15 18.29 23.12
CA LEU A 410 -8.97 17.33 23.86
C LEU A 410 -9.40 16.16 22.98
N ALA A 411 -9.75 16.41 21.72
CA ALA A 411 -10.04 15.35 20.77
C ALA A 411 -8.78 14.57 20.37
N ARG A 412 -7.65 15.24 20.10
CA ARG A 412 -6.43 14.58 19.62
C ARG A 412 -5.81 13.60 20.62
N LYS A 413 -5.88 13.91 21.91
CA LYS A 413 -5.39 13.03 23.00
C LYS A 413 -6.10 11.68 23.05
N GLU A 414 -7.25 11.53 22.42
CA GLU A 414 -8.02 10.29 22.40
C GLU A 414 -7.41 9.18 21.51
N TYR A 415 -6.39 9.49 20.70
CA TYR A 415 -5.77 8.56 19.75
C TYR A 415 -4.25 8.47 19.95
N THR A 416 -3.64 7.30 19.76
CA THR A 416 -2.17 7.22 19.61
C THR A 416 -1.75 7.68 18.21
N VAL A 417 -0.47 8.00 17.98
CA VAL A 417 -0.02 8.40 16.64
C VAL A 417 -0.26 7.29 15.61
N GLY A 418 0.15 6.06 15.92
CA GLY A 418 -0.10 4.91 15.04
C GLY A 418 -1.59 4.62 14.81
N GLU A 419 -2.44 4.89 15.80
CA GLU A 419 -3.89 4.75 15.67
C GLU A 419 -4.51 5.83 14.77
N THR A 420 -4.00 7.07 14.76
CA THR A 420 -4.39 8.06 13.73
C THR A 420 -3.88 7.69 12.35
N VAL A 421 -2.66 7.15 12.20
CA VAL A 421 -2.15 6.75 10.88
C VAL A 421 -2.95 5.58 10.31
N ASN A 422 -3.39 4.64 11.14
CA ASN A 422 -4.28 3.55 10.73
C ASN A 422 -5.63 4.06 10.20
N LEU A 423 -6.09 5.25 10.58
CA LEU A 423 -7.30 5.87 10.04
C LEU A 423 -7.16 6.19 8.54
N MET A 424 -5.95 6.55 8.10
CA MET A 424 -5.63 6.78 6.69
C MET A 424 -5.21 5.49 5.97
N SER A 425 -4.47 4.61 6.64
CA SER A 425 -3.92 3.37 6.07
C SER A 425 -4.94 2.23 5.95
N VAL A 426 -5.87 2.08 6.89
CA VAL A 426 -6.86 0.99 6.93
C VAL A 426 -8.25 1.45 6.49
N ASP A 427 -8.84 2.44 7.15
CA ASP A 427 -10.25 2.78 6.94
C ASP A 427 -10.53 3.45 5.58
N ALA A 428 -9.65 4.32 5.08
CA ALA A 428 -9.79 4.84 3.72
C ALA A 428 -9.67 3.73 2.66
N GLN A 429 -8.77 2.78 2.86
CA GLN A 429 -8.62 1.63 1.97
C GLN A 429 -9.86 0.71 2.02
N LYS A 430 -10.48 0.50 3.19
CA LYS A 430 -11.71 -0.30 3.29
C LYS A 430 -12.86 0.32 2.49
N LEU A 431 -13.02 1.64 2.49
CA LEU A 431 -14.04 2.32 1.67
C LEU A 431 -13.72 2.23 0.17
N MET A 432 -12.45 2.23 -0.24
CA MET A 432 -12.06 1.94 -1.63
C MET A 432 -12.44 0.50 -2.01
N ASP A 433 -12.04 -0.48 -1.21
CA ASP A 433 -12.27 -1.91 -1.51
C ASP A 433 -13.76 -2.25 -1.68
N VAL A 434 -14.65 -1.59 -0.94
CA VAL A 434 -16.10 -1.74 -1.13
C VAL A 434 -16.60 -0.97 -2.36
N THR A 435 -16.14 0.25 -2.58
CA THR A 435 -16.61 1.08 -3.71
C THR A 435 -16.37 0.43 -5.07
N ASN A 436 -15.32 -0.38 -5.21
CA ASN A 436 -15.02 -1.10 -6.45
C ASN A 436 -16.13 -2.06 -6.91
N PHE A 437 -16.97 -2.58 -6.00
CA PHE A 437 -17.85 -3.73 -6.29
C PHE A 437 -19.31 -3.53 -5.89
N MET A 438 -19.71 -2.37 -5.38
CA MET A 438 -21.04 -2.17 -4.79
C MET A 438 -22.23 -2.43 -5.73
N HIS A 439 -22.09 -2.27 -7.05
CA HIS A 439 -23.16 -2.63 -8.00
C HIS A 439 -23.49 -4.13 -7.99
N MET A 440 -22.64 -4.99 -7.48
CA MET A 440 -22.95 -6.42 -7.35
C MET A 440 -24.09 -6.71 -6.38
N LEU A 441 -24.47 -5.78 -5.49
CA LEU A 441 -25.59 -5.99 -4.58
C LEU A 441 -26.93 -6.10 -5.31
N TRP A 442 -27.19 -5.27 -6.32
CA TRP A 442 -28.39 -5.40 -7.15
C TRP A 442 -28.16 -6.34 -8.35
N SER A 443 -26.98 -6.32 -8.96
CA SER A 443 -26.71 -7.14 -10.15
C SER A 443 -26.71 -8.64 -9.85
N SER A 444 -26.15 -9.09 -8.74
CA SER A 444 -26.14 -10.52 -8.43
C SER A 444 -27.55 -11.09 -8.24
N VAL A 445 -28.47 -10.32 -7.64
CA VAL A 445 -29.88 -10.69 -7.52
C VAL A 445 -30.55 -10.79 -8.87
N LEU A 446 -30.35 -9.82 -9.76
CA LEU A 446 -30.91 -9.87 -11.11
C LEU A 446 -30.41 -11.08 -11.90
N GLN A 447 -29.11 -11.38 -11.86
CA GLN A 447 -28.57 -12.56 -12.55
C GLN A 447 -29.12 -13.88 -11.98
N ILE A 448 -29.35 -13.97 -10.67
CA ILE A 448 -29.95 -15.17 -10.05
C ILE A 448 -31.40 -15.34 -10.50
N VAL A 449 -32.22 -14.29 -10.43
CA VAL A 449 -33.63 -14.36 -10.83
C VAL A 449 -33.80 -14.72 -12.29
N LEU A 450 -33.02 -14.12 -13.19
CA LEU A 450 -33.07 -14.48 -14.61
C LEU A 450 -32.61 -15.91 -14.86
N SER A 451 -31.57 -16.39 -14.15
CA SER A 451 -31.13 -17.78 -14.29
C SER A 451 -32.19 -18.77 -13.86
N ILE A 452 -32.89 -18.52 -12.74
CA ILE A 452 -33.99 -19.39 -12.29
C ILE A 452 -35.15 -19.37 -13.28
N PHE A 453 -35.49 -18.23 -13.87
CA PHE A 453 -36.50 -18.14 -14.92
C PHE A 453 -36.13 -18.97 -16.16
N PHE A 454 -34.94 -18.79 -16.72
CA PHE A 454 -34.52 -19.56 -17.89
C PHE A 454 -34.29 -21.05 -17.58
N LEU A 455 -34.09 -21.45 -16.33
CA LEU A 455 -34.10 -22.86 -15.93
C LEU A 455 -35.52 -23.43 -15.82
N TRP A 456 -36.44 -22.73 -15.17
CA TRP A 456 -37.83 -23.26 -15.12
C TRP A 456 -38.31 -23.55 -16.54
N ARG A 457 -37.84 -22.78 -17.53
CA ARG A 457 -38.31 -22.94 -18.92
C ARG A 457 -37.76 -24.25 -19.50
N GLU A 458 -36.70 -24.79 -18.91
CA GLU A 458 -36.06 -26.00 -19.48
C GLU A 458 -36.46 -27.25 -18.68
N LEU A 459 -36.71 -27.10 -17.38
CA LEU A 459 -36.97 -28.28 -16.56
C LEU A 459 -38.26 -28.19 -15.72
N GLY A 460 -39.10 -27.18 -15.93
CA GLY A 460 -40.37 -27.06 -15.22
C GLY A 460 -40.20 -26.83 -13.71
N PRO A 461 -41.04 -27.43 -12.85
CA PRO A 461 -41.03 -27.19 -11.41
C PRO A 461 -39.88 -27.88 -10.68
N SER A 462 -39.12 -28.77 -11.33
CA SER A 462 -38.01 -29.49 -10.69
C SER A 462 -36.87 -28.57 -10.28
N VAL A 463 -36.79 -27.36 -10.84
CA VAL A 463 -35.76 -26.35 -10.50
C VAL A 463 -35.80 -25.95 -9.03
N LEU A 464 -36.94 -26.09 -8.35
CA LEU A 464 -37.03 -25.84 -6.91
C LEU A 464 -36.10 -26.74 -6.08
N ALA A 465 -35.73 -27.92 -6.57
CA ALA A 465 -34.72 -28.76 -5.93
C ALA A 465 -33.33 -28.11 -5.98
N GLY A 466 -33.02 -27.39 -7.05
CA GLY A 466 -31.78 -26.60 -7.16
C GLY A 466 -31.83 -25.33 -6.33
N VAL A 467 -32.96 -24.62 -6.30
CA VAL A 467 -33.15 -23.45 -5.42
C VAL A 467 -32.97 -23.83 -3.95
N GLY A 468 -33.42 -25.01 -3.53
CA GLY A 468 -33.16 -25.54 -2.20
C GLY A 468 -31.67 -25.67 -1.84
N VAL A 469 -30.79 -25.91 -2.81
CA VAL A 469 -29.34 -25.87 -2.56
C VAL A 469 -28.85 -24.42 -2.48
N MET A 470 -29.29 -23.55 -3.40
CA MET A 470 -28.85 -22.16 -3.45
C MET A 470 -29.20 -21.37 -2.18
N VAL A 471 -30.37 -21.57 -1.59
CA VAL A 471 -30.71 -20.91 -0.30
C VAL A 471 -29.95 -21.47 0.90
N LEU A 472 -29.39 -22.69 0.83
CA LEU A 472 -28.60 -23.27 1.90
C LEU A 472 -27.15 -22.75 1.90
N VAL A 473 -26.51 -22.57 0.75
CA VAL A 473 -25.10 -22.17 0.71
C VAL A 473 -24.86 -20.69 1.03
N ILE A 474 -25.79 -19.78 0.70
CA ILE A 474 -25.59 -18.34 0.93
C ILE A 474 -25.39 -17.99 2.42
N PRO A 475 -26.26 -18.42 3.36
CA PRO A 475 -26.02 -18.25 4.80
C PRO A 475 -24.68 -18.82 5.27
N ILE A 476 -24.32 -20.02 4.83
CA ILE A 476 -23.09 -20.69 5.25
C ILE A 476 -21.86 -19.87 4.86
N ASN A 477 -21.80 -19.37 3.63
CA ASN A 477 -20.69 -18.53 3.21
C ASN A 477 -20.62 -17.19 3.97
N ALA A 478 -21.75 -16.57 4.31
CA ALA A 478 -21.75 -15.35 5.12
C ALA A 478 -21.23 -15.60 6.55
N ILE A 479 -21.56 -16.73 7.15
CA ILE A 479 -21.06 -17.11 8.48
C ILE A 479 -19.56 -17.40 8.43
N LEU A 480 -19.08 -18.24 7.52
CA LEU A 480 -17.66 -18.56 7.40
C LEU A 480 -16.80 -17.33 7.02
N SER A 481 -17.33 -16.43 6.20
CA SER A 481 -16.68 -15.17 5.85
C SER A 481 -16.59 -14.21 7.03
N THR A 482 -17.66 -14.01 7.81
CA THR A 482 -17.58 -13.15 9.00
C THR A 482 -16.72 -13.75 10.12
N LYS A 483 -16.72 -15.07 10.30
CA LYS A 483 -15.80 -15.75 11.24
C LYS A 483 -14.34 -15.57 10.84
N SER A 484 -13.98 -15.84 9.59
CA SER A 484 -12.60 -15.67 9.15
C SER A 484 -12.12 -14.22 9.20
N LYS A 485 -12.96 -13.24 8.85
CA LYS A 485 -12.63 -11.81 9.07
C LYS A 485 -12.40 -11.48 10.54
N THR A 486 -13.17 -12.09 11.45
CA THR A 486 -12.99 -11.91 12.89
C THR A 486 -11.65 -12.46 13.38
N ILE A 487 -11.23 -13.65 12.92
CA ILE A 487 -9.91 -14.21 13.25
C ILE A 487 -8.80 -13.31 12.73
N GLN A 488 -8.90 -12.81 11.50
CA GLN A 488 -7.90 -11.94 10.90
C GLN A 488 -7.69 -10.65 11.69
N VAL A 489 -8.76 -9.99 12.13
CA VAL A 489 -8.67 -8.77 12.94
C VAL A 489 -8.08 -9.03 14.32
N LYS A 490 -8.49 -10.10 15.02
CA LYS A 490 -7.89 -10.44 16.32
C LYS A 490 -6.39 -10.74 16.20
N ASN A 491 -5.96 -11.41 15.13
CA ASN A 491 -4.55 -11.74 14.91
C ASN A 491 -3.66 -10.52 14.63
N MET A 492 -4.23 -9.39 14.18
CA MET A 492 -3.47 -8.19 13.86
C MET A 492 -2.69 -7.63 15.07
N LYS A 493 -3.22 -7.85 16.28
CA LYS A 493 -2.58 -7.43 17.53
C LYS A 493 -1.25 -8.15 17.79
N ASN A 494 -1.19 -9.44 17.44
CA ASN A 494 0.04 -10.23 17.70
C ASN A 494 1.18 -9.70 16.84
N LYS A 495 0.88 -9.34 15.58
CA LYS A 495 1.92 -8.84 14.65
C LYS A 495 2.53 -7.57 15.23
N ASP A 496 1.69 -6.66 15.72
CA ASP A 496 2.19 -5.36 16.26
C ASP A 496 3.12 -5.63 17.45
N LYS A 497 2.74 -6.57 18.32
CA LYS A 497 3.58 -6.89 19.50
C LYS A 497 4.95 -7.39 19.02
N ARG A 498 4.97 -8.31 18.05
CA ARG A 498 6.25 -8.88 17.56
C ARG A 498 7.09 -7.77 16.93
N LEU A 499 6.49 -6.92 16.10
CA LEU A 499 7.25 -5.87 15.39
C LEU A 499 7.86 -4.89 16.39
N LYS A 500 7.11 -4.54 17.45
CA LYS A 500 7.61 -3.57 18.45
C LYS A 500 8.82 -4.17 19.16
N ILE A 501 8.75 -5.45 19.53
CA ILE A 501 9.89 -6.13 20.21
C ILE A 501 11.09 -6.13 19.26
N MET A 502 10.86 -6.42 17.98
CA MET A 502 11.97 -6.49 16.99
C MET A 502 12.66 -5.12 16.95
N ASN A 503 11.89 -4.05 16.77
CA ASN A 503 12.50 -2.72 16.67
C ASN A 503 13.43 -2.40 17.86
N GLU A 504 13.09 -2.84 19.08
CA GLU A 504 13.96 -2.71 20.25
C GLU A 504 15.15 -3.68 20.20
N ILE A 505 14.98 -4.92 19.72
CA ILE A 505 16.09 -5.87 19.52
C ILE A 505 17.14 -5.31 18.55
N LEU A 506 16.73 -4.83 17.38
CA LEU A 506 17.65 -4.30 16.37
C LEU A 506 18.30 -2.98 16.80
N SER A 507 17.59 -2.14 17.55
CA SER A 507 18.16 -0.91 18.12
C SER A 507 19.17 -1.20 19.23
N GLY A 508 18.92 -2.20 20.08
CA GLY A 508 19.76 -2.59 21.21
C GLY A 508 20.81 -3.67 20.93
N ILE A 509 21.08 -4.03 19.67
CA ILE A 509 21.82 -5.24 19.34
C ILE A 509 23.23 -5.28 19.94
N LYS A 510 23.88 -4.13 20.13
CA LYS A 510 25.21 -4.04 20.75
C LYS A 510 25.19 -4.52 22.20
N ILE A 511 24.15 -4.17 22.96
CA ILE A 511 23.96 -4.59 24.35
C ILE A 511 23.60 -6.08 24.39
N LEU A 512 22.76 -6.58 23.48
CA LEU A 512 22.48 -8.02 23.39
C LEU A 512 23.77 -8.82 23.17
N LYS A 513 24.69 -8.34 22.31
CA LYS A 513 26.01 -8.94 22.13
C LYS A 513 26.88 -8.84 23.38
N TYR A 514 27.02 -7.67 24.01
CA TYR A 514 27.84 -7.52 25.21
C TYR A 514 27.42 -8.45 26.36
N PHE A 515 26.13 -8.52 26.66
CA PHE A 515 25.62 -9.33 27.78
C PHE A 515 25.35 -10.80 27.40
N ALA A 516 25.57 -11.21 26.14
CA ALA A 516 25.24 -12.54 25.62
C ALA A 516 23.75 -12.92 25.79
N TRP A 517 22.84 -11.99 25.50
CA TRP A 517 21.40 -12.13 25.71
C TRP A 517 20.61 -12.55 24.47
N GLU A 518 21.23 -12.84 23.33
CA GLU A 518 20.49 -13.20 22.12
C GLU A 518 19.52 -14.39 22.31
N PRO A 519 19.86 -15.48 23.03
CA PRO A 519 18.94 -16.58 23.27
C PRO A 519 17.64 -16.18 23.96
N SER A 520 17.67 -15.23 24.90
CA SER A 520 16.46 -14.80 25.62
C SER A 520 15.51 -14.06 24.70
N PHE A 521 16.02 -13.14 23.88
CA PHE A 521 15.20 -12.38 22.94
C PHE A 521 14.76 -13.22 21.73
N ARG A 522 15.56 -14.20 21.30
CA ARG A 522 15.16 -15.19 20.30
C ARG A 522 13.93 -15.97 20.76
N ASP A 523 13.97 -16.55 21.97
CA ASP A 523 12.83 -17.30 22.51
C ASP A 523 11.58 -16.41 22.71
N GLN A 524 11.76 -15.16 23.12
CA GLN A 524 10.63 -14.23 23.29
C GLN A 524 9.87 -13.97 21.98
N VAL A 525 10.60 -13.76 20.88
CA VAL A 525 9.93 -13.54 19.56
C VAL A 525 9.26 -14.83 19.11
N GLN A 526 9.94 -15.97 19.25
CA GLN A 526 9.40 -17.26 18.74
C GLN A 526 8.03 -17.54 19.36
N ASN A 527 7.86 -17.26 20.66
CA ASN A 527 6.59 -17.58 21.35
C ASN A 527 5.44 -16.80 20.69
N LEU A 528 5.65 -15.50 20.45
CA LEU A 528 4.59 -14.64 19.85
C LEU A 528 4.31 -15.10 18.42
N ARG A 529 5.31 -15.67 17.74
CA ARG A 529 5.09 -16.18 16.37
C ARG A 529 4.20 -17.42 16.45
N LYS A 530 4.46 -18.30 17.42
CA LYS A 530 3.67 -19.56 17.52
C LYS A 530 2.17 -19.23 17.62
N LYS A 531 1.80 -18.27 18.48
CA LYS A 531 0.37 -17.96 18.67
C LYS A 531 -0.18 -17.29 17.40
N GLU A 532 0.69 -16.60 16.65
CA GLU A 532 0.25 -15.95 15.39
C GLU A 532 0.01 -17.02 14.32
N LEU A 533 0.83 -18.08 14.32
CA LEU A 533 0.68 -19.16 13.32
C LEU A 533 -0.59 -19.97 13.64
N LYS A 534 -0.89 -20.18 14.92
CA LYS A 534 -2.13 -20.88 15.31
C LYS A 534 -3.36 -20.17 14.75
N ASN A 535 -3.44 -18.84 14.85
CA ASN A 535 -4.50 -18.08 14.20
C ASN A 535 -4.45 -18.19 12.67
N LEU A 536 -3.25 -18.12 12.08
CA LEU A 536 -3.09 -18.20 10.63
C LEU A 536 -3.58 -19.53 10.05
N LEU A 537 -3.37 -20.64 10.76
CA LEU A 537 -3.88 -21.94 10.33
C LEU A 537 -5.41 -21.97 10.36
N ALA A 538 -6.05 -21.48 11.42
CA ALA A 538 -7.51 -21.40 11.51
C ALA A 538 -8.12 -20.52 10.41
N PHE A 539 -7.54 -19.35 10.14
CA PHE A 539 -7.96 -18.51 9.02
C PHE A 539 -7.79 -19.23 7.68
N SER A 540 -6.66 -19.91 7.46
CA SER A 540 -6.41 -20.64 6.21
C SER A 540 -7.39 -21.78 6.00
N GLN A 541 -7.76 -22.52 7.05
CA GLN A 541 -8.74 -23.59 6.96
C GLN A 541 -10.14 -23.06 6.65
N LEU A 542 -10.59 -21.97 7.27
CA LEU A 542 -11.87 -21.34 6.92
C LEU A 542 -11.88 -20.84 5.47
N GLN A 543 -10.81 -20.21 4.99
CA GLN A 543 -10.73 -19.81 3.59
C GLN A 543 -10.77 -21.00 2.63
N CYS A 544 -10.13 -22.13 2.95
CA CYS A 544 -10.14 -23.27 2.03
C CYS A 544 -11.53 -23.91 1.89
N VAL A 545 -12.34 -23.95 2.94
CA VAL A 545 -13.71 -24.49 2.85
C VAL A 545 -14.67 -23.51 2.16
N VAL A 546 -14.47 -22.21 2.30
CA VAL A 546 -15.21 -21.20 1.52
C VAL A 546 -14.95 -21.36 0.02
N ILE A 547 -13.68 -21.48 -0.39
CA ILE A 547 -13.31 -21.68 -1.81
C ILE A 547 -13.80 -23.03 -2.34
N PHE A 548 -13.80 -24.09 -1.54
CA PHE A 548 -14.40 -25.37 -1.90
C PHE A 548 -15.89 -25.24 -2.23
N VAL A 549 -16.69 -24.60 -1.37
CA VAL A 549 -18.13 -24.40 -1.63
C VAL A 549 -18.37 -23.54 -2.87
N PHE A 550 -17.61 -22.46 -3.08
CA PHE A 550 -17.71 -21.68 -4.32
C PHE A 550 -17.42 -22.51 -5.58
N GLN A 551 -16.51 -23.48 -5.51
CA GLN A 551 -16.11 -24.29 -6.65
C GLN A 551 -17.08 -25.44 -6.95
N LEU A 552 -17.59 -26.13 -5.93
CA LEU A 552 -18.44 -27.32 -6.11
C LEU A 552 -19.94 -27.03 -6.26
N THR A 553 -20.44 -25.83 -5.94
CA THR A 553 -21.89 -25.59 -5.97
C THR A 553 -22.58 -25.84 -7.33
N PRO A 554 -22.00 -25.55 -8.52
CA PRO A 554 -22.59 -25.94 -9.82
C PRO A 554 -22.67 -27.46 -10.04
N VAL A 555 -21.73 -28.23 -9.48
CA VAL A 555 -21.75 -29.68 -9.58
C VAL A 555 -22.88 -30.24 -8.73
N LEU A 556 -23.00 -29.81 -7.47
CA LEU A 556 -24.08 -30.23 -6.59
C LEU A 556 -25.45 -29.88 -7.15
N VAL A 557 -25.66 -28.64 -7.59
CA VAL A 557 -26.98 -28.20 -8.06
C VAL A 557 -27.43 -28.92 -9.34
N SER A 558 -26.51 -29.29 -10.23
CA SER A 558 -26.85 -30.06 -11.44
C SER A 558 -27.11 -31.53 -11.14
N VAL A 559 -26.32 -32.18 -10.29
CA VAL A 559 -26.57 -33.55 -9.82
C VAL A 559 -27.93 -33.68 -9.16
N VAL A 560 -28.31 -32.73 -8.30
CA VAL A 560 -29.64 -32.71 -7.68
C VAL A 560 -30.73 -32.49 -8.74
N THR A 561 -30.61 -31.46 -9.57
CA THR A 561 -31.72 -31.05 -10.46
C THR A 561 -32.02 -32.09 -11.54
N PHE A 562 -31.03 -32.64 -12.22
CA PHE A 562 -31.27 -33.66 -13.24
C PHE A 562 -31.81 -34.96 -12.62
N SER A 563 -31.35 -35.35 -11.44
CA SER A 563 -31.88 -36.54 -10.76
C SER A 563 -33.35 -36.40 -10.41
N VAL A 564 -33.75 -35.27 -9.82
CA VAL A 564 -35.16 -35.02 -9.48
C VAL A 564 -36.02 -34.97 -10.75
N TYR A 565 -35.60 -34.26 -11.79
CA TYR A 565 -36.35 -34.19 -13.04
C TYR A 565 -36.67 -35.56 -13.64
N VAL A 566 -35.68 -36.45 -13.70
CA VAL A 566 -35.83 -37.78 -14.30
C VAL A 566 -36.60 -38.76 -13.42
N LEU A 567 -36.47 -38.71 -12.10
CA LEU A 567 -37.16 -39.63 -11.19
C LEU A 567 -38.62 -39.27 -10.89
N VAL A 568 -39.00 -37.99 -10.96
CA VAL A 568 -40.33 -37.52 -10.51
C VAL A 568 -41.50 -37.94 -11.40
N ASP A 569 -41.31 -38.07 -12.72
CA ASP A 569 -42.38 -38.36 -13.67
C ASP A 569 -41.83 -39.07 -14.92
N SER A 570 -42.33 -40.26 -15.26
CA SER A 570 -41.82 -41.05 -16.38
C SER A 570 -41.97 -40.39 -17.75
N ASN A 571 -42.79 -39.35 -17.89
CA ASN A 571 -42.87 -38.54 -19.11
C ASN A 571 -41.65 -37.62 -19.29
N ASN A 572 -40.90 -37.30 -18.23
CA ASN A 572 -39.68 -36.52 -18.33
C ASN A 572 -38.54 -37.39 -18.88
N ILE A 573 -37.98 -37.03 -20.04
CA ILE A 573 -36.76 -37.65 -20.57
C ILE A 573 -35.76 -36.58 -20.99
N LEU A 574 -34.51 -36.75 -20.58
CA LEU A 574 -33.45 -35.77 -20.71
C LEU A 574 -32.84 -35.80 -22.12
N ASP A 575 -32.63 -34.66 -22.75
CA ASP A 575 -32.09 -34.54 -24.11
C ASP A 575 -31.06 -33.41 -24.20
N ALA A 576 -30.35 -33.32 -25.33
CA ALA A 576 -29.23 -32.40 -25.44
C ALA A 576 -29.64 -30.94 -25.24
N GLN A 577 -30.79 -30.53 -25.79
CA GLN A 577 -31.30 -29.17 -25.63
C GLN A 577 -31.51 -28.82 -24.16
N LYS A 578 -32.18 -29.68 -23.39
CA LYS A 578 -32.45 -29.42 -21.97
C LYS A 578 -31.20 -29.49 -21.11
N ALA A 579 -30.34 -30.48 -21.32
CA ALA A 579 -29.16 -30.70 -20.48
C ALA A 579 -28.09 -29.62 -20.67
N PHE A 580 -27.56 -29.43 -21.88
CA PHE A 580 -26.40 -28.56 -22.10
C PHE A 580 -26.74 -27.08 -22.04
N THR A 581 -27.99 -26.70 -22.31
CA THR A 581 -28.46 -25.36 -21.98
C THR A 581 -28.47 -25.16 -20.46
N SER A 582 -29.03 -26.08 -19.69
CA SER A 582 -29.09 -25.96 -18.23
C SER A 582 -27.70 -25.93 -17.59
N ILE A 583 -26.74 -26.71 -18.08
CA ILE A 583 -25.35 -26.60 -17.62
C ILE A 583 -24.78 -25.21 -17.86
N THR A 584 -25.12 -24.56 -18.97
CA THR A 584 -24.69 -23.19 -19.20
C THR A 584 -25.29 -22.24 -18.17
N LEU A 585 -26.58 -22.35 -17.82
CA LEU A 585 -27.17 -21.53 -16.75
C LEU A 585 -26.56 -21.85 -15.37
N PHE A 586 -26.24 -23.10 -15.04
CA PHE A 586 -25.52 -23.42 -13.80
C PHE A 586 -24.11 -22.81 -13.75
N ASN A 587 -23.42 -22.66 -14.89
CA ASN A 587 -22.16 -21.92 -14.96
C ASN A 587 -22.35 -20.40 -14.80
N ILE A 588 -23.42 -19.81 -15.34
CA ILE A 588 -23.73 -18.38 -15.12
C ILE A 588 -23.97 -18.09 -13.63
N LEU A 589 -24.61 -18.99 -12.89
CA LEU A 589 -24.91 -18.79 -11.47
C LEU A 589 -23.69 -18.77 -10.54
N ARG A 590 -22.56 -19.40 -10.89
CA ARG A 590 -21.42 -19.57 -9.98
C ARG A 590 -20.87 -18.26 -9.42
N PHE A 591 -20.70 -17.24 -10.26
CA PHE A 591 -20.19 -15.95 -9.81
C PHE A 591 -21.15 -15.20 -8.88
N PRO A 592 -22.43 -14.92 -9.24
CA PRO A 592 -23.32 -14.20 -8.34
C PRO A 592 -23.64 -14.93 -7.04
N LEU A 593 -23.70 -16.27 -7.02
CA LEU A 593 -23.90 -17.02 -5.78
C LEU A 593 -22.74 -16.89 -4.80
N SER A 594 -21.51 -16.82 -5.28
CA SER A 594 -20.33 -16.64 -4.43
C SER A 594 -20.06 -15.18 -4.08
N MET A 595 -20.36 -14.24 -4.97
CA MET A 595 -20.10 -12.82 -4.78
C MET A 595 -21.04 -12.15 -3.76
N LEU A 596 -22.31 -12.57 -3.69
CA LEU A 596 -23.29 -11.99 -2.78
C LEU A 596 -22.91 -12.13 -1.29
N PRO A 597 -22.59 -13.33 -0.75
CA PRO A 597 -22.06 -13.49 0.61
C PRO A 597 -20.87 -12.59 0.95
N MET A 598 -19.93 -12.38 0.02
CA MET A 598 -18.74 -11.56 0.25
C MET A 598 -19.04 -10.05 0.27
N MET A 599 -20.00 -9.59 -0.53
CA MET A 599 -20.45 -8.20 -0.43
C MET A 599 -21.16 -7.95 0.90
N ILE A 600 -21.98 -8.88 1.38
CA ILE A 600 -22.64 -8.74 2.69
C ILE A 600 -21.62 -8.64 3.83
N SER A 601 -20.63 -9.54 3.92
CA SER A 601 -19.62 -9.43 4.99
C SER A 601 -18.72 -8.19 4.85
N SER A 602 -18.47 -7.71 3.64
CA SER A 602 -17.72 -6.46 3.41
C SER A 602 -18.48 -5.20 3.83
N MET A 603 -19.80 -5.16 3.63
CA MET A 603 -20.63 -4.03 4.07
C MET A 603 -20.67 -3.92 5.60
N LEU A 604 -20.61 -5.05 6.32
CA LEU A 604 -20.49 -5.07 7.77
C LEU A 604 -19.13 -4.56 8.25
N GLN A 605 -18.03 -4.81 7.54
CA GLN A 605 -16.74 -4.18 7.86
C GLN A 605 -16.73 -2.68 7.59
N ALA A 606 -17.16 -2.24 6.40
CA ALA A 606 -17.12 -0.83 6.04
C ALA A 606 -18.00 0.06 6.92
N SER A 607 -19.01 -0.50 7.57
CA SER A 607 -19.82 0.22 8.56
C SER A 607 -19.01 0.64 9.79
N VAL A 608 -18.08 -0.19 10.27
CA VAL A 608 -17.17 0.17 11.38
C VAL A 608 -16.17 1.24 10.96
N SER A 609 -15.54 1.09 9.79
CA SER A 609 -14.65 2.12 9.23
C SER A 609 -15.36 3.46 9.04
N THR A 610 -16.63 3.45 8.63
CA THR A 610 -17.41 4.68 8.49
C THR A 610 -17.64 5.37 9.83
N GLU A 611 -17.93 4.64 10.92
CA GLU A 611 -18.06 5.26 12.24
C GLU A 611 -16.76 5.89 12.73
N ARG A 612 -15.59 5.27 12.50
CA ARG A 612 -14.30 5.87 12.87
C ARG A 612 -14.00 7.14 12.09
N LEU A 613 -14.24 7.16 10.78
CA LEU A 613 -14.05 8.35 9.95
C LEU A 613 -15.01 9.47 10.35
N GLU A 614 -16.30 9.20 10.56
CA GLU A 614 -17.26 10.20 11.01
C GLU A 614 -16.93 10.77 12.39
N LYS A 615 -16.46 9.94 13.32
CA LYS A 615 -16.01 10.40 14.65
C LYS A 615 -14.84 11.37 14.54
N TYR A 616 -13.83 11.07 13.73
CA TYR A 616 -12.65 11.91 13.58
C TYR A 616 -12.95 13.21 12.84
N LEU A 617 -13.55 13.13 11.65
CA LEU A 617 -13.85 14.30 10.83
C LEU A 617 -14.89 15.25 11.45
N GLY A 618 -15.76 14.74 12.32
CA GLY A 618 -16.76 15.53 13.02
C GLY A 618 -16.27 16.22 14.30
N GLY A 619 -15.06 15.94 14.78
CA GLY A 619 -14.52 16.49 16.03
C GLY A 619 -14.35 18.01 16.02
N ASP A 620 -14.26 18.62 17.20
CA ASP A 620 -14.15 20.08 17.34
C ASP A 620 -12.81 20.65 16.83
N ASP A 621 -12.87 21.81 16.17
CA ASP A 621 -11.68 22.56 15.77
C ASP A 621 -11.08 23.33 16.95
N LEU A 622 -9.77 23.56 16.90
CA LEU A 622 -8.99 24.24 17.92
C LEU A 622 -9.47 25.68 18.16
N ASP A 623 -9.80 26.04 19.41
CA ASP A 623 -10.23 27.39 19.78
C ASP A 623 -9.06 28.37 19.90
N THR A 624 -9.00 29.35 19.01
CA THR A 624 -7.95 30.37 18.96
C THR A 624 -8.24 31.63 19.81
N SER A 625 -9.44 31.77 20.38
CA SER A 625 -9.96 33.06 20.86
C SER A 625 -9.23 33.69 22.06
N ALA A 626 -8.48 32.92 22.84
CA ALA A 626 -7.78 33.40 24.04
C ALA A 626 -6.40 34.04 23.77
N ILE A 627 -5.80 33.81 22.59
CA ILE A 627 -4.50 34.38 22.19
C ILE A 627 -4.75 35.36 21.04
N ARG A 628 -4.31 36.60 21.17
CA ARG A 628 -4.60 37.73 20.27
C ARG A 628 -3.34 38.23 19.54
N HIS A 629 -3.41 38.35 18.21
CA HIS A 629 -2.33 38.83 17.35
C HIS A 629 -2.57 40.27 16.86
N ASP A 630 -2.73 41.19 17.80
CA ASP A 630 -2.84 42.62 17.42
C ASP A 630 -1.42 43.16 17.29
N CYS A 631 -0.97 43.43 16.06
CA CYS A 631 0.42 43.90 15.82
C CYS A 631 0.57 45.35 16.32
N ASN A 632 1.76 45.94 16.18
CA ASN A 632 1.95 47.33 16.70
C ASN A 632 1.31 47.43 18.08
N PHE A 633 1.71 46.57 19.02
CA PHE A 633 1.11 46.56 20.37
C PHE A 633 2.07 47.22 21.36
N ASP A 634 3.15 47.83 20.87
CA ASP A 634 4.18 48.45 21.74
C ASP A 634 4.61 47.60 22.94
N LYS A 635 4.52 46.27 22.82
CA LYS A 635 4.98 45.36 23.91
C LYS A 635 4.91 44.13 23.00
N ALA A 636 5.88 43.23 23.11
CA ALA A 636 5.91 42.01 22.27
C ALA A 636 4.94 40.97 22.83
N MET A 637 4.90 40.80 24.15
CA MET A 637 3.99 39.86 24.81
C MET A 637 3.35 40.50 26.04
N GLN A 638 2.10 40.13 26.33
CA GLN A 638 1.26 40.77 27.35
C GLN A 638 0.22 39.77 27.88
N PHE A 639 0.26 39.44 29.17
CA PHE A 639 -0.67 38.52 29.84
C PHE A 639 -1.67 39.29 30.71
N SER A 640 -2.97 39.15 30.49
CA SER A 640 -4.00 39.91 31.22
C SER A 640 -4.74 39.05 32.26
N GLU A 641 -4.12 38.87 33.42
CA GLU A 641 -4.63 38.07 34.55
C GLU A 641 -4.92 36.59 34.20
N ALA A 642 -4.32 36.08 33.13
CA ALA A 642 -4.79 34.89 32.42
C ALA A 642 -4.63 33.60 33.23
N SER A 643 -5.46 32.60 32.91
CA SER A 643 -5.37 31.24 33.47
C SER A 643 -5.65 30.18 32.42
N PHE A 644 -4.94 29.04 32.46
CA PHE A 644 -5.00 27.96 31.47
C PHE A 644 -4.81 26.58 32.09
N THR A 645 -5.30 25.52 31.43
CA THR A 645 -5.22 24.14 31.91
C THR A 645 -5.07 23.11 30.78
N TRP A 646 -4.47 21.97 31.10
CA TRP A 646 -4.37 20.80 30.22
C TRP A 646 -5.66 19.96 30.15
N GLU A 647 -6.59 20.15 31.09
CA GLU A 647 -7.81 19.35 31.25
C GLU A 647 -8.94 20.24 31.75
N HIS A 648 -10.00 20.45 30.95
CA HIS A 648 -11.05 21.42 31.28
C HIS A 648 -11.84 21.08 32.56
N ASP A 649 -11.83 19.81 32.97
CA ASP A 649 -12.40 19.30 34.23
C ASP A 649 -11.55 19.60 35.49
N SER A 650 -10.27 19.96 35.31
CA SER A 650 -9.27 20.03 36.40
C SER A 650 -8.90 21.47 36.78
N GLU A 651 -7.99 21.61 37.74
CA GLU A 651 -7.43 22.89 38.18
C GLU A 651 -6.66 23.63 37.06
N ALA A 652 -6.54 24.96 37.17
CA ALA A 652 -5.68 25.76 36.30
C ALA A 652 -4.18 25.47 36.56
N THR A 653 -3.46 25.01 35.53
CA THR A 653 -2.02 24.70 35.60
C THR A 653 -1.17 25.98 35.58
N VAL A 654 -1.62 26.97 34.80
CA VAL A 654 -0.95 28.31 34.82
C VAL A 654 -2.01 29.27 35.34
N ARG A 655 -2.09 29.47 36.65
CA ARG A 655 -3.17 30.30 37.25
C ARG A 655 -2.97 31.79 36.92
N ASP A 656 -3.79 32.66 37.52
CA ASP A 656 -3.71 34.11 37.22
C ASP A 656 -2.25 34.53 37.06
N VAL A 657 -1.89 35.04 35.88
CA VAL A 657 -0.49 35.51 35.63
C VAL A 657 -0.58 36.87 34.92
N ASN A 658 0.22 37.85 35.36
CA ASN A 658 0.11 39.22 34.78
C ASN A 658 1.51 39.81 34.55
N LEU A 659 2.13 39.49 33.41
CA LEU A 659 3.43 40.09 33.08
C LEU A 659 3.39 40.56 31.63
N ASP A 660 4.30 41.47 31.28
CA ASP A 660 4.47 42.00 29.94
C ASP A 660 5.96 42.33 29.68
N ILE A 661 6.39 42.22 28.42
CA ILE A 661 7.81 42.33 28.04
C ILE A 661 8.02 43.07 26.71
N MET A 662 9.02 43.95 26.70
CA MET A 662 9.19 44.84 25.53
C MET A 662 10.03 44.17 24.43
N ALA A 663 10.25 44.91 23.34
CA ALA A 663 10.98 44.32 22.19
C ALA A 663 12.46 44.13 22.51
N GLY A 664 13.13 43.29 21.73
CA GLY A 664 14.56 43.03 21.90
C GLY A 664 15.04 42.75 23.33
N GLN A 665 14.21 42.14 24.18
CA GLN A 665 14.47 41.99 25.62
C GLN A 665 14.74 40.47 25.71
N LEU A 666 15.79 40.06 26.42
CA LEU A 666 16.11 38.68 26.76
C LEU A 666 15.65 38.43 28.21
N VAL A 667 14.66 37.57 28.43
CA VAL A 667 14.13 37.26 29.78
C VAL A 667 14.18 35.77 30.09
N ALA A 668 14.33 35.42 31.36
CA ALA A 668 14.43 34.03 31.81
C ALA A 668 13.31 33.63 32.77
N VAL A 669 12.85 32.40 32.65
CA VAL A 669 11.81 31.79 33.50
C VAL A 669 12.39 30.64 34.29
N ILE A 670 12.24 30.68 35.61
CA ILE A 670 12.80 29.69 36.56
C ILE A 670 11.81 29.32 37.67
N GLY A 671 12.08 28.21 38.36
CA GLY A 671 11.28 27.71 39.47
C GLY A 671 11.58 26.26 39.82
N PRO A 672 10.95 25.70 40.86
CA PRO A 672 11.07 24.29 41.19
C PRO A 672 10.39 23.40 40.14
N VAL A 673 10.73 22.12 40.12
CA VAL A 673 10.16 21.14 39.18
C VAL A 673 8.63 21.08 39.32
N GLY A 674 7.93 20.96 38.19
CA GLY A 674 6.46 20.92 38.14
C GLY A 674 5.73 22.24 38.47
N SER A 675 6.46 23.33 38.72
CA SER A 675 5.84 24.62 39.11
C SER A 675 5.08 25.32 37.97
N GLY A 676 5.34 24.95 36.71
CA GLY A 676 4.59 25.43 35.53
C GLY A 676 5.41 25.79 34.29
N LYS A 677 6.75 25.69 34.30
CA LYS A 677 7.63 26.33 33.29
C LYS A 677 7.23 26.07 31.84
N SER A 678 7.20 24.82 31.38
CA SER A 678 6.88 24.48 29.98
C SER A 678 5.40 24.68 29.63
N SER A 679 4.52 24.72 30.64
CA SER A 679 3.11 25.07 30.43
C SER A 679 2.93 26.56 30.09
N LEU A 680 3.85 27.43 30.51
CA LEU A 680 3.78 28.86 30.16
C LEU A 680 3.98 29.08 28.66
N ILE A 681 4.99 28.44 28.06
CA ILE A 681 5.20 28.46 26.60
C ILE A 681 4.03 27.78 25.88
N SER A 682 3.56 26.62 26.36
CA SER A 682 2.46 25.90 25.73
C SER A 682 1.15 26.71 25.70
N ALA A 683 0.82 27.40 26.79
CA ALA A 683 -0.31 28.31 26.85
C ALA A 683 -0.15 29.50 25.89
N MET A 684 1.04 30.09 25.80
CA MET A 684 1.33 31.18 24.86
C MET A 684 1.17 30.76 23.39
N LEU A 685 1.51 29.52 23.03
CA LEU A 685 1.27 28.97 21.69
C LEU A 685 -0.20 28.58 21.43
N GLY A 686 -1.08 28.63 22.42
CA GLY A 686 -2.49 28.26 22.29
C GLY A 686 -2.76 26.75 22.32
N GLU A 687 -1.84 25.95 22.85
CA GLU A 687 -1.98 24.49 22.96
C GLU A 687 -2.62 24.03 24.29
N MET A 688 -3.34 24.91 24.99
CA MET A 688 -4.00 24.65 26.28
C MET A 688 -5.39 25.30 26.36
N GLU A 689 -6.26 24.77 27.21
CA GLU A 689 -7.62 25.29 27.41
C GLU A 689 -7.62 26.52 28.30
N ASN A 690 -8.24 27.61 27.84
CA ASN A 690 -8.34 28.83 28.63
C ASN A 690 -9.38 28.68 29.76
N VAL A 691 -9.01 29.14 30.96
CA VAL A 691 -9.89 29.26 32.11
C VAL A 691 -10.37 30.70 32.29
N HIS A 692 -9.47 31.68 32.14
CA HIS A 692 -9.77 33.12 32.32
C HIS A 692 -8.76 34.03 31.60
N GLY A 693 -9.10 35.29 31.36
CA GLY A 693 -8.21 36.32 30.79
C GLY A 693 -7.79 36.05 29.34
N HIS A 694 -6.81 36.82 28.84
CA HIS A 694 -6.25 36.64 27.49
C HIS A 694 -4.78 37.04 27.40
N ILE A 695 -4.10 36.54 26.36
CA ILE A 695 -2.72 36.87 26.02
C ILE A 695 -2.70 37.64 24.70
N THR A 696 -1.88 38.69 24.61
CA THR A 696 -1.60 39.44 23.36
C THR A 696 -0.14 39.26 22.94
N ILE A 697 0.11 39.03 21.65
CA ILE A 697 1.43 38.77 21.06
C ILE A 697 1.64 39.62 19.80
N LYS A 698 2.88 40.06 19.57
CA LYS A 698 3.18 40.96 18.42
C LYS A 698 4.16 40.31 17.44
N GLY A 699 3.74 40.12 16.18
CA GLY A 699 4.59 39.57 15.12
C GLY A 699 4.79 38.05 15.16
N THR A 700 5.84 37.60 14.49
CA THR A 700 6.13 36.18 14.22
C THR A 700 6.87 35.49 15.38
N THR A 701 6.69 34.18 15.52
CA THR A 701 7.29 33.38 16.62
C THR A 701 8.16 32.25 16.09
N ALA A 702 9.25 31.93 16.78
CA ALA A 702 10.03 30.71 16.63
C ALA A 702 10.01 29.91 17.94
N TYR A 703 10.00 28.60 17.86
CA TYR A 703 9.85 27.71 19.01
C TYR A 703 10.84 26.57 18.98
N VAL A 704 11.53 26.32 20.10
CA VAL A 704 12.34 25.12 20.31
C VAL A 704 11.76 24.31 21.47
N PRO A 705 11.22 23.09 21.25
CA PRO A 705 10.60 22.27 22.27
C PRO A 705 11.62 21.50 23.14
N GLN A 706 11.23 21.09 24.35
CA GLN A 706 12.05 20.22 25.21
C GLN A 706 12.29 18.84 24.56
N GLN A 707 11.31 18.28 23.87
CA GLN A 707 11.44 17.03 23.11
C GLN A 707 11.60 17.34 21.63
N SER A 708 12.76 16.98 21.05
CA SER A 708 13.12 17.36 19.68
C SER A 708 12.29 16.62 18.61
N TRP A 709 11.86 17.36 17.59
CA TRP A 709 11.20 16.83 16.38
C TRP A 709 12.08 17.07 15.14
N ILE A 710 12.35 16.00 14.41
CA ILE A 710 13.25 15.96 13.24
C ILE A 710 12.53 15.24 12.10
N GLN A 711 12.58 15.80 10.90
CA GLN A 711 11.98 15.23 9.69
C GLN A 711 12.95 14.31 8.96
N ASN A 712 12.45 13.30 8.25
CA ASN A 712 13.26 12.55 7.30
C ASN A 712 13.77 13.47 6.18
N GLY A 713 15.07 13.45 5.88
CA GLY A 713 15.69 14.29 4.86
C GLY A 713 17.20 14.41 5.04
N THR A 714 17.84 15.40 4.41
CA THR A 714 19.21 15.76 4.78
C THR A 714 19.22 16.65 6.03
N ILE A 715 20.37 16.79 6.68
CA ILE A 715 20.52 17.80 7.75
C ILE A 715 20.29 19.21 7.18
N LYS A 716 20.81 19.51 5.98
CA LYS A 716 20.56 20.79 5.32
C LYS A 716 19.08 21.10 5.12
N ASP A 717 18.26 20.11 4.75
CA ASP A 717 16.81 20.31 4.61
C ASP A 717 16.12 20.65 5.93
N ASN A 718 16.53 19.99 7.02
CA ASN A 718 16.00 20.29 8.35
C ASN A 718 16.40 21.70 8.82
N ILE A 719 17.60 22.19 8.51
CA ILE A 719 17.99 23.56 8.83
C ILE A 719 17.22 24.59 8.00
N LEU A 720 17.11 24.39 6.68
CA LEU A 720 16.46 25.35 5.79
C LEU A 720 14.93 25.39 5.95
N PHE A 721 14.30 24.25 6.27
CA PHE A 721 12.88 24.14 6.61
C PHE A 721 11.96 24.89 5.63
N GLY A 722 12.13 24.63 4.34
CA GLY A 722 11.36 25.23 3.25
C GLY A 722 11.74 26.65 2.85
N THR A 723 12.66 27.30 3.57
CA THR A 723 13.23 28.61 3.23
C THR A 723 14.31 28.48 2.16
N GLU A 724 14.55 29.53 1.37
CA GLU A 724 15.65 29.56 0.38
C GLU A 724 17.05 29.53 1.02
N PHE A 725 18.01 28.95 0.28
CA PHE A 725 19.41 28.86 0.67
C PHE A 725 20.16 30.18 0.48
N ASN A 726 21.09 30.49 1.38
CA ASN A 726 21.87 31.73 1.37
C ASN A 726 23.21 31.50 2.09
N GLU A 727 24.28 31.25 1.32
CA GLU A 727 25.51 30.61 1.79
C GLU A 727 26.11 31.22 3.07
N LYS A 728 26.39 32.53 3.03
CA LYS A 728 27.01 33.20 4.20
C LYS A 728 26.19 32.90 5.47
N ARG A 729 24.89 33.21 5.45
CA ARG A 729 24.04 33.04 6.64
C ARG A 729 23.97 31.57 7.06
N TYR A 730 23.89 30.65 6.10
CA TYR A 730 23.87 29.22 6.38
C TYR A 730 25.15 28.75 7.09
N GLN A 731 26.33 29.07 6.56
CA GLN A 731 27.61 28.72 7.16
C GLN A 731 27.79 29.37 8.54
N GLN A 732 27.38 30.63 8.70
CA GLN A 732 27.42 31.33 9.99
C GLN A 732 26.59 30.60 11.04
N VAL A 733 25.39 30.12 10.70
CA VAL A 733 24.53 29.36 11.63
C VAL A 733 25.14 28.00 12.01
N LEU A 734 25.75 27.26 11.08
CA LEU A 734 26.41 25.99 11.41
C LEU A 734 27.57 26.17 12.39
N GLU A 735 28.33 27.26 12.25
CA GLU A 735 29.42 27.59 13.18
C GLU A 735 28.86 28.03 14.55
N ALA A 736 27.89 28.95 14.57
CA ALA A 736 27.34 29.49 15.80
C ALA A 736 26.70 28.43 16.69
N CYS A 737 26.01 27.44 16.10
CA CYS A 737 25.37 26.34 16.85
C CYS A 737 26.32 25.20 17.21
N ALA A 738 27.65 25.37 17.04
CA ALA A 738 28.67 24.37 17.35
C ALA A 738 28.47 23.04 16.61
N LEU A 739 27.91 23.08 15.40
CA LEU A 739 27.49 21.89 14.66
C LEU A 739 28.58 21.33 13.74
N LEU A 740 29.52 22.16 13.28
CA LEU A 740 30.62 21.77 12.38
C LEU A 740 31.47 20.57 12.90
N PRO A 741 31.81 20.44 14.20
CA PRO A 741 32.48 19.26 14.73
C PRO A 741 31.71 17.93 14.54
N ASP A 742 30.38 17.97 14.49
CA ASP A 742 29.57 16.79 14.15
C ASP A 742 29.57 16.54 12.64
N LEU A 743 29.38 17.59 11.84
CA LEU A 743 29.37 17.46 10.38
C LEU A 743 30.73 16.97 9.82
N GLU A 744 31.83 17.19 10.54
CA GLU A 744 33.15 16.67 10.18
C GLU A 744 33.26 15.15 10.33
N MET A 745 32.37 14.49 11.08
CA MET A 745 32.44 13.05 11.39
C MET A 745 31.19 12.23 11.01
N LEU A 746 30.05 12.86 10.70
CA LEU A 746 28.93 12.17 10.05
C LEU A 746 29.38 11.63 8.67
N PRO A 747 29.03 10.40 8.28
CA PRO A 747 29.62 9.74 7.11
C PRO A 747 29.21 10.38 5.78
N GLY A 748 28.04 11.00 5.70
CA GLY A 748 27.57 11.75 4.53
C GLY A 748 27.95 13.25 4.53
N GLY A 749 28.63 13.74 5.58
CA GLY A 749 28.83 15.17 5.81
C GLY A 749 27.50 15.91 6.00
N ASP A 750 27.40 17.14 5.48
CA ASP A 750 26.19 17.96 5.58
C ASP A 750 24.97 17.35 4.87
N LEU A 751 25.18 16.49 3.88
CA LEU A 751 24.13 15.81 3.12
C LEU A 751 23.76 14.43 3.69
N ALA A 752 24.10 14.15 4.96
CA ALA A 752 23.73 12.90 5.63
C ALA A 752 22.21 12.69 5.72
N GLU A 753 21.74 11.47 5.45
CA GLU A 753 20.32 11.08 5.51
C GLU A 753 19.85 10.88 6.96
N ILE A 754 19.41 11.96 7.60
CA ILE A 754 18.93 11.88 9.01
C ILE A 754 17.48 11.38 8.98
N GLY A 755 16.94 10.99 10.13
CA GLY A 755 15.52 10.57 10.19
C GLY A 755 15.36 9.12 10.62
N GLU A 756 14.11 8.70 10.88
CA GLU A 756 13.84 7.32 11.34
C GLU A 756 14.34 6.32 10.29
N LYS A 757 14.19 6.67 9.01
CA LYS A 757 14.60 5.75 7.91
C LYS A 757 16.03 6.10 7.49
N GLY A 758 16.81 6.71 8.39
CA GLY A 758 18.17 7.13 8.03
C GLY A 758 19.16 7.01 9.17
N ILE A 759 20.32 7.66 9.06
CA ILE A 759 21.38 7.57 10.10
C ILE A 759 20.84 8.06 11.45
N ASN A 760 21.20 7.37 12.53
CA ASN A 760 20.82 7.80 13.88
C ASN A 760 21.76 8.88 14.44
N LEU A 761 21.21 9.87 15.15
CA LEU A 761 21.92 11.00 15.76
C LEU A 761 21.71 10.99 17.29
N SER A 762 22.69 11.43 18.07
CA SER A 762 22.56 11.53 19.53
C SER A 762 21.57 12.63 19.95
N GLY A 763 21.06 12.56 21.19
CA GLY A 763 20.15 13.57 21.73
C GLY A 763 20.73 14.98 21.72
N GLY A 764 22.03 15.12 22.00
CA GLY A 764 22.74 16.39 21.90
C GLY A 764 22.85 16.92 20.47
N GLN A 765 23.10 16.04 19.49
CA GLN A 765 23.10 16.43 18.07
C GLN A 765 21.71 16.89 17.61
N LYS A 766 20.66 16.12 17.91
CA LYS A 766 19.27 16.48 17.58
C LYS A 766 18.87 17.82 18.22
N GLN A 767 19.31 18.07 19.45
CA GLN A 767 19.12 19.35 20.11
C GLN A 767 19.86 20.50 19.40
N ARG A 768 21.13 20.32 19.04
CA ARG A 768 21.83 21.38 18.26
C ARG A 768 21.06 21.67 16.97
N ILE A 769 20.77 20.65 16.17
CA ILE A 769 20.07 20.80 14.88
C ILE A 769 18.74 21.54 15.08
N SER A 770 18.00 21.26 16.15
CA SER A 770 16.74 21.95 16.45
C SER A 770 16.91 23.45 16.68
N LEU A 771 17.93 23.86 17.44
CA LEU A 771 18.24 25.28 17.63
C LEU A 771 18.76 25.95 16.35
N ALA A 772 19.56 25.23 15.56
CA ALA A 772 20.06 25.71 14.28
C ALA A 772 18.92 25.97 13.27
N ARG A 773 17.88 25.12 13.31
CA ARG A 773 16.70 25.38 12.44
C ARG A 773 16.00 26.66 12.91
N ALA A 774 15.72 26.79 14.22
CA ALA A 774 15.02 27.97 14.71
C ALA A 774 15.78 29.27 14.43
N THR A 775 17.10 29.30 14.57
CA THR A 775 17.86 30.56 14.38
C THR A 775 18.03 30.96 12.90
N TYR A 776 17.92 30.05 11.94
CA TYR A 776 18.00 30.39 10.51
C TYR A 776 16.74 31.14 10.02
N GLN A 777 15.57 30.89 10.60
CA GLN A 777 14.29 31.45 10.14
C GLN A 777 14.13 32.96 10.37
N ASN A 778 14.87 33.56 11.30
CA ASN A 778 14.89 35.02 11.52
C ASN A 778 13.53 35.66 11.89
N LEU A 779 12.73 35.03 12.76
CA LEU A 779 11.45 35.58 13.26
C LEU A 779 11.62 36.61 14.40
N ASP A 780 10.55 37.27 14.80
CA ASP A 780 10.56 38.35 15.81
C ASP A 780 10.74 37.87 17.26
N ILE A 781 10.00 36.85 17.69
CA ILE A 781 9.99 36.33 19.05
C ILE A 781 10.60 34.93 19.09
N TYR A 782 11.52 34.66 20.01
CA TYR A 782 12.05 33.32 20.25
C TYR A 782 11.58 32.75 21.59
N LEU A 783 10.98 31.56 21.58
CA LEU A 783 10.55 30.83 22.76
C LEU A 783 11.41 29.56 22.91
N LEU A 784 12.18 29.45 24.00
CA LEU A 784 13.11 28.35 24.23
C LEU A 784 12.71 27.54 25.46
N ASP A 785 12.38 26.26 25.28
CA ASP A 785 11.93 25.34 26.34
C ASP A 785 13.12 24.56 26.95
N ASP A 786 14.09 25.28 27.53
CA ASP A 786 15.39 24.78 28.04
C ASP A 786 16.20 23.92 27.04
N PRO A 787 16.69 24.50 25.93
CA PRO A 787 17.40 23.76 24.90
C PRO A 787 18.79 23.30 25.35
N LEU A 788 19.42 23.99 26.31
CA LEU A 788 20.75 23.63 26.81
C LEU A 788 20.72 22.37 27.70
N SER A 789 19.54 21.90 28.14
CA SER A 789 19.37 20.74 29.03
C SER A 789 19.93 19.40 28.51
N ALA A 790 20.28 19.27 27.22
CA ALA A 790 20.77 18.04 26.61
C ALA A 790 22.24 18.09 26.13
N VAL A 791 22.99 19.14 26.44
CA VAL A 791 24.40 19.34 26.00
C VAL A 791 25.32 19.73 27.16
N ASP A 792 26.63 19.45 27.03
CA ASP A 792 27.62 19.73 28.09
C ASP A 792 27.86 21.23 28.30
N ALA A 793 28.44 21.60 29.45
CA ALA A 793 28.62 22.99 29.84
C ALA A 793 29.58 23.78 28.93
N HIS A 794 30.54 23.13 28.26
CA HIS A 794 31.51 23.82 27.41
C HIS A 794 30.88 24.23 26.08
N VAL A 795 30.20 23.31 25.39
CA VAL A 795 29.42 23.70 24.20
C VAL A 795 28.20 24.55 24.58
N GLY A 796 27.64 24.38 25.78
CA GLY A 796 26.58 25.24 26.29
C GLY A 796 27.03 26.70 26.41
N LYS A 797 28.19 26.95 27.02
CA LYS A 797 28.80 28.29 27.08
C LYS A 797 29.10 28.85 25.70
N HIS A 798 29.65 28.02 24.79
CA HIS A 798 29.90 28.40 23.40
C HIS A 798 28.60 28.85 22.70
N ILE A 799 27.57 28.00 22.71
CA ILE A 799 26.26 28.29 22.12
C ILE A 799 25.61 29.52 22.74
N PHE A 800 25.67 29.70 24.06
CA PHE A 800 25.10 30.90 24.69
C PHE A 800 25.76 32.17 24.17
N ASN A 801 27.10 32.21 24.13
CA ASN A 801 27.85 33.37 23.63
C ASN A 801 27.64 33.61 22.12
N LYS A 802 27.57 32.55 21.32
CA LYS A 802 27.45 32.65 19.86
C LYS A 802 26.03 32.95 19.39
N VAL A 803 25.02 32.25 19.92
CA VAL A 803 23.65 32.27 19.38
C VAL A 803 22.77 33.28 20.09
N LEU A 804 22.48 33.08 21.38
CA LEU A 804 21.31 33.69 22.04
C LEU A 804 21.62 34.75 23.12
N GLY A 805 22.85 34.84 23.61
CA GLY A 805 23.26 35.86 24.58
C GLY A 805 23.33 37.28 23.99
N PRO A 806 23.58 38.31 24.83
CA PRO A 806 23.61 39.72 24.40
C PRO A 806 24.77 40.08 23.46
N ASN A 807 25.65 39.12 23.16
CA ASN A 807 26.76 39.18 22.22
C ASN A 807 26.59 38.31 20.95
N GLY A 808 25.50 37.54 20.83
CA GLY A 808 25.31 36.54 19.78
C GLY A 808 24.54 36.99 18.53
N LEU A 809 24.10 36.04 17.70
CA LEU A 809 23.30 36.29 16.49
C LEU A 809 21.95 36.95 16.78
N LEU A 810 21.27 36.56 17.86
CA LEU A 810 19.86 36.94 18.12
C LEU A 810 19.66 38.31 18.78
N LYS A 811 20.67 39.18 18.85
CA LYS A 811 20.67 40.44 19.63
C LYS A 811 19.46 41.37 19.42
N GLY A 812 18.90 41.42 18.22
CA GLY A 812 17.74 42.26 17.90
C GLY A 812 16.39 41.65 18.27
N LYS A 813 16.35 40.37 18.65
CA LYS A 813 15.11 39.58 18.85
C LYS A 813 14.77 39.47 20.32
N THR A 814 13.50 39.57 20.70
CA THR A 814 13.12 39.21 22.07
C THR A 814 13.19 37.70 22.26
N ARG A 815 13.72 37.28 23.42
CA ARG A 815 13.93 35.83 23.66
C ARG A 815 13.49 35.42 25.07
N LEU A 816 12.49 34.54 25.18
CA LEU A 816 12.01 34.00 26.45
C LEU A 816 12.65 32.63 26.64
N LEU A 817 13.46 32.49 27.68
CA LEU A 817 14.25 31.28 27.94
C LEU A 817 13.82 30.62 29.25
N VAL A 818 13.26 29.43 29.17
CA VAL A 818 13.09 28.55 30.34
C VAL A 818 14.42 27.89 30.66
N THR A 819 14.85 27.85 31.93
CA THR A 819 16.00 27.04 32.37
C THR A 819 15.71 26.30 33.67
N HIS A 820 16.30 25.12 33.84
CA HIS A 820 16.47 24.51 35.17
C HIS A 820 17.82 24.87 35.80
N SER A 821 18.87 25.04 35.00
CA SER A 821 20.20 25.52 35.43
C SER A 821 20.22 27.04 35.72
N MET A 822 21.09 27.45 36.64
CA MET A 822 21.34 28.85 37.03
C MET A 822 22.49 29.52 36.26
N HIS A 823 23.25 28.78 35.45
CA HIS A 823 24.59 29.19 34.96
C HIS A 823 24.65 30.54 34.23
N PHE A 824 23.60 30.92 33.50
CA PHE A 824 23.61 32.10 32.62
C PHE A 824 22.79 33.28 33.15
N LEU A 825 22.11 33.16 34.29
CA LEU A 825 21.22 34.19 34.83
C LEU A 825 21.86 35.60 34.97
N PRO A 826 23.14 35.76 35.35
CA PRO A 826 23.78 37.08 35.42
C PRO A 826 23.77 37.89 34.11
N GLN A 827 23.65 37.22 32.95
CA GLN A 827 23.69 37.85 31.63
C GLN A 827 22.30 38.24 31.08
N VAL A 828 21.23 37.88 31.79
CA VAL A 828 19.84 38.07 31.39
C VAL A 828 19.32 39.47 31.76
N ASP A 829 18.42 40.06 30.97
CA ASP A 829 17.87 41.40 31.26
C ASP A 829 16.88 41.41 32.44
N GLU A 830 16.02 40.39 32.55
CA GLU A 830 15.04 40.25 33.62
C GLU A 830 14.70 38.77 33.87
N ILE A 831 14.46 38.40 35.12
CA ILE A 831 14.17 37.02 35.55
C ILE A 831 12.83 36.98 36.30
N VAL A 832 12.06 35.92 36.11
CA VAL A 832 10.84 35.64 36.89
C VAL A 832 10.88 34.25 37.53
N VAL A 833 10.43 34.16 38.78
CA VAL A 833 10.25 32.89 39.51
C VAL A 833 8.76 32.52 39.59
N LEU A 834 8.44 31.28 39.23
CA LEU A 834 7.07 30.74 39.31
C LEU A 834 6.94 29.79 40.50
N GLY A 835 5.88 29.96 41.28
CA GLY A 835 5.49 29.09 42.38
C GLY A 835 4.03 28.66 42.22
N ASN A 836 3.75 27.35 42.25
CA ASN A 836 2.41 26.78 42.16
C ASN A 836 1.54 27.40 41.03
N GLY A 837 2.09 27.45 39.81
CA GLY A 837 1.40 27.94 38.63
C GLY A 837 1.23 29.46 38.53
N THR A 838 1.85 30.27 39.40
CA THR A 838 1.76 31.74 39.33
C THR A 838 3.08 32.44 39.63
N ILE A 839 3.21 33.70 39.23
CA ILE A 839 4.43 34.50 39.38
C ILE A 839 4.64 34.95 40.83
N VAL A 840 5.82 34.68 41.41
CA VAL A 840 6.16 35.00 42.81
C VAL A 840 6.96 36.29 42.94
N GLU A 841 8.02 36.45 42.14
CA GLU A 841 8.96 37.58 42.19
C GLU A 841 9.56 37.86 40.81
N LYS A 842 10.01 39.10 40.59
CA LYS A 842 10.55 39.59 39.31
C LYS A 842 11.66 40.63 39.51
N GLY A 843 12.67 40.62 38.65
CA GLY A 843 13.72 41.66 38.64
C GLY A 843 14.98 41.25 37.87
N SER A 844 15.99 42.11 37.85
CA SER A 844 17.33 41.74 37.35
C SER A 844 18.06 40.82 38.34
N TYR A 845 19.12 40.14 37.87
CA TYR A 845 19.88 39.19 38.68
C TYR A 845 20.41 39.80 39.99
N SER A 846 21.03 40.98 39.91
CA SER A 846 21.54 41.69 41.09
C SER A 846 20.42 42.17 42.02
N ALA A 847 19.28 42.60 41.48
CA ALA A 847 18.15 43.06 42.28
C ALA A 847 17.53 41.94 43.13
N LEU A 848 17.43 40.71 42.61
CA LEU A 848 16.96 39.54 43.38
C LEU A 848 17.87 39.26 44.59
N LEU A 849 19.19 39.36 44.43
CA LEU A 849 20.15 39.15 45.52
C LEU A 849 20.18 40.31 46.52
N ALA A 850 20.08 41.56 46.05
CA ALA A 850 19.99 42.74 46.92
C ALA A 850 18.69 42.77 47.74
N LYS A 851 17.57 42.33 47.16
CA LYS A 851 16.26 42.15 47.83
C LYS A 851 16.29 41.06 48.91
N LYS A 852 17.21 40.09 48.84
CA LYS A 852 17.27 38.88 49.68
C LYS A 852 15.97 38.06 49.65
N GLY A 853 15.39 37.89 48.47
CA GLY A 853 14.31 36.94 48.22
C GLY A 853 14.77 35.48 48.36
N GLU A 854 13.86 34.53 48.18
CA GLU A 854 14.17 33.09 48.33
C GLU A 854 15.29 32.61 47.39
N PHE A 855 15.42 33.25 46.21
CA PHE A 855 16.51 33.02 45.26
C PHE A 855 17.91 33.19 45.90
N ALA A 856 18.08 34.13 46.83
CA ALA A 856 19.38 34.37 47.48
C ALA A 856 19.86 33.19 48.33
N LYS A 857 18.94 32.40 48.89
CA LYS A 857 19.25 31.12 49.54
C LYS A 857 19.34 29.97 48.54
N ASN A 858 18.43 29.91 47.57
CA ASN A 858 18.36 28.82 46.59
C ASN A 858 19.58 28.75 45.66
N LEU A 859 20.16 29.90 45.29
CA LEU A 859 21.37 30.00 44.46
C LEU A 859 22.61 29.33 45.09
N LYS A 860 22.59 29.04 46.40
CA LYS A 860 23.63 28.26 47.07
C LYS A 860 23.82 26.84 46.48
N THR A 861 22.84 26.33 45.72
CA THR A 861 22.98 25.11 44.91
C THR A 861 24.07 25.17 43.84
N PHE A 862 24.56 26.37 43.47
CA PHE A 862 25.65 26.56 42.52
C PHE A 862 27.06 26.25 43.08
N LEU A 863 27.18 26.01 44.39
CA LEU A 863 28.46 25.73 45.05
C LEU A 863 29.12 24.43 44.56
N VAL A 962 13.45 -12.86 -9.47
CA VAL A 962 12.85 -13.27 -10.74
C VAL A 962 13.60 -14.45 -11.39
N LYS A 963 14.76 -14.83 -10.86
CA LYS A 963 15.50 -16.03 -11.25
C LYS A 963 14.78 -17.30 -10.80
N PHE A 964 14.74 -18.34 -11.62
CA PHE A 964 13.93 -19.53 -11.33
C PHE A 964 14.29 -20.24 -10.01
N SER A 965 15.55 -20.17 -9.56
CA SER A 965 15.96 -20.79 -8.30
C SER A 965 15.18 -20.26 -7.09
N ILE A 966 14.64 -19.04 -7.12
CA ILE A 966 13.81 -18.50 -6.02
C ILE A 966 12.45 -19.23 -5.94
N TYR A 967 11.86 -19.64 -7.06
CA TYR A 967 10.68 -20.49 -7.03
C TYR A 967 11.01 -21.84 -6.40
N LEU A 968 12.14 -22.44 -6.77
CA LEU A 968 12.58 -23.72 -6.20
C LEU A 968 12.87 -23.61 -4.69
N GLU A 969 13.45 -22.50 -4.20
CA GLU A 969 13.61 -22.24 -2.77
C GLU A 969 12.26 -22.26 -2.04
N TYR A 970 11.21 -21.65 -2.59
CA TYR A 970 9.89 -21.64 -1.97
C TYR A 970 9.21 -23.02 -2.01
N LEU A 971 9.30 -23.74 -3.13
CA LEU A 971 8.75 -25.09 -3.20
C LEU A 971 9.46 -26.06 -2.25
N GLN A 972 10.78 -25.95 -2.05
CA GLN A 972 11.47 -26.74 -1.04
C GLN A 972 11.08 -26.36 0.39
N ALA A 973 10.67 -25.12 0.66
CA ALA A 973 10.16 -24.71 1.96
C ALA A 973 8.78 -25.30 2.26
N ILE A 974 7.90 -25.43 1.27
CA ILE A 974 6.63 -26.18 1.41
C ILE A 974 6.92 -27.70 1.52
N GLY A 975 7.94 -28.18 0.80
CA GLY A 975 8.42 -29.56 0.81
C GLY A 975 7.88 -30.37 -0.37
N LEU A 976 8.79 -30.93 -1.17
CA LEU A 976 8.44 -31.55 -2.47
C LEU A 976 7.53 -32.78 -2.35
N PHE A 977 7.50 -33.44 -1.20
CA PHE A 977 6.56 -34.53 -0.95
C PHE A 977 5.09 -34.08 -0.96
N SER A 978 4.77 -32.93 -0.36
CA SER A 978 3.40 -32.38 -0.40
C SER A 978 3.02 -31.85 -1.78
N ILE A 979 3.95 -31.21 -2.51
CA ILE A 979 3.67 -30.73 -3.87
C ILE A 979 3.17 -31.86 -4.76
N PHE A 980 3.76 -33.05 -4.68
CA PHE A 980 3.37 -34.18 -5.51
C PHE A 980 1.89 -34.58 -5.29
N PHE A 981 1.46 -34.80 -4.04
CA PHE A 981 0.09 -35.21 -3.77
C PHE A 981 -0.93 -34.08 -3.94
N ILE A 982 -0.59 -32.82 -3.68
CA ILE A 982 -1.46 -31.69 -3.99
C ILE A 982 -1.70 -31.61 -5.50
N ILE A 983 -0.65 -31.70 -6.32
CA ILE A 983 -0.79 -31.71 -7.78
C ILE A 983 -1.57 -32.94 -8.26
N LEU A 984 -1.31 -34.12 -7.72
CA LEU A 984 -2.05 -35.33 -8.09
C LEU A 984 -3.57 -35.19 -7.81
N ALA A 985 -3.95 -34.63 -6.66
CA ALA A 985 -5.36 -34.40 -6.35
C ALA A 985 -6.01 -33.37 -7.30
N PHE A 986 -5.33 -32.28 -7.65
CA PHE A 986 -5.84 -31.36 -8.67
C PHE A 986 -5.98 -32.01 -10.05
N VAL A 987 -5.08 -32.90 -10.45
CA VAL A 987 -5.18 -33.62 -11.73
C VAL A 987 -6.33 -34.65 -11.70
N MET A 988 -6.55 -35.37 -10.61
CA MET A 988 -7.66 -36.32 -10.53
C MET A 988 -9.04 -35.63 -10.58
N ASN A 989 -9.18 -34.43 -10.02
CA ASN A 989 -10.36 -33.60 -10.22
C ASN A 989 -10.63 -33.30 -11.70
N SER A 990 -9.62 -32.90 -12.46
CA SER A 990 -9.76 -32.65 -13.90
C SER A 990 -10.24 -33.89 -14.67
N VAL A 991 -9.71 -35.07 -14.36
CA VAL A 991 -10.14 -36.33 -14.99
C VAL A 991 -11.59 -36.67 -14.67
N ALA A 992 -12.03 -36.52 -13.42
CA ALA A 992 -13.42 -36.76 -13.05
C ALA A 992 -14.39 -35.75 -13.70
N PHE A 993 -14.00 -34.48 -13.84
CA PHE A 993 -14.77 -33.47 -14.55
C PHE A 993 -14.99 -33.84 -16.02
N ILE A 994 -13.93 -34.21 -16.75
CA ILE A 994 -14.03 -34.68 -18.13
C ILE A 994 -14.94 -35.91 -18.21
N GLY A 995 -14.75 -36.89 -17.33
CA GLY A 995 -15.58 -38.09 -17.28
C GLY A 995 -17.07 -37.79 -17.10
N SER A 996 -17.42 -36.83 -16.24
CA SER A 996 -18.83 -36.48 -16.03
C SER A 996 -19.49 -35.82 -17.24
N ASN A 997 -18.76 -35.02 -18.02
CA ASN A 997 -19.28 -34.45 -19.26
C ASN A 997 -19.45 -35.51 -20.35
N LEU A 998 -18.51 -36.45 -20.48
CA LEU A 998 -18.66 -37.58 -21.39
C LEU A 998 -19.84 -38.48 -21.00
N TRP A 999 -20.07 -38.73 -19.71
CA TRP A 999 -21.22 -39.52 -19.28
C TRP A 999 -22.55 -38.83 -19.58
N LEU A 1000 -22.67 -37.52 -19.36
CA LEU A 1000 -23.89 -36.80 -19.71
C LEU A 1000 -24.16 -36.81 -21.22
N SER A 1001 -23.11 -36.66 -22.03
CA SER A 1001 -23.21 -36.79 -23.49
C SER A 1001 -23.72 -38.17 -23.92
N ALA A 1002 -23.35 -39.24 -23.21
CA ALA A 1002 -23.95 -40.55 -23.42
C ALA A 1002 -25.42 -40.58 -22.96
N TRP A 1003 -25.72 -40.10 -21.75
CA TRP A 1003 -27.07 -40.12 -21.17
C TRP A 1003 -28.11 -39.43 -22.05
N THR A 1004 -27.84 -38.23 -22.56
CA THR A 1004 -28.80 -37.54 -23.43
C THR A 1004 -29.06 -38.28 -24.73
N SER A 1005 -28.13 -39.09 -25.23
CA SER A 1005 -28.30 -39.82 -26.48
C SER A 1005 -29.34 -40.95 -26.37
N ASP A 1006 -29.66 -41.43 -25.17
CA ASP A 1006 -30.74 -42.40 -24.96
C ASP A 1006 -32.08 -41.87 -25.48
N SER A 1007 -32.29 -40.55 -25.48
CA SER A 1007 -33.53 -39.93 -25.95
C SER A 1007 -33.82 -40.14 -27.43
N LYS A 1008 -32.84 -40.57 -28.23
CA LYS A 1008 -33.02 -40.92 -29.66
C LYS A 1008 -33.26 -42.42 -29.89
N ILE A 1009 -33.04 -43.24 -28.86
CA ILE A 1009 -33.19 -44.70 -28.89
C ILE A 1009 -34.52 -45.12 -28.24
N PHE A 1010 -34.89 -44.51 -27.12
CA PHE A 1010 -36.10 -44.81 -26.36
C PHE A 1010 -37.13 -43.67 -26.45
N ASN A 1011 -38.23 -43.78 -25.70
CA ASN A 1011 -39.32 -42.80 -25.65
C ASN A 1011 -40.01 -42.84 -24.26
N SER A 1012 -40.98 -41.96 -24.04
CA SER A 1012 -41.67 -41.79 -22.74
C SER A 1012 -42.40 -43.03 -22.21
N THR A 1013 -42.70 -44.05 -23.03
CA THR A 1013 -43.30 -45.32 -22.57
C THR A 1013 -42.29 -46.46 -22.45
N ASP A 1014 -41.22 -46.45 -23.24
CA ASP A 1014 -40.39 -47.63 -23.48
C ASP A 1014 -39.04 -47.63 -22.76
N TYR A 1015 -38.62 -46.52 -22.15
CA TYR A 1015 -37.30 -46.39 -21.53
C TYR A 1015 -37.16 -47.29 -20.29
N PRO A 1016 -36.23 -48.27 -20.24
CA PRO A 1016 -36.15 -49.23 -19.13
C PRO A 1016 -35.84 -48.58 -17.79
N ALA A 1017 -36.58 -48.95 -16.73
CA ALA A 1017 -36.35 -48.39 -15.40
C ALA A 1017 -34.96 -48.76 -14.83
N SER A 1018 -34.43 -49.92 -15.18
CA SER A 1018 -33.06 -50.31 -14.83
C SER A 1018 -32.03 -49.39 -15.46
N GLN A 1019 -32.21 -48.98 -16.72
CA GLN A 1019 -31.31 -48.04 -17.38
C GLN A 1019 -31.43 -46.63 -16.81
N ARG A 1020 -32.65 -46.14 -16.56
CA ARG A 1020 -32.86 -44.84 -15.91
C ARG A 1020 -32.09 -44.75 -14.57
N ASP A 1021 -32.25 -45.74 -13.70
CA ASP A 1021 -31.59 -45.74 -12.39
C ASP A 1021 -30.07 -45.91 -12.51
N MET A 1022 -29.59 -46.64 -13.51
CA MET A 1022 -28.16 -46.79 -13.80
C MET A 1022 -27.53 -45.50 -14.34
N ARG A 1023 -28.21 -44.76 -15.22
CA ARG A 1023 -27.76 -43.45 -15.73
C ARG A 1023 -27.65 -42.42 -14.61
N VAL A 1024 -28.65 -42.31 -13.75
CA VAL A 1024 -28.66 -41.40 -12.59
C VAL A 1024 -27.58 -41.76 -11.58
N GLY A 1025 -27.39 -43.04 -11.28
CA GLY A 1025 -26.46 -43.50 -10.25
C GLY A 1025 -25.01 -43.08 -10.47
N VAL A 1026 -24.43 -43.37 -11.63
CA VAL A 1026 -23.01 -43.07 -11.87
C VAL A 1026 -22.75 -41.59 -12.19
N TYR A 1027 -23.77 -40.81 -12.59
CA TYR A 1027 -23.62 -39.35 -12.68
C TYR A 1027 -23.45 -38.73 -11.30
N GLY A 1028 -24.22 -39.18 -10.30
CA GLY A 1028 -24.02 -38.81 -8.91
C GLY A 1028 -22.66 -39.26 -8.37
N ALA A 1029 -22.17 -40.43 -8.76
CA ALA A 1029 -20.85 -40.91 -8.34
C ALA A 1029 -19.69 -40.05 -8.87
N LEU A 1030 -19.70 -39.69 -10.16
CA LEU A 1030 -18.71 -38.79 -10.74
C LEU A 1030 -18.80 -37.36 -10.18
N GLY A 1031 -19.99 -36.92 -9.77
CA GLY A 1031 -20.17 -35.67 -9.02
C GLY A 1031 -19.52 -35.70 -7.64
N LEU A 1032 -19.66 -36.80 -6.90
CA LEU A 1032 -19.00 -36.98 -5.60
C LEU A 1032 -17.48 -37.10 -5.73
N ALA A 1033 -16.97 -37.84 -6.73
CA ALA A 1033 -15.54 -38.07 -6.90
C ALA A 1033 -14.75 -36.76 -7.05
N GLN A 1034 -15.21 -35.84 -7.88
CA GLN A 1034 -14.54 -34.54 -8.01
C GLN A 1034 -14.70 -33.66 -6.77
N GLY A 1035 -15.79 -33.80 -6.00
CA GLY A 1035 -15.91 -33.17 -4.68
C GLY A 1035 -14.84 -33.64 -3.70
N ILE A 1036 -14.56 -34.94 -3.64
CA ILE A 1036 -13.54 -35.51 -2.77
C ILE A 1036 -12.14 -35.02 -3.16
N PHE A 1037 -11.75 -35.10 -4.42
CA PHE A 1037 -10.42 -34.66 -4.85
C PHE A 1037 -10.20 -33.16 -4.66
N VAL A 1038 -11.18 -32.31 -4.95
CA VAL A 1038 -11.06 -30.87 -4.71
C VAL A 1038 -10.92 -30.55 -3.22
N PHE A 1039 -11.67 -31.23 -2.34
CA PHE A 1039 -11.50 -31.03 -0.90
C PHE A 1039 -10.10 -31.45 -0.43
N ILE A 1040 -9.61 -32.62 -0.84
CA ILE A 1040 -8.27 -33.10 -0.46
C ILE A 1040 -7.19 -32.13 -0.92
N ALA A 1041 -7.25 -31.64 -2.16
CA ALA A 1041 -6.27 -30.69 -2.68
C ALA A 1041 -6.23 -29.38 -1.88
N HIS A 1042 -7.37 -28.73 -1.67
CA HIS A 1042 -7.43 -27.47 -0.91
C HIS A 1042 -7.02 -27.66 0.55
N PHE A 1043 -7.56 -28.66 1.23
CA PHE A 1043 -7.32 -28.84 2.66
C PHE A 1043 -5.87 -29.23 2.99
N TRP A 1044 -5.22 -30.06 2.16
CA TRP A 1044 -3.79 -30.36 2.33
C TRP A 1044 -2.93 -29.11 2.12
N SER A 1045 -3.23 -28.30 1.11
CA SER A 1045 -2.43 -27.10 0.82
C SER A 1045 -2.34 -26.10 1.98
N ALA A 1046 -3.35 -26.01 2.85
CA ALA A 1046 -3.33 -25.13 4.01
C ALA A 1046 -2.21 -25.48 5.00
N PHE A 1047 -1.94 -26.76 5.25
CA PHE A 1047 -0.80 -27.19 6.06
C PHE A 1047 0.53 -26.91 5.37
N GLY A 1048 0.61 -27.07 4.04
CA GLY A 1048 1.82 -26.80 3.27
C GLY A 1048 2.26 -25.34 3.34
N PHE A 1049 1.36 -24.39 3.06
CA PHE A 1049 1.71 -22.97 3.09
C PHE A 1049 1.98 -22.44 4.50
N VAL A 1050 1.32 -22.96 5.54
CA VAL A 1050 1.65 -22.59 6.93
C VAL A 1050 2.99 -23.17 7.35
N HIS A 1051 3.39 -24.35 6.88
CA HIS A 1051 4.72 -24.88 7.14
C HIS A 1051 5.82 -24.00 6.54
N ALA A 1052 5.70 -23.57 5.28
CA ALA A 1052 6.65 -22.64 4.69
C ALA A 1052 6.72 -21.32 5.46
N SER A 1053 5.58 -20.81 5.91
CA SER A 1053 5.57 -19.50 6.62
C SER A 1053 6.43 -19.62 7.88
N ASN A 1054 6.39 -20.77 8.56
CA ASN A 1054 7.18 -20.97 9.80
C ASN A 1054 8.66 -21.06 9.45
N ILE A 1055 9.03 -21.99 8.56
CA ILE A 1055 10.44 -22.19 8.22
C ILE A 1055 11.14 -20.90 7.81
N LEU A 1056 10.56 -20.09 6.91
CA LEU A 1056 11.23 -18.87 6.43
C LEU A 1056 11.49 -17.87 7.56
N HIS A 1057 10.54 -17.68 8.46
CA HIS A 1057 10.78 -16.76 9.62
C HIS A 1057 11.85 -17.34 10.54
N LYS A 1058 11.74 -18.62 10.89
CA LYS A 1058 12.67 -19.25 11.84
C LYS A 1058 14.11 -19.17 11.36
N GLN A 1059 14.37 -19.36 10.07
CA GLN A 1059 15.71 -19.24 9.50
C GLN A 1059 16.19 -17.79 9.37
N LEU A 1060 15.30 -16.84 9.05
CA LEU A 1060 15.71 -15.42 8.98
C LEU A 1060 16.15 -14.94 10.36
N LEU A 1061 15.33 -15.12 11.39
CA LEU A 1061 15.65 -14.63 12.73
C LEU A 1061 16.95 -15.23 13.27
N ASN A 1062 17.15 -16.53 13.11
CA ASN A 1062 18.37 -17.19 13.59
C ASN A 1062 19.64 -16.68 12.88
N ASN A 1063 19.57 -16.31 11.60
CA ASN A 1063 20.74 -15.72 10.94
C ASN A 1063 20.99 -14.28 11.41
N ILE A 1064 19.96 -13.40 11.42
CA ILE A 1064 20.14 -12.00 11.79
C ILE A 1064 20.79 -11.84 13.18
N LEU A 1065 20.38 -12.61 14.18
CA LEU A 1065 20.96 -12.50 15.52
C LEU A 1065 22.44 -12.94 15.58
N ARG A 1066 22.91 -13.73 14.62
CA ARG A 1066 24.32 -14.17 14.49
C ARG A 1066 25.16 -13.28 13.57
N ALA A 1067 24.60 -12.24 12.95
CA ALA A 1067 25.34 -11.37 12.05
C ALA A 1067 26.45 -10.58 12.79
N PRO A 1068 27.60 -10.30 12.16
CA PRO A 1068 28.68 -9.52 12.74
C PRO A 1068 28.31 -8.03 12.77
N MET A 1069 28.92 -7.26 13.68
CA MET A 1069 28.51 -5.86 13.91
C MET A 1069 28.69 -4.95 12.68
N ARG A 1070 29.55 -5.36 11.75
CA ARG A 1070 29.68 -4.58 10.48
C ARG A 1070 28.31 -4.50 9.79
N PHE A 1071 27.57 -5.62 9.74
CA PHE A 1071 26.27 -5.63 9.06
C PHE A 1071 25.35 -4.54 9.58
N PHE A 1072 25.21 -4.42 10.90
CA PHE A 1072 24.34 -3.45 11.54
C PHE A 1072 24.85 -2.00 11.43
N ASP A 1073 26.16 -1.79 11.35
CA ASP A 1073 26.73 -0.46 11.08
C ASP A 1073 26.48 0.00 9.65
N THR A 1074 26.62 -0.89 8.65
CA THR A 1074 26.47 -0.53 7.23
C THR A 1074 25.01 -0.52 6.74
N THR A 1075 24.07 -1.15 7.46
CA THR A 1075 22.66 -1.28 7.02
C THR A 1075 21.72 -0.43 7.91
N PRO A 1076 20.87 0.44 7.36
CA PRO A 1076 19.93 1.23 8.17
C PRO A 1076 18.83 0.34 8.76
N THR A 1077 18.45 0.57 10.03
CA THR A 1077 17.59 -0.36 10.78
C THR A 1077 16.20 -0.55 10.16
N GLY A 1078 15.62 0.48 9.57
CA GLY A 1078 14.32 0.37 8.88
C GLY A 1078 14.34 -0.61 7.70
N ARG A 1079 15.49 -0.76 7.04
CA ARG A 1079 15.57 -1.76 5.96
C ARG A 1079 15.37 -3.16 6.56
N ILE A 1080 16.11 -3.50 7.61
CA ILE A 1080 16.02 -4.87 8.21
C ILE A 1080 14.60 -5.11 8.73
N VAL A 1081 13.98 -4.10 9.37
CA VAL A 1081 12.63 -4.28 9.97
C VAL A 1081 11.63 -4.62 8.86
N ASN A 1082 11.77 -4.01 7.68
CA ASN A 1082 10.79 -4.24 6.59
C ASN A 1082 10.77 -5.73 6.22
N ARG A 1083 11.95 -6.38 6.19
CA ARG A 1083 12.02 -7.82 5.82
C ARG A 1083 11.24 -8.64 6.86
N PHE A 1084 11.27 -8.23 8.12
CA PHE A 1084 10.58 -8.98 9.20
C PHE A 1084 9.11 -8.57 9.28
N ALA A 1085 8.72 -7.53 8.56
CA ALA A 1085 7.33 -7.02 8.66
C ALA A 1085 6.56 -7.29 7.36
N GLY A 1086 6.75 -6.44 6.35
CA GLY A 1086 5.99 -6.57 5.10
C GLY A 1086 6.26 -7.88 4.38
N ASP A 1087 7.52 -8.28 4.23
CA ASP A 1087 7.83 -9.50 3.44
C ASP A 1087 7.20 -10.72 4.10
N ILE A 1088 7.45 -10.92 5.40
CA ILE A 1088 6.89 -12.11 6.12
C ILE A 1088 5.37 -12.08 5.96
N SER A 1089 4.78 -10.89 5.92
CA SER A 1089 3.32 -10.78 5.75
C SER A 1089 2.87 -11.12 4.33
N THR A 1090 3.67 -10.78 3.32
CA THR A 1090 3.40 -11.14 1.92
C THR A 1090 3.49 -12.64 1.72
N VAL A 1091 4.57 -13.25 2.21
CA VAL A 1091 4.79 -14.70 2.12
C VAL A 1091 3.70 -15.51 2.82
N ASP A 1092 3.13 -15.00 3.91
CA ASP A 1092 2.15 -15.84 4.66
C ASP A 1092 0.70 -15.42 4.36
N ASP A 1093 0.48 -14.47 3.46
CA ASP A 1093 -0.91 -13.97 3.24
C ASP A 1093 -1.32 -14.13 1.77
N THR A 1094 -1.07 -13.12 0.94
CA THR A 1094 -1.53 -13.16 -0.48
C THR A 1094 -0.81 -14.27 -1.26
N LEU A 1095 0.52 -14.36 -1.13
CA LEU A 1095 1.30 -15.35 -1.93
C LEU A 1095 0.52 -16.67 -2.03
N PRO A 1096 0.18 -17.37 -0.92
CA PRO A 1096 -0.49 -18.68 -0.98
C PRO A 1096 -1.73 -18.74 -1.88
N GLN A 1097 -2.63 -17.77 -1.78
CA GLN A 1097 -3.88 -17.78 -2.55
C GLN A 1097 -3.67 -17.51 -4.05
N SER A 1098 -2.57 -16.86 -4.43
CA SER A 1098 -2.21 -16.64 -5.83
C SER A 1098 -1.76 -17.94 -6.49
N LEU A 1099 -0.90 -18.72 -5.83
CA LEU A 1099 -0.44 -20.02 -6.34
C LEU A 1099 -1.60 -21.02 -6.48
N ARG A 1100 -2.51 -21.04 -5.51
CA ARG A 1100 -3.69 -21.94 -5.58
C ARG A 1100 -4.55 -21.56 -6.79
N SER A 1101 -4.85 -20.26 -6.96
CA SER A 1101 -5.68 -19.80 -8.08
C SER A 1101 -5.06 -20.11 -9.44
N TRP A 1102 -3.74 -20.03 -9.59
CA TRP A 1102 -3.06 -20.26 -10.87
C TRP A 1102 -3.26 -21.70 -11.36
N ILE A 1103 -2.95 -22.70 -10.54
CA ILE A 1103 -3.06 -24.11 -10.92
C ILE A 1103 -4.52 -24.50 -11.22
N THR A 1104 -5.48 -23.89 -10.53
CA THR A 1104 -6.91 -24.09 -10.76
C THR A 1104 -7.33 -23.57 -12.14
N CYS A 1105 -6.87 -22.39 -12.55
CA CYS A 1105 -7.15 -21.86 -13.90
C CYS A 1105 -6.43 -22.65 -15.00
N PHE A 1106 -5.16 -23.01 -14.78
CA PHE A 1106 -4.37 -23.74 -15.78
C PHE A 1106 -5.00 -25.08 -16.11
N LEU A 1107 -5.35 -25.91 -15.13
CA LEU A 1107 -6.00 -27.19 -15.40
C LEU A 1107 -7.42 -27.03 -15.96
N GLY A 1108 -8.13 -25.95 -15.68
CA GLY A 1108 -9.42 -25.65 -16.29
C GLY A 1108 -9.32 -25.44 -17.81
N ILE A 1109 -8.32 -24.68 -18.28
CA ILE A 1109 -8.07 -24.46 -19.70
C ILE A 1109 -7.67 -25.76 -20.40
N ILE A 1110 -6.68 -26.48 -19.86
CA ILE A 1110 -6.22 -27.75 -20.45
C ILE A 1110 -7.33 -28.78 -20.52
N SER A 1111 -8.16 -28.92 -19.48
CA SER A 1111 -9.32 -29.82 -19.52
C SER A 1111 -10.29 -29.47 -20.66
N THR A 1112 -10.52 -28.17 -20.90
CA THR A 1112 -11.45 -27.72 -21.92
C THR A 1112 -10.90 -27.95 -23.33
N LEU A 1113 -9.64 -27.62 -23.58
CA LEU A 1113 -9.02 -27.82 -24.90
C LEU A 1113 -8.96 -29.31 -25.27
N VAL A 1114 -8.74 -30.20 -24.30
CA VAL A 1114 -8.78 -31.65 -24.53
C VAL A 1114 -10.16 -32.10 -25.01
N MET A 1115 -11.25 -31.67 -24.35
CA MET A 1115 -12.61 -32.06 -24.76
C MET A 1115 -12.98 -31.56 -26.16
N ILE A 1116 -12.59 -30.35 -26.56
CA ILE A 1116 -12.88 -29.83 -27.90
C ILE A 1116 -12.12 -30.65 -28.97
N CYS A 1117 -10.83 -30.89 -28.80
CA CYS A 1117 -10.01 -31.65 -29.76
C CYS A 1117 -10.40 -33.13 -29.81
N MET A 1118 -10.88 -33.70 -28.70
CA MET A 1118 -11.45 -35.05 -28.66
C MET A 1118 -12.74 -35.16 -29.48
N ALA A 1119 -13.58 -34.13 -29.51
CA ALA A 1119 -14.81 -34.12 -30.30
C ALA A 1119 -14.58 -33.88 -31.80
N THR A 1120 -13.76 -32.89 -32.17
CA THR A 1120 -13.43 -32.55 -33.57
C THR A 1120 -11.93 -32.28 -33.72
N PRO A 1121 -11.10 -33.28 -34.05
CA PRO A 1121 -9.64 -33.13 -33.98
C PRO A 1121 -9.05 -32.13 -34.97
N VAL A 1122 -9.77 -31.79 -36.05
CA VAL A 1122 -9.44 -30.67 -36.94
C VAL A 1122 -9.23 -29.34 -36.19
N PHE A 1123 -9.87 -29.13 -35.04
CA PHE A 1123 -9.68 -27.92 -34.24
C PHE A 1123 -8.24 -27.74 -33.74
N THR A 1124 -7.44 -28.81 -33.67
CA THR A 1124 -6.01 -28.70 -33.30
C THR A 1124 -5.23 -27.80 -34.25
N ILE A 1125 -5.64 -27.65 -35.52
CA ILE A 1125 -4.99 -26.72 -36.46
C ILE A 1125 -5.29 -25.26 -36.08
N ILE A 1126 -6.45 -24.98 -35.48
CA ILE A 1126 -6.86 -23.63 -35.04
C ILE A 1126 -6.24 -23.26 -33.69
N VAL A 1127 -5.92 -24.25 -32.84
CA VAL A 1127 -5.28 -24.02 -31.52
C VAL A 1127 -3.89 -23.41 -31.63
N ILE A 1128 -3.07 -23.77 -32.63
CA ILE A 1128 -1.70 -23.23 -32.74
C ILE A 1128 -1.69 -21.71 -33.00
N PRO A 1129 -2.39 -21.16 -34.01
CA PRO A 1129 -2.48 -19.72 -34.22
C PRO A 1129 -2.96 -18.94 -33.00
N LEU A 1130 -4.05 -19.37 -32.35
CA LEU A 1130 -4.56 -18.67 -31.16
C LEU A 1130 -3.61 -18.80 -29.97
N GLY A 1131 -2.92 -19.93 -29.81
CA GLY A 1131 -1.90 -20.11 -28.76
C GLY A 1131 -0.70 -19.17 -28.92
N ILE A 1132 -0.28 -18.87 -30.14
CA ILE A 1132 0.79 -17.91 -30.44
C ILE A 1132 0.38 -16.47 -30.11
N ILE A 1133 -0.88 -16.10 -30.37
CA ILE A 1133 -1.42 -14.81 -29.92
C ILE A 1133 -1.46 -14.74 -28.39
N TYR A 1134 -2.00 -15.77 -27.73
CA TYR A 1134 -2.16 -15.79 -26.28
C TYR A 1134 -0.83 -15.61 -25.53
N VAL A 1135 0.20 -16.38 -25.88
CA VAL A 1135 1.50 -16.27 -25.20
C VAL A 1135 2.21 -14.94 -25.49
N SER A 1136 1.98 -14.33 -26.66
CA SER A 1136 2.51 -13.00 -26.99
C SER A 1136 1.85 -11.91 -26.15
N VAL A 1137 0.52 -11.90 -26.02
CA VAL A 1137 -0.21 -10.94 -25.19
C VAL A 1137 0.20 -11.06 -23.71
N GLN A 1138 0.39 -12.27 -23.20
CA GLN A 1138 0.93 -12.49 -21.86
C GLN A 1138 2.31 -11.84 -21.68
N MET A 1139 3.23 -12.07 -22.61
CA MET A 1139 4.60 -11.57 -22.53
C MET A 1139 4.68 -10.04 -22.48
N PHE A 1140 3.90 -9.33 -23.30
CA PHE A 1140 3.85 -7.88 -23.30
C PHE A 1140 3.18 -7.31 -22.05
N TYR A 1141 2.11 -7.92 -21.55
CA TYR A 1141 1.44 -7.49 -20.33
C TYR A 1141 2.32 -7.66 -19.10
N VAL A 1142 2.82 -8.87 -18.85
CA VAL A 1142 3.53 -9.22 -17.61
C VAL A 1142 4.84 -8.45 -17.46
N SER A 1143 5.44 -8.01 -18.56
CA SER A 1143 6.64 -7.17 -18.55
C SER A 1143 6.37 -5.74 -18.06
N THR A 1144 5.13 -5.26 -18.15
CA THR A 1144 4.75 -3.89 -17.80
C THR A 1144 4.04 -3.82 -16.45
N SER A 1145 3.07 -4.70 -16.21
CA SER A 1145 2.27 -4.67 -14.99
C SER A 1145 3.10 -4.89 -13.73
N ARG A 1146 4.08 -5.79 -13.78
CA ARG A 1146 5.06 -6.05 -12.71
C ARG A 1146 5.83 -4.80 -12.31
N GLN A 1147 6.20 -3.96 -13.27
CA GLN A 1147 6.89 -2.70 -13.00
C GLN A 1147 5.95 -1.67 -12.39
N LEU A 1148 4.72 -1.53 -12.88
CA LEU A 1148 3.74 -0.62 -12.29
C LEU A 1148 3.35 -1.02 -10.86
N ARG A 1149 3.24 -2.32 -10.55
CA ARG A 1149 3.00 -2.79 -9.17
C ARG A 1149 4.17 -2.49 -8.23
N ARG A 1150 5.41 -2.63 -8.67
CA ARG A 1150 6.59 -2.18 -7.91
C ARG A 1150 6.54 -0.67 -7.69
N LEU A 1151 6.28 0.09 -8.74
CA LEU A 1151 6.32 1.55 -8.74
C LEU A 1151 5.21 2.17 -7.87
N ASP A 1152 4.04 1.54 -7.79
CA ASP A 1152 2.99 1.80 -6.81
C ASP A 1152 3.48 1.51 -5.37
N SER A 1153 3.98 0.30 -5.14
CA SER A 1153 4.39 -0.15 -3.80
C SER A 1153 5.48 0.73 -3.17
N VAL A 1154 6.46 1.22 -3.94
CA VAL A 1154 7.50 2.13 -3.39
C VAL A 1154 7.02 3.55 -3.15
N THR A 1155 5.95 4.00 -3.82
CA THR A 1155 5.48 5.40 -3.75
C THR A 1155 4.27 5.61 -2.82
N ARG A 1156 3.66 4.55 -2.31
CA ARG A 1156 2.55 4.64 -1.34
C ARG A 1156 3.00 4.92 0.09
N SER A 1157 4.02 4.23 0.60
CA SER A 1157 4.50 4.39 1.98
C SER A 1157 4.89 5.83 2.38
N PRO A 1158 5.50 6.66 1.52
CA PRO A 1158 5.77 8.06 1.82
C PRO A 1158 4.56 8.90 2.24
N ILE A 1159 3.34 8.51 1.88
CA ILE A 1159 2.13 9.22 2.32
C ILE A 1159 1.93 9.02 3.83
N TYR A 1160 2.08 7.79 4.32
CA TYR A 1160 1.84 7.45 5.71
C TYR A 1160 3.01 7.87 6.62
N SER A 1161 4.25 7.80 6.16
CA SER A 1161 5.38 8.30 6.96
C SER A 1161 5.35 9.82 7.08
N HIS A 1162 4.97 10.56 6.03
CA HIS A 1162 4.75 11.99 6.12
C HIS A 1162 3.58 12.34 7.04
N PHE A 1163 2.47 11.58 7.03
CA PHE A 1163 1.37 11.82 7.95
C PHE A 1163 1.78 11.57 9.41
N SER A 1164 2.48 10.47 9.70
CA SER A 1164 3.04 10.18 11.02
C SER A 1164 3.98 11.28 11.50
N GLU A 1165 4.86 11.75 10.61
CA GLU A 1165 5.81 12.82 10.87
C GLU A 1165 5.11 14.15 11.19
N THR A 1166 4.09 14.56 10.43
CA THR A 1166 3.39 15.81 10.72
C THR A 1166 2.53 15.73 11.97
N VAL A 1167 1.87 14.60 12.26
CA VAL A 1167 1.06 14.46 13.48
C VAL A 1167 1.93 14.52 14.73
N SER A 1168 3.16 14.02 14.65
CA SER A 1168 4.14 14.13 15.73
C SER A 1168 4.66 15.56 15.94
N GLY A 1169 4.54 16.43 14.95
CA GLY A 1169 5.18 17.76 14.90
C GLY A 1169 4.23 18.95 14.96
N LEU A 1170 2.93 18.74 15.18
CA LEU A 1170 1.90 19.79 15.07
C LEU A 1170 2.23 21.11 15.80
N PRO A 1171 2.68 21.14 17.07
CA PRO A 1171 2.93 22.41 17.75
C PRO A 1171 4.11 23.18 17.14
N VAL A 1172 5.10 22.50 16.55
CA VAL A 1172 6.19 23.15 15.83
C VAL A 1172 5.70 23.74 14.51
N ILE A 1173 4.94 22.97 13.73
CA ILE A 1173 4.41 23.41 12.43
C ILE A 1173 3.48 24.63 12.60
N ARG A 1174 2.67 24.61 13.66
CA ARG A 1174 1.77 25.76 13.94
C ARG A 1174 2.60 26.97 14.40
N ALA A 1175 3.56 26.77 15.32
CA ALA A 1175 4.33 27.90 15.83
C ALA A 1175 5.01 28.71 14.70
N PHE A 1176 5.51 28.04 13.67
CA PHE A 1176 6.07 28.69 12.47
C PHE A 1176 5.02 29.10 11.41
N GLU A 1177 3.73 28.83 11.59
CA GLU A 1177 2.64 29.12 10.64
C GLU A 1177 2.78 28.42 9.26
N HIS A 1178 3.40 27.22 9.21
CA HIS A 1178 3.73 26.52 7.96
C HIS A 1178 2.63 25.62 7.37
N GLN A 1179 1.38 25.66 7.85
CA GLN A 1179 0.34 24.72 7.44
C GLN A 1179 0.15 24.63 5.91
N GLN A 1180 0.14 25.74 5.18
CA GLN A 1180 -0.06 25.72 3.72
C GLN A 1180 1.04 24.98 2.96
N ARG A 1181 2.29 25.10 3.44
CA ARG A 1181 3.41 24.35 2.82
C ARG A 1181 3.16 22.85 3.02
N PHE A 1182 2.82 22.43 4.25
CA PHE A 1182 2.60 21.02 4.56
C PHE A 1182 1.39 20.44 3.81
N LEU A 1183 0.29 21.18 3.67
CA LEU A 1183 -0.86 20.75 2.87
C LEU A 1183 -0.43 20.50 1.42
N LYS A 1184 0.30 21.42 0.78
CA LYS A 1184 0.76 21.20 -0.60
C LYS A 1184 1.68 19.98 -0.72
N HIS A 1185 2.52 19.72 0.26
CA HIS A 1185 3.42 18.58 0.21
C HIS A 1185 2.65 17.25 0.30
N ASN A 1186 1.59 17.17 1.09
CA ASN A 1186 0.70 16.00 1.09
C ASN A 1186 0.02 15.79 -0.28
N GLU A 1187 -0.51 16.85 -0.90
CA GLU A 1187 -1.16 16.77 -2.21
C GLU A 1187 -0.21 16.25 -3.28
N VAL A 1188 1.06 16.68 -3.29
CA VAL A 1188 2.08 16.17 -4.21
C VAL A 1188 2.31 14.68 -4.04
N ARG A 1189 2.33 14.21 -2.79
CA ARG A 1189 2.54 12.76 -2.51
C ARG A 1189 1.35 11.96 -3.05
N ILE A 1190 0.13 12.33 -2.66
CA ILE A 1190 -1.07 11.60 -3.09
C ILE A 1190 -1.17 11.59 -4.62
N ASP A 1191 -1.02 12.73 -5.30
CA ASP A 1191 -1.05 12.77 -6.77
C ASP A 1191 0.03 11.90 -7.42
N THR A 1192 1.23 11.83 -6.86
CA THR A 1192 2.31 11.00 -7.39
C THR A 1192 2.01 9.50 -7.30
N ASN A 1193 1.34 9.04 -6.24
CA ASN A 1193 0.89 7.66 -6.13
C ASN A 1193 -0.31 7.37 -7.06
N GLN A 1194 -1.24 8.31 -7.14
CA GLN A 1194 -2.49 8.15 -7.87
C GLN A 1194 -2.29 7.77 -9.34
N LYS A 1195 -1.28 8.33 -10.03
CA LYS A 1195 -0.99 7.98 -11.43
C LYS A 1195 -0.44 6.57 -11.63
N CYS A 1196 0.28 6.00 -10.67
CA CYS A 1196 0.75 4.61 -10.74
C CYS A 1196 -0.42 3.63 -10.63
N VAL A 1197 -1.35 3.86 -9.70
CA VAL A 1197 -2.54 3.02 -9.55
C VAL A 1197 -3.43 3.12 -10.79
N PHE A 1198 -3.73 4.33 -11.27
CA PHE A 1198 -4.62 4.49 -12.41
C PHE A 1198 -4.06 3.93 -13.73
N SER A 1199 -2.76 4.06 -13.97
CA SER A 1199 -2.13 3.43 -15.15
C SER A 1199 -2.01 1.92 -15.03
N TRP A 1200 -1.92 1.34 -13.82
CA TRP A 1200 -2.05 -0.11 -13.63
C TRP A 1200 -3.47 -0.60 -13.87
N ILE A 1201 -4.49 0.08 -13.34
CA ILE A 1201 -5.90 -0.21 -13.63
C ILE A 1201 -6.14 -0.21 -15.13
N THR A 1202 -5.62 0.79 -15.85
CA THR A 1202 -5.79 0.84 -17.32
C THR A 1202 -5.11 -0.36 -17.97
N SER A 1203 -3.93 -0.75 -17.49
CA SER A 1203 -3.17 -1.85 -18.09
C SER A 1203 -3.93 -3.16 -18.09
N ASN A 1204 -4.77 -3.44 -17.10
CA ASN A 1204 -5.57 -4.67 -17.10
C ASN A 1204 -6.94 -4.53 -17.82
N ARG A 1205 -7.27 -3.33 -18.27
CA ARG A 1205 -8.49 -3.17 -19.12
C ARG A 1205 -8.01 -3.43 -20.55
N TRP A 1206 -6.75 -3.10 -20.86
CA TRP A 1206 -6.16 -3.39 -22.19
C TRP A 1206 -6.05 -4.90 -22.35
N LEU A 1207 -5.38 -5.56 -21.40
CA LEU A 1207 -5.28 -7.02 -21.42
C LEU A 1207 -6.61 -7.69 -21.74
N ALA A 1208 -7.67 -7.31 -21.03
CA ALA A 1208 -8.94 -8.00 -21.10
C ALA A 1208 -9.57 -7.95 -22.49
N ILE A 1209 -9.43 -6.82 -23.19
CA ILE A 1209 -9.96 -6.74 -24.59
C ILE A 1209 -9.30 -7.84 -25.46
N ARG A 1210 -7.99 -8.00 -25.39
CA ARG A 1210 -7.29 -8.99 -26.22
C ARG A 1210 -7.67 -10.41 -25.82
N LEU A 1211 -7.65 -10.74 -24.54
CA LEU A 1211 -7.92 -12.11 -24.10
C LEU A 1211 -9.39 -12.51 -24.17
N GLU A 1212 -10.35 -11.60 -23.98
CA GLU A 1212 -11.75 -11.88 -24.28
C GLU A 1212 -12.01 -12.03 -25.78
N LEU A 1213 -11.26 -11.33 -26.64
CA LEU A 1213 -11.36 -11.53 -28.09
C LEU A 1213 -10.77 -12.89 -28.52
N VAL A 1214 -9.62 -13.29 -27.99
CA VAL A 1214 -9.07 -14.64 -28.22
C VAL A 1214 -10.05 -15.70 -27.74
N GLY A 1215 -10.65 -15.53 -26.57
CA GLY A 1215 -11.69 -16.42 -26.07
C GLY A 1215 -12.90 -16.49 -27.00
N ASN A 1216 -13.44 -15.35 -27.45
CA ASN A 1216 -14.57 -15.28 -28.38
C ASN A 1216 -14.27 -16.00 -29.71
N LEU A 1217 -13.07 -15.88 -30.25
CA LEU A 1217 -12.68 -16.62 -31.46
C LEU A 1217 -12.66 -18.13 -31.25
N THR A 1218 -12.33 -18.67 -30.07
CA THR A 1218 -12.41 -20.12 -29.87
C THR A 1218 -13.84 -20.64 -30.03
N VAL A 1219 -14.86 -19.93 -29.52
CA VAL A 1219 -16.26 -20.36 -29.72
C VAL A 1219 -16.74 -20.09 -31.14
N PHE A 1220 -16.33 -19.02 -31.82
CA PHE A 1220 -16.76 -18.79 -33.20
C PHE A 1220 -16.21 -19.86 -34.14
N PHE A 1221 -14.91 -20.13 -34.14
CA PHE A 1221 -14.36 -21.16 -35.01
C PHE A 1221 -14.86 -22.56 -34.63
N SER A 1222 -15.04 -22.85 -33.33
CA SER A 1222 -15.63 -24.12 -32.90
C SER A 1222 -17.06 -24.29 -33.43
N ALA A 1223 -17.92 -23.27 -33.34
CA ALA A 1223 -19.26 -23.33 -33.90
C ALA A 1223 -19.23 -23.53 -35.42
N LEU A 1224 -18.35 -22.85 -36.17
CA LEU A 1224 -18.25 -23.04 -37.62
C LEU A 1224 -17.83 -24.46 -38.00
N MET A 1225 -16.86 -25.09 -37.31
CA MET A 1225 -16.49 -26.47 -37.59
C MET A 1225 -17.72 -27.39 -37.52
N MET A 1226 -18.57 -27.19 -36.52
CA MET A 1226 -19.73 -28.04 -36.32
C MET A 1226 -20.92 -27.70 -37.23
N VAL A 1227 -20.89 -26.59 -37.97
CA VAL A 1227 -21.80 -26.34 -39.08
C VAL A 1227 -21.30 -26.99 -40.36
N ILE A 1228 -20.00 -26.93 -40.68
CA ILE A 1228 -19.49 -27.54 -41.92
C ILE A 1228 -19.43 -29.07 -41.87
N TYR A 1229 -19.34 -29.68 -40.69
CA TYR A 1229 -19.35 -31.14 -40.50
C TYR A 1229 -20.70 -31.70 -40.00
N ARG A 1230 -21.84 -31.06 -40.27
CA ARG A 1230 -23.14 -31.48 -39.71
C ARG A 1230 -23.60 -32.88 -40.11
N ASP A 1231 -23.03 -33.45 -41.16
CA ASP A 1231 -23.31 -34.82 -41.62
C ASP A 1231 -22.74 -35.91 -40.70
N THR A 1232 -21.76 -35.59 -39.86
CA THR A 1232 -21.01 -36.57 -39.04
C THR A 1232 -20.96 -36.18 -37.56
N LEU A 1233 -21.95 -35.42 -37.09
CA LEU A 1233 -22.09 -34.90 -35.73
C LEU A 1233 -23.54 -35.01 -35.26
N SER A 1234 -23.76 -34.85 -33.96
CA SER A 1234 -25.06 -34.97 -33.30
C SER A 1234 -25.27 -33.85 -32.28
N GLY A 1235 -26.52 -33.59 -31.89
CA GLY A 1235 -26.84 -32.54 -30.92
C GLY A 1235 -26.12 -32.71 -29.59
N ASP A 1236 -25.90 -33.96 -29.17
CA ASP A 1236 -25.16 -34.30 -27.95
C ASP A 1236 -23.70 -33.84 -28.04
N THR A 1237 -22.99 -34.12 -29.14
CA THR A 1237 -21.61 -33.65 -29.32
C THR A 1237 -21.52 -32.13 -29.41
N VAL A 1238 -22.44 -31.50 -30.14
CA VAL A 1238 -22.46 -30.03 -30.26
C VAL A 1238 -22.73 -29.36 -28.92
N GLY A 1239 -23.64 -29.88 -28.10
CA GLY A 1239 -23.87 -29.38 -26.75
C GLY A 1239 -22.67 -29.58 -25.84
N PHE A 1240 -22.06 -30.77 -25.88
CA PHE A 1240 -20.85 -31.10 -25.11
C PHE A 1240 -19.68 -30.17 -25.42
N VAL A 1241 -19.48 -29.77 -26.68
CA VAL A 1241 -18.41 -28.85 -27.08
C VAL A 1241 -18.73 -27.39 -26.74
N LEU A 1242 -19.86 -26.85 -27.19
CA LEU A 1242 -20.14 -25.42 -27.01
C LEU A 1242 -20.37 -25.05 -25.54
N SER A 1243 -20.94 -25.94 -24.72
CA SER A 1243 -21.25 -25.67 -23.32
C SER A 1243 -20.03 -25.24 -22.50
N ASN A 1244 -18.90 -25.94 -22.62
CA ASN A 1244 -17.67 -25.59 -21.90
C ASN A 1244 -16.68 -24.77 -22.75
N ALA A 1245 -16.89 -24.60 -24.05
CA ALA A 1245 -16.18 -23.56 -24.80
C ALA A 1245 -16.76 -22.16 -24.57
N LEU A 1246 -17.86 -22.02 -23.80
CA LEU A 1246 -18.46 -20.72 -23.49
C LEU A 1246 -17.89 -20.26 -22.14
N ASN A 1247 -17.54 -21.16 -21.21
CA ASN A 1247 -17.01 -20.77 -19.90
C ASN A 1247 -15.49 -20.53 -19.85
N ILE A 1248 -14.78 -20.81 -20.94
CA ILE A 1248 -13.33 -20.66 -21.09
C ILE A 1248 -12.88 -19.19 -20.99
N THR A 1249 -13.70 -18.22 -21.42
CA THR A 1249 -13.25 -16.85 -21.70
C THR A 1249 -12.76 -16.08 -20.49
N GLN A 1250 -13.42 -16.19 -19.33
CA GLN A 1250 -12.96 -15.54 -18.10
C GLN A 1250 -11.77 -16.27 -17.46
N THR A 1251 -11.62 -17.57 -17.69
CA THR A 1251 -10.47 -18.34 -17.18
C THR A 1251 -9.19 -18.01 -17.95
N LEU A 1252 -9.27 -17.83 -19.27
CA LEU A 1252 -8.13 -17.39 -20.09
C LEU A 1252 -7.54 -16.07 -19.59
N ASN A 1253 -8.39 -15.14 -19.18
CA ASN A 1253 -7.98 -13.85 -18.62
C ASN A 1253 -7.35 -14.00 -17.23
N TRP A 1254 -8.00 -14.72 -16.32
CA TRP A 1254 -7.53 -14.80 -14.94
C TRP A 1254 -6.19 -15.53 -14.78
N LEU A 1255 -5.86 -16.49 -15.65
CA LEU A 1255 -4.54 -17.15 -15.63
C LEU A 1255 -3.40 -16.14 -15.84
N VAL A 1256 -3.57 -15.16 -16.73
CA VAL A 1256 -2.57 -14.13 -16.97
C VAL A 1256 -2.50 -13.13 -15.81
N ARG A 1257 -3.65 -12.75 -15.24
CA ARG A 1257 -3.67 -11.90 -14.04
C ARG A 1257 -2.90 -12.50 -12.88
N MET A 1258 -3.09 -13.79 -12.61
CA MET A 1258 -2.36 -14.52 -11.57
C MET A 1258 -0.88 -14.69 -11.88
N THR A 1259 -0.50 -14.85 -13.15
CA THR A 1259 0.92 -14.91 -13.52
C THR A 1259 1.66 -13.61 -13.17
N SER A 1260 1.07 -12.45 -13.46
CA SER A 1260 1.62 -11.15 -13.02
C SER A 1260 1.65 -10.98 -11.51
N GLU A 1261 0.62 -11.42 -10.81
CA GLU A 1261 0.55 -11.31 -9.35
C GLU A 1261 1.64 -12.15 -8.67
N ILE A 1262 1.86 -13.38 -9.12
CA ILE A 1262 2.94 -14.25 -8.59
C ILE A 1262 4.32 -13.67 -8.90
N GLU A 1263 4.59 -13.27 -10.15
CA GLU A 1263 5.88 -12.65 -10.53
C GLU A 1263 6.16 -11.36 -9.77
N THR A 1264 5.14 -10.68 -9.25
CA THR A 1264 5.30 -9.52 -8.37
C THR A 1264 5.61 -9.93 -6.94
N ASN A 1265 4.82 -10.84 -6.36
CA ASN A 1265 4.91 -11.19 -4.94
C ASN A 1265 6.09 -12.11 -4.61
N ILE A 1266 6.60 -12.91 -5.55
CA ILE A 1266 7.74 -13.81 -5.29
C ILE A 1266 9.01 -13.09 -4.86
N VAL A 1267 9.17 -11.81 -5.19
CA VAL A 1267 10.30 -10.97 -4.75
C VAL A 1267 10.44 -10.94 -3.23
N ALA A 1268 9.35 -11.06 -2.46
CA ALA A 1268 9.41 -11.16 -1.00
C ALA A 1268 10.27 -12.36 -0.54
N VAL A 1269 10.18 -13.51 -1.23
CA VAL A 1269 11.01 -14.68 -0.93
C VAL A 1269 12.47 -14.42 -1.25
N GLU A 1270 12.78 -13.65 -2.31
CA GLU A 1270 14.15 -13.27 -2.62
C GLU A 1270 14.76 -12.40 -1.51
N ARG A 1271 14.06 -11.33 -1.14
CA ARG A 1271 14.60 -10.41 -0.10
C ARG A 1271 14.92 -11.20 1.17
N ILE A 1272 13.96 -12.01 1.66
CA ILE A 1272 14.18 -12.84 2.88
C ILE A 1272 15.40 -13.74 2.64
N THR A 1273 15.40 -14.48 1.53
CA THR A 1273 16.53 -15.38 1.23
C THR A 1273 17.87 -14.67 1.24
N GLU A 1274 17.90 -13.43 0.74
CA GLU A 1274 19.17 -12.64 0.74
C GLU A 1274 19.73 -12.58 2.16
N TYR A 1275 18.93 -12.12 3.12
CA TYR A 1275 19.43 -11.96 4.52
C TYR A 1275 19.61 -13.33 5.18
N THR A 1276 18.76 -14.30 4.86
CA THR A 1276 18.96 -15.65 5.42
C THR A 1276 20.37 -16.17 5.15
N LYS A 1277 21.09 -15.65 4.15
CA LYS A 1277 22.41 -16.15 3.71
C LYS A 1277 23.57 -15.15 3.86
N VAL A 1278 23.37 -14.04 4.58
CA VAL A 1278 24.46 -13.13 4.99
C VAL A 1278 25.36 -13.78 6.05
N GLU A 1279 26.59 -13.27 6.19
CA GLU A 1279 27.68 -13.86 6.98
C GLU A 1279 27.43 -13.89 8.51
N ASN A 1280 28.17 -14.74 9.22
CA ASN A 1280 27.93 -14.89 10.68
C ASN A 1280 29.24 -14.70 11.44
N GLU A 1281 29.16 -14.56 12.77
CA GLU A 1281 30.37 -14.40 13.61
C GLU A 1281 30.93 -15.78 13.94
N ALA A 1282 31.92 -15.83 14.83
CA ALA A 1282 32.53 -17.12 15.24
C ALA A 1282 31.56 -17.92 16.10
N PRO A 1283 31.69 -19.26 16.20
CA PRO A 1283 30.75 -20.08 16.96
C PRO A 1283 30.59 -19.58 18.39
N TRP A 1284 29.35 -19.49 18.87
CA TRP A 1284 29.06 -18.99 20.24
C TRP A 1284 29.72 -19.92 21.27
N VAL A 1285 29.70 -21.22 21.01
CA VAL A 1285 30.32 -22.20 21.94
C VAL A 1285 31.20 -23.15 21.12
N THR A 1286 32.49 -23.26 21.49
CA THR A 1286 33.42 -24.19 20.79
C THR A 1286 33.84 -25.29 21.76
N ASP A 1287 34.38 -26.39 21.23
CA ASP A 1287 34.78 -27.54 22.09
C ASP A 1287 35.83 -27.07 23.10
N LYS A 1288 36.83 -26.31 22.61
CA LYS A 1288 37.84 -25.72 23.53
C LYS A 1288 37.03 -24.93 24.56
N ARG A 1289 37.02 -25.40 25.80
CA ARG A 1289 36.13 -24.78 26.80
C ARG A 1289 37.20 -24.11 27.68
N PRO A 1290 36.91 -22.94 28.29
CA PRO A 1290 37.72 -22.42 29.39
C PRO A 1290 37.53 -23.28 30.65
N PRO A 1291 38.51 -23.32 31.57
CA PRO A 1291 38.39 -24.08 32.81
C PRO A 1291 37.36 -23.46 33.78
N PRO A 1292 36.86 -24.21 34.77
CA PRO A 1292 35.96 -23.68 35.79
C PRO A 1292 36.50 -22.44 36.50
N ASP A 1293 35.67 -21.41 36.66
CA ASP A 1293 36.01 -20.12 37.27
C ASP A 1293 37.24 -19.43 36.64
N TRP A 1294 37.38 -19.55 35.31
CA TRP A 1294 38.56 -19.14 34.52
C TRP A 1294 39.16 -17.76 34.82
N PRO A 1295 38.43 -16.63 34.81
CA PRO A 1295 38.97 -15.32 35.12
C PRO A 1295 39.18 -15.18 36.63
N SER A 1296 40.19 -15.85 37.16
CA SER A 1296 40.49 -16.00 38.58
C SER A 1296 41.31 -14.83 39.13
N LYS A 1297 42.26 -14.30 38.36
CA LYS A 1297 43.07 -13.11 38.67
C LYS A 1297 42.62 -11.91 37.84
N GLY A 1298 42.60 -12.09 36.52
CA GLY A 1298 42.43 -10.99 35.55
C GLY A 1298 43.75 -10.55 34.91
N LYS A 1299 44.64 -11.51 34.66
CA LYS A 1299 45.95 -11.19 34.03
C LYS A 1299 45.74 -10.94 32.54
N ILE A 1300 45.19 -9.79 32.16
CA ILE A 1300 44.98 -9.44 30.73
C ILE A 1300 46.36 -9.26 30.08
N GLN A 1301 46.54 -9.76 28.86
CA GLN A 1301 47.88 -9.69 28.20
C GLN A 1301 47.73 -9.41 26.71
N PHE A 1302 48.44 -8.41 26.19
CA PHE A 1302 48.41 -8.10 24.75
C PHE A 1302 49.76 -8.44 24.12
N ASN A 1303 49.80 -9.08 22.95
CA ASN A 1303 51.02 -9.26 22.17
C ASN A 1303 50.84 -8.69 20.75
N ASN A 1304 51.64 -7.68 20.39
CA ASN A 1304 51.75 -7.07 19.05
C ASN A 1304 50.42 -6.83 18.32
N TYR A 1305 49.33 -6.66 19.09
CA TYR A 1305 47.94 -6.62 18.53
C TYR A 1305 47.73 -5.70 17.33
N GLN A 1306 46.73 -6.04 16.50
CA GLN A 1306 46.39 -5.23 15.29
C GLN A 1306 44.93 -5.42 14.89
N VAL A 1307 44.16 -4.35 14.73
CA VAL A 1307 42.76 -4.40 14.24
C VAL A 1307 42.43 -3.32 13.20
N ARG A 1308 41.44 -3.67 12.37
CA ARG A 1308 40.86 -2.72 11.40
C ARG A 1308 39.35 -2.96 11.49
N TYR A 1309 38.52 -1.95 11.27
CA TYR A 1309 37.05 -2.06 11.48
C TYR A 1309 36.33 -2.77 10.32
N ARG A 1310 36.98 -2.74 9.13
CA ARG A 1310 36.47 -3.44 7.92
C ARG A 1310 37.65 -3.78 7.01
N PRO A 1311 37.65 -4.92 6.27
CA PRO A 1311 38.74 -5.32 5.38
C PRO A 1311 39.19 -4.25 4.37
N GLU A 1312 38.33 -3.29 4.08
CA GLU A 1312 38.57 -2.15 3.20
C GLU A 1312 39.59 -1.13 3.74
N LEU A 1313 39.79 -1.06 5.05
CA LEU A 1313 40.58 -0.02 5.72
C LEU A 1313 42.00 -0.47 6.07
N ASP A 1314 42.88 0.50 6.36
CA ASP A 1314 44.13 0.28 7.08
C ASP A 1314 43.89 0.10 8.59
N LEU A 1315 44.95 -0.27 9.31
CA LEU A 1315 44.80 -0.60 10.75
C LEU A 1315 44.47 0.60 11.63
N VAL A 1316 43.44 0.48 12.48
CA VAL A 1316 43.11 1.51 13.49
C VAL A 1316 44.03 1.41 14.71
N LEU A 1317 44.45 0.19 15.01
CA LEU A 1317 45.35 -0.05 16.18
C LEU A 1317 46.43 -1.03 15.73
N ARG A 1318 47.70 -0.78 16.10
CA ARG A 1318 48.80 -1.65 15.59
C ARG A 1318 49.85 -1.90 16.67
N GLY A 1319 50.47 -3.08 16.67
CA GLY A 1319 51.54 -3.40 17.62
C GLY A 1319 51.25 -2.96 19.04
N ILE A 1320 50.22 -3.54 19.67
CA ILE A 1320 49.97 -3.22 21.11
C ILE A 1320 50.56 -4.36 21.95
N THR A 1321 51.31 -4.03 23.01
CA THR A 1321 52.01 -5.08 23.77
C THR A 1321 52.12 -4.66 25.24
N CYS A 1322 51.34 -5.29 26.12
CA CYS A 1322 51.18 -4.89 27.53
C CYS A 1322 50.88 -6.12 28.41
N ASP A 1323 51.14 -5.99 29.72
CA ASP A 1323 50.81 -6.98 30.75
C ASP A 1323 50.09 -6.26 31.91
N ILE A 1324 48.88 -6.70 32.27
CA ILE A 1324 48.03 -6.05 33.28
C ILE A 1324 48.00 -6.88 34.56
N GLY A 1325 48.29 -6.26 35.72
CA GLY A 1325 48.36 -6.94 37.00
C GLY A 1325 47.00 -7.41 37.53
N SER A 1326 47.00 -8.47 38.34
CA SER A 1326 45.79 -8.94 39.03
C SER A 1326 45.19 -7.84 39.89
N MET A 1327 43.90 -7.55 39.71
CA MET A 1327 43.16 -6.48 40.43
C MET A 1327 43.72 -5.06 40.24
N GLU A 1328 44.55 -4.83 39.22
CA GLU A 1328 45.09 -3.51 38.90
C GLU A 1328 44.01 -2.58 38.33
N LYS A 1329 44.07 -1.28 38.62
CA LYS A 1329 43.13 -0.26 38.13
C LYS A 1329 43.83 0.64 37.12
N ILE A 1330 43.33 0.71 35.88
CA ILE A 1330 44.04 1.34 34.74
C ILE A 1330 43.17 2.41 34.09
N GLY A 1331 43.80 3.51 33.69
CA GLY A 1331 43.24 4.48 32.77
C GLY A 1331 43.88 4.41 31.39
N VAL A 1332 43.11 4.53 30.31
CA VAL A 1332 43.65 4.68 28.94
C VAL A 1332 43.35 6.07 28.38
N VAL A 1333 44.34 6.72 27.77
CA VAL A 1333 44.23 8.10 27.27
C VAL A 1333 45.05 8.34 25.99
N GLY A 1334 44.66 9.35 25.23
CA GLY A 1334 45.36 9.66 23.97
C GLY A 1334 44.72 10.83 23.26
N ARG A 1335 45.45 11.45 22.33
CA ARG A 1335 44.93 12.63 21.58
C ARG A 1335 43.67 12.21 20.82
N THR A 1336 42.63 13.06 20.83
CA THR A 1336 41.36 12.70 20.16
C THR A 1336 41.67 12.08 18.80
N GLY A 1337 41.06 10.93 18.49
CA GLY A 1337 41.37 10.22 17.24
C GLY A 1337 42.44 9.18 17.49
N ALA A 1338 42.87 9.04 18.74
CA ALA A 1338 43.89 8.04 19.10
C ALA A 1338 43.38 6.63 18.80
N GLY A 1339 42.06 6.46 18.68
CA GLY A 1339 41.49 5.13 18.46
C GLY A 1339 41.19 4.32 19.72
N LYS A 1340 41.10 4.96 20.89
CA LYS A 1340 40.88 4.35 22.22
C LYS A 1340 39.71 3.36 22.24
N SER A 1341 38.61 3.72 21.57
CA SER A 1341 37.36 2.95 21.50
C SER A 1341 37.53 1.55 20.90
N SER A 1342 38.62 1.29 20.18
CA SER A 1342 38.91 -0.03 19.63
C SER A 1342 39.15 -1.09 20.73
N LEU A 1343 39.67 -0.70 21.90
CA LEU A 1343 40.00 -1.64 22.98
C LEU A 1343 38.75 -2.31 23.56
N THR A 1344 37.74 -1.52 23.93
CA THR A 1344 36.48 -2.03 24.49
C THR A 1344 35.73 -2.92 23.50
N ASN A 1345 35.77 -2.63 22.20
CA ASN A 1345 35.21 -3.51 21.18
C ASN A 1345 36.00 -4.82 21.00
N CYS A 1346 37.33 -4.76 20.85
CA CYS A 1346 38.11 -5.97 20.55
C CYS A 1346 38.33 -6.90 21.75
N LEU A 1347 38.31 -6.40 22.99
CA LEU A 1347 38.40 -7.24 24.20
C LEU A 1347 37.18 -8.18 24.37
N PHE A 1348 36.00 -7.77 23.89
CA PHE A 1348 34.80 -8.61 23.77
C PHE A 1348 34.70 -9.37 22.44
N ARG A 1349 35.74 -9.31 21.58
CA ARG A 1349 35.73 -9.85 20.21
C ARG A 1349 34.55 -9.36 19.36
N ILE A 1350 34.11 -8.11 19.51
CA ILE A 1350 33.21 -7.46 18.54
C ILE A 1350 33.93 -7.25 17.20
N LEU A 1351 35.23 -6.94 17.27
CA LEU A 1351 36.15 -6.87 16.14
C LEU A 1351 37.12 -8.05 16.20
N GLU A 1352 37.26 -8.79 15.11
CA GLU A 1352 38.20 -9.90 14.97
C GLU A 1352 39.64 -9.41 14.72
N ALA A 1353 40.64 -10.15 15.21
CA ALA A 1353 42.04 -9.73 15.21
C ALA A 1353 42.69 -9.78 13.82
N ALA A 1354 43.36 -8.70 13.42
CA ALA A 1354 44.14 -8.64 12.17
C ALA A 1354 45.57 -9.21 12.31
N GLY A 1355 46.11 -9.22 13.52
CA GLY A 1355 47.43 -9.74 13.85
C GLY A 1355 47.72 -9.66 15.36
N GLY A 1356 48.66 -10.47 15.86
CA GLY A 1356 48.93 -10.57 17.29
C GLY A 1356 47.89 -11.40 18.03
N GLN A 1357 47.84 -11.27 19.36
CA GLN A 1357 46.91 -12.02 20.22
C GLN A 1357 46.65 -11.33 21.56
N ILE A 1358 45.60 -11.76 22.28
CA ILE A 1358 45.26 -11.35 23.64
C ILE A 1358 45.04 -12.59 24.51
N ILE A 1359 45.54 -12.56 25.74
CA ILE A 1359 45.45 -13.64 26.73
C ILE A 1359 44.82 -13.12 28.03
N ILE A 1360 44.01 -13.96 28.68
CA ILE A 1360 43.49 -13.74 30.04
C ILE A 1360 43.69 -15.02 30.85
N ASP A 1361 44.35 -14.93 32.01
CA ASP A 1361 44.63 -16.05 32.91
C ASP A 1361 45.19 -17.31 32.19
N GLY A 1362 46.10 -17.11 31.24
CA GLY A 1362 46.76 -18.17 30.48
C GLY A 1362 45.95 -18.80 29.34
N VAL A 1363 44.74 -18.30 29.07
CA VAL A 1363 43.88 -18.68 27.95
C VAL A 1363 43.89 -17.57 26.90
N ASP A 1364 44.14 -17.87 25.63
CA ASP A 1364 44.01 -16.89 24.56
C ASP A 1364 42.54 -16.68 24.17
N ILE A 1365 42.04 -15.44 24.24
CA ILE A 1365 40.60 -15.18 24.05
C ILE A 1365 40.10 -15.52 22.64
N ALA A 1366 41.00 -15.70 21.68
CA ALA A 1366 40.68 -16.09 20.31
C ALA A 1366 40.30 -17.57 20.16
N SER A 1367 40.69 -18.46 21.07
CA SER A 1367 40.45 -19.90 20.92
C SER A 1367 39.12 -20.39 21.54
N ILE A 1368 38.58 -19.67 22.52
CA ILE A 1368 37.35 -20.01 23.25
C ILE A 1368 36.08 -19.59 22.48
N GLY A 1369 34.98 -20.29 22.71
CA GLY A 1369 33.68 -19.99 22.10
C GLY A 1369 33.13 -18.63 22.52
N LEU A 1370 32.42 -17.96 21.62
CA LEU A 1370 32.19 -16.52 21.71
C LEU A 1370 31.29 -16.08 22.88
N HIS A 1371 30.31 -16.88 23.31
CA HIS A 1371 29.56 -16.61 24.53
C HIS A 1371 30.36 -16.98 25.78
N ASP A 1372 31.16 -18.05 25.75
CA ASP A 1372 32.02 -18.40 26.89
C ASP A 1372 33.05 -17.30 27.21
N LEU A 1373 33.43 -16.46 26.25
CA LEU A 1373 34.11 -15.20 26.52
C LEU A 1373 33.13 -14.13 27.05
N ARG A 1374 32.22 -13.67 26.19
CA ARG A 1374 31.34 -12.53 26.56
C ARG A 1374 30.75 -12.65 27.96
N GLU A 1375 30.16 -13.79 28.32
CA GLU A 1375 29.43 -13.94 29.62
C GLU A 1375 30.30 -13.72 30.86
N LYS A 1376 31.63 -13.71 30.73
CA LYS A 1376 32.49 -13.64 31.92
C LYS A 1376 33.01 -12.24 32.23
N LEU A 1377 33.27 -11.43 31.21
CA LEU A 1377 33.63 -10.02 31.35
C LEU A 1377 32.41 -9.18 31.76
N THR A 1378 32.66 -8.08 32.46
CA THR A 1378 31.56 -7.14 32.83
C THR A 1378 31.82 -5.76 32.23
N ILE A 1379 30.82 -5.16 31.59
CA ILE A 1379 30.91 -3.82 31.00
C ILE A 1379 29.73 -2.96 31.44
N ILE A 1380 29.99 -1.68 31.69
CA ILE A 1380 28.94 -0.67 31.86
C ILE A 1380 28.92 0.15 30.57
N PRO A 1381 27.81 0.15 29.80
CA PRO A 1381 27.77 0.82 28.51
C PRO A 1381 27.75 2.34 28.67
N GLN A 1382 28.20 3.04 27.63
CA GLN A 1382 28.34 4.51 27.62
C GLN A 1382 26.99 5.24 27.68
N ASP A 1383 25.95 4.65 27.10
CA ASP A 1383 24.61 5.22 26.92
C ASP A 1383 23.54 4.23 27.42
N PRO A 1384 22.65 4.59 28.37
CA PRO A 1384 21.73 3.64 28.99
C PRO A 1384 20.57 3.28 28.06
N ILE A 1385 20.29 1.99 27.90
CA ILE A 1385 19.11 1.50 27.18
C ILE A 1385 18.39 0.37 27.94
N LEU A 1386 17.06 0.41 27.88
CA LEU A 1386 16.13 -0.49 28.55
C LEU A 1386 15.14 -1.05 27.51
N PHE A 1387 14.65 -2.26 27.75
CA PHE A 1387 13.75 -3.00 26.88
C PHE A 1387 12.33 -2.99 27.45
N SER A 1388 11.32 -2.70 26.65
CA SER A 1388 9.94 -2.58 27.18
C SER A 1388 9.46 -3.91 27.78
N GLY A 1389 9.02 -3.87 29.03
CA GLY A 1389 8.82 -5.08 29.86
C GLY A 1389 9.04 -4.83 31.35
N SER A 1390 9.15 -5.90 32.14
CA SER A 1390 9.30 -5.79 33.59
C SER A 1390 10.68 -5.29 34.05
N LEU A 1391 10.76 -4.69 35.23
CA LEU A 1391 12.05 -4.43 35.89
C LEU A 1391 12.86 -5.72 36.08
N ARG A 1392 12.20 -6.85 36.39
CA ARG A 1392 12.83 -8.17 36.53
C ARG A 1392 13.59 -8.56 35.26
N MET A 1393 12.95 -8.54 34.09
CA MET A 1393 13.60 -8.97 32.85
C MET A 1393 14.62 -7.95 32.31
N ASN A 1394 14.51 -6.67 32.68
CA ASN A 1394 15.55 -5.68 32.37
C ASN A 1394 16.85 -5.87 33.17
N LEU A 1395 16.80 -6.50 34.35
CA LEU A 1395 17.99 -6.88 35.12
C LEU A 1395 18.47 -8.31 34.81
N ASP A 1396 17.54 -9.23 34.56
CA ASP A 1396 17.85 -10.63 34.32
C ASP A 1396 16.78 -11.30 33.43
N PRO A 1397 16.94 -11.34 32.10
CA PRO A 1397 15.97 -11.94 31.19
C PRO A 1397 16.01 -13.46 31.21
N PHE A 1398 17.09 -14.09 31.67
CA PHE A 1398 17.16 -15.56 31.83
C PHE A 1398 16.41 -16.06 33.08
N ASN A 1399 15.97 -15.17 33.97
CA ASN A 1399 15.26 -15.53 35.21
C ASN A 1399 16.07 -16.54 36.06
N ASN A 1400 17.35 -16.24 36.26
CA ASN A 1400 18.34 -17.10 36.92
C ASN A 1400 18.69 -16.64 38.35
N TYR A 1401 18.60 -15.34 38.59
CA TYR A 1401 18.91 -14.78 39.93
C TYR A 1401 17.66 -14.78 40.82
N SER A 1402 17.84 -14.85 42.14
CA SER A 1402 16.75 -14.87 43.12
C SER A 1402 16.28 -13.47 43.53
N ASP A 1403 15.07 -13.37 44.07
CA ASP A 1403 14.42 -12.11 44.41
C ASP A 1403 15.26 -11.24 45.36
N GLU A 1404 15.84 -11.81 46.41
CA GLU A 1404 16.68 -11.08 47.37
C GLU A 1404 18.03 -10.66 46.79
N GLU A 1405 18.57 -11.44 45.85
CA GLU A 1405 19.81 -11.07 45.13
C GLU A 1405 19.57 -9.84 44.26
N ILE A 1406 18.38 -9.73 43.68
CA ILE A 1406 17.98 -8.52 42.96
C ILE A 1406 17.73 -7.38 43.94
N TRP A 1407 16.99 -7.58 45.04
CA TRP A 1407 16.76 -6.49 46.00
C TRP A 1407 18.05 -5.92 46.59
N LYS A 1408 19.05 -6.73 46.93
CA LYS A 1408 20.34 -6.22 47.39
C LYS A 1408 21.14 -5.53 46.27
N ALA A 1409 20.99 -5.96 45.02
CA ALA A 1409 21.54 -5.20 43.89
C ALA A 1409 20.91 -3.80 43.76
N LEU A 1410 19.58 -3.66 43.88
CA LEU A 1410 18.95 -2.33 43.94
C LEU A 1410 19.36 -1.54 45.20
N GLU A 1411 19.63 -2.20 46.33
CA GLU A 1411 20.12 -1.53 47.54
C GLU A 1411 21.53 -0.93 47.33
N LEU A 1412 22.47 -1.73 46.80
CA LEU A 1412 23.83 -1.28 46.49
C LEU A 1412 23.83 -0.23 45.38
N ALA A 1413 22.89 -0.30 44.44
CA ALA A 1413 22.67 0.76 43.44
C ALA A 1413 21.99 2.02 44.00
N HIS A 1414 21.41 1.94 45.20
CA HIS A 1414 20.62 2.98 45.86
C HIS A 1414 19.27 3.32 45.20
N LEU A 1415 18.61 2.33 44.57
CA LEU A 1415 17.27 2.46 43.97
C LEU A 1415 16.13 1.81 44.79
N LYS A 1416 16.43 1.08 45.86
CA LYS A 1416 15.43 0.38 46.72
C LYS A 1416 14.25 1.29 47.10
N SER A 1417 14.53 2.52 47.55
CA SER A 1417 13.51 3.48 47.99
C SER A 1417 12.57 3.95 46.86
N PHE A 1418 13.02 3.90 45.60
CA PHE A 1418 12.15 4.12 44.44
C PHE A 1418 11.34 2.86 44.12
N VAL A 1419 11.99 1.71 43.94
CA VAL A 1419 11.30 0.48 43.50
C VAL A 1419 10.25 -0.01 44.50
N ALA A 1420 10.47 0.16 45.81
CA ALA A 1420 9.47 -0.17 46.82
C ALA A 1420 8.23 0.75 46.81
N SER A 1421 8.32 1.89 46.12
CA SER A 1421 7.17 2.81 46.02
C SER A 1421 6.16 2.27 45.01
N LEU A 1422 6.64 1.71 43.90
CA LEU A 1422 5.74 1.20 42.84
C LEU A 1422 4.83 0.11 43.42
N GLN A 1423 3.57 0.06 42.98
CA GLN A 1423 2.62 -0.96 43.50
C GLN A 1423 3.21 -2.35 43.27
N LEU A 1424 3.63 -2.65 42.04
CA LEU A 1424 4.30 -3.94 41.77
C LEU A 1424 5.80 -3.73 41.98
N GLY A 1425 6.45 -4.67 42.69
CA GLY A 1425 7.88 -4.52 43.00
C GLY A 1425 9.02 -4.72 42.01
N LEU A 1426 9.01 -5.86 41.31
CA LEU A 1426 10.11 -6.17 40.36
C LEU A 1426 9.25 -6.44 39.11
N SER A 1427 7.93 -6.55 39.29
CA SER A 1427 7.02 -6.87 38.16
C SER A 1427 6.53 -5.58 37.48
N HIS A 1428 6.85 -4.43 38.07
CA HIS A 1428 6.46 -3.15 37.45
C HIS A 1428 6.98 -3.03 36.01
N GLU A 1429 6.25 -2.33 35.13
CA GLU A 1429 6.45 -2.32 33.67
C GLU A 1429 7.09 -1.01 33.17
N VAL A 1430 8.14 -1.12 32.36
CA VAL A 1430 8.73 0.02 31.64
C VAL A 1430 8.20 0.09 30.21
N THR A 1431 7.89 1.30 29.75
CA THR A 1431 7.41 1.57 28.39
C THR A 1431 8.56 1.50 27.36
N GLU A 1432 8.28 1.83 26.10
CA GLU A 1432 9.28 1.86 25.02
C GLU A 1432 10.55 2.62 25.41
N ALA A 1433 11.72 2.01 25.17
CA ALA A 1433 13.04 2.51 25.58
C ALA A 1433 13.18 2.89 27.07
N GLY A 1434 12.28 2.41 27.95
CA GLY A 1434 12.21 2.83 29.35
C GLY A 1434 11.69 4.26 29.57
N GLY A 1435 10.96 4.84 28.61
CA GLY A 1435 10.60 6.26 28.59
C GLY A 1435 9.76 6.77 29.77
N ASN A 1436 9.09 5.90 30.53
CA ASN A 1436 8.38 6.28 31.77
C ASN A 1436 9.30 6.50 32.99
N LEU A 1437 10.60 6.21 32.88
CA LEU A 1437 11.62 6.50 33.90
C LEU A 1437 12.52 7.67 33.46
N SER A 1438 12.73 8.66 34.33
CA SER A 1438 13.63 9.79 34.06
C SER A 1438 15.13 9.40 34.06
N ILE A 1439 15.96 10.17 33.36
CA ILE A 1439 17.33 9.78 32.97
C ILE A 1439 18.23 9.37 34.14
N GLY A 1440 18.09 10.01 35.31
CA GLY A 1440 18.87 9.68 36.50
C GLY A 1440 18.70 8.23 36.92
N GLN A 1441 17.48 7.76 37.14
CA GLN A 1441 17.27 6.36 37.49
C GLN A 1441 17.55 5.40 36.32
N ARG A 1442 17.50 5.88 35.07
CA ARG A 1442 17.89 5.01 33.94
C ARG A 1442 19.38 4.69 34.03
N GLN A 1443 20.23 5.72 34.08
CA GLN A 1443 21.70 5.54 34.18
C GLN A 1443 22.05 4.69 35.40
N LEU A 1444 21.40 4.95 36.53
CA LEU A 1444 21.59 4.21 37.76
C LEU A 1444 21.16 2.74 37.62
N LEU A 1445 20.02 2.45 36.98
CA LEU A 1445 19.56 1.07 36.77
C LEU A 1445 20.53 0.26 35.88
N CYS A 1446 21.16 0.89 34.89
CA CYS A 1446 22.21 0.24 34.09
C CYS A 1446 23.48 -0.09 34.90
N LEU A 1447 23.79 0.69 35.94
CA LEU A 1447 24.82 0.34 36.92
C LEU A 1447 24.34 -0.81 37.83
N GLY A 1448 23.08 -0.78 38.28
CA GLY A 1448 22.47 -1.87 39.05
C GLY A 1448 22.52 -3.23 38.33
N ARG A 1449 22.34 -3.23 37.01
CA ARG A 1449 22.44 -4.48 36.23
C ARG A 1449 23.83 -5.11 36.44
N ALA A 1450 24.89 -4.31 36.32
CA ALA A 1450 26.28 -4.83 36.44
C ALA A 1450 26.53 -5.40 37.84
N LEU A 1451 25.99 -4.75 38.87
CA LEU A 1451 26.24 -5.19 40.27
C LEU A 1451 25.82 -6.65 40.40
N LEU A 1452 24.69 -7.03 39.81
CA LEU A 1452 24.18 -8.41 39.93
C LEU A 1452 25.16 -9.39 39.30
N ARG A 1453 25.76 -9.02 38.15
CA ARG A 1453 26.72 -9.91 37.46
C ARG A 1453 27.98 -10.10 38.33
N LYS A 1454 28.52 -9.00 38.86
CA LYS A 1454 29.73 -9.04 39.74
C LYS A 1454 30.94 -9.92 39.40
N SER A 1455 31.47 -9.78 38.18
CA SER A 1455 32.67 -10.56 37.78
C SER A 1455 34.05 -10.03 38.20
N LYS A 1456 35.11 -10.80 37.93
CA LYS A 1456 36.48 -10.38 38.28
C LYS A 1456 37.09 -9.29 37.38
N ILE A 1457 36.58 -9.08 36.17
CA ILE A 1457 37.11 -8.11 35.19
C ILE A 1457 36.00 -7.14 34.79
N LEU A 1458 36.26 -5.84 34.94
CA LEU A 1458 35.21 -4.83 34.66
C LEU A 1458 35.71 -3.81 33.64
N VAL A 1459 34.89 -3.48 32.63
CA VAL A 1459 35.25 -2.44 31.62
C VAL A 1459 34.41 -1.20 31.92
N LEU A 1460 35.01 -0.01 31.76
CA LEU A 1460 34.29 1.27 31.96
C LEU A 1460 34.71 2.24 30.84
N ASP A 1461 33.76 2.75 30.07
CA ASP A 1461 34.04 3.73 29.00
C ASP A 1461 33.22 4.98 29.28
N GLU A 1462 33.77 5.93 30.04
CA GLU A 1462 33.00 7.13 30.46
C GLU A 1462 32.48 7.91 29.25
N ALA A 1463 31.24 8.40 29.33
CA ALA A 1463 30.61 9.11 28.20
C ALA A 1463 30.96 10.60 28.25
N THR A 1464 30.94 11.26 27.09
CA THR A 1464 31.22 12.71 27.03
C THR A 1464 29.89 13.46 26.89
N ALA A 1465 29.00 13.34 27.88
CA ALA A 1465 27.76 14.13 27.79
C ALA A 1465 27.33 14.64 29.18
N ALA A 1466 26.34 15.53 29.24
CA ALA A 1466 25.83 16.10 30.50
C ALA A 1466 25.16 15.05 31.39
N VAL A 1467 25.41 15.13 32.70
CA VAL A 1467 24.88 14.24 33.75
C VAL A 1467 24.59 15.05 35.01
N ASP A 1468 23.57 14.69 35.79
CA ASP A 1468 23.37 15.25 37.13
C ASP A 1468 24.51 14.82 38.06
N LEU A 1469 25.32 15.78 38.54
CA LEU A 1469 26.51 15.52 39.35
C LEU A 1469 26.21 14.70 40.61
N GLU A 1470 25.01 14.76 41.18
CA GLU A 1470 24.65 13.91 42.31
C GLU A 1470 24.60 12.43 41.90
N THR A 1471 24.01 12.13 40.73
CA THR A 1471 23.97 10.77 40.19
C THR A 1471 25.35 10.32 39.73
N ASP A 1472 26.16 11.22 39.19
CA ASP A 1472 27.55 10.94 38.86
C ASP A 1472 28.36 10.57 40.13
N ASN A 1473 28.26 11.37 41.19
CA ASN A 1473 28.98 11.13 42.45
C ASN A 1473 28.57 9.80 43.10
N LEU A 1474 27.27 9.50 43.19
CA LEU A 1474 26.82 8.25 43.79
C LEU A 1474 27.19 7.04 42.93
N ILE A 1475 27.21 7.15 41.60
CA ILE A 1475 27.77 6.11 40.73
C ILE A 1475 29.27 5.95 40.99
N GLN A 1476 30.06 7.03 40.93
CA GLN A 1476 31.52 6.97 41.10
C GLN A 1476 31.95 6.37 42.44
N THR A 1477 31.31 6.75 43.56
CA THR A 1477 31.61 6.08 44.84
C THR A 1477 31.21 4.61 44.78
N THR A 1478 30.07 4.27 44.20
CA THR A 1478 29.64 2.87 44.08
C THR A 1478 30.62 2.02 43.28
N ILE A 1479 31.20 2.57 42.19
CA ILE A 1479 32.25 1.89 41.42
C ILE A 1479 33.47 1.59 42.31
N GLN A 1480 33.95 2.58 43.07
CA GLN A 1480 35.10 2.41 43.96
C GLN A 1480 34.82 1.48 45.15
N ASN A 1481 33.60 1.51 45.71
CA ASN A 1481 33.22 0.70 46.86
C ASN A 1481 32.98 -0.78 46.48
N GLU A 1482 32.25 -1.05 45.40
CA GLU A 1482 31.74 -2.41 45.11
C GLU A 1482 32.61 -3.24 44.17
N PHE A 1483 33.36 -2.63 43.25
CA PHE A 1483 34.29 -3.34 42.35
C PHE A 1483 35.74 -3.29 42.83
N ALA A 1484 35.96 -3.16 44.14
CA ALA A 1484 37.30 -3.01 44.74
C ALA A 1484 38.23 -4.20 44.43
N HIS A 1485 37.69 -5.41 44.41
CA HIS A 1485 38.37 -6.69 44.17
C HIS A 1485 38.48 -7.07 42.68
N CYS A 1486 38.00 -6.25 41.75
CA CYS A 1486 38.06 -6.50 40.31
C CYS A 1486 39.33 -5.93 39.66
N THR A 1487 39.77 -6.48 38.54
CA THR A 1487 40.63 -5.77 37.58
C THR A 1487 39.77 -4.76 36.83
N VAL A 1488 40.19 -3.51 36.67
CA VAL A 1488 39.33 -2.46 36.06
C VAL A 1488 40.07 -1.63 35.02
N ILE A 1489 39.51 -1.52 33.81
CA ILE A 1489 40.02 -0.65 32.74
C ILE A 1489 39.02 0.49 32.52
N THR A 1490 39.48 1.73 32.62
CA THR A 1490 38.68 2.94 32.44
C THR A 1490 39.13 3.75 31.23
N ILE A 1491 38.20 4.13 30.36
CA ILE A 1491 38.44 5.06 29.25
C ILE A 1491 37.65 6.36 29.49
N ALA A 1492 38.30 7.52 29.40
CA ALA A 1492 37.66 8.81 29.66
C ALA A 1492 38.25 9.96 28.80
N HIS A 1493 37.52 11.07 28.72
CA HIS A 1493 37.97 12.22 27.88
C HIS A 1493 38.55 13.34 28.77
N ARG A 1494 38.47 13.19 30.09
CA ARG A 1494 39.00 14.20 31.04
C ARG A 1494 39.99 13.51 31.98
N LEU A 1495 41.11 14.14 32.30
CA LEU A 1495 42.14 13.51 33.14
C LEU A 1495 41.77 13.46 34.63
N HIS A 1496 40.90 14.36 35.11
CA HIS A 1496 40.42 14.34 36.50
C HIS A 1496 39.64 13.06 36.87
N THR A 1497 39.10 12.34 35.87
CA THR A 1497 38.44 11.04 36.06
C THR A 1497 39.44 9.87 36.18
N ILE A 1498 40.67 10.07 35.70
CA ILE A 1498 41.72 9.04 35.62
C ILE A 1498 42.77 9.14 36.75
N MET A 1499 42.95 10.32 37.33
CA MET A 1499 44.20 10.72 38.00
C MET A 1499 44.64 9.92 39.25
N ASP A 1500 43.81 9.02 39.77
CA ASP A 1500 44.09 8.20 40.97
C ASP A 1500 44.18 6.68 40.68
N SER A 1501 44.39 6.29 39.42
CA SER A 1501 44.61 4.89 39.02
C SER A 1501 45.95 4.30 39.49
N ASP A 1502 46.14 2.98 39.38
CA ASP A 1502 47.44 2.34 39.58
C ASP A 1502 48.40 2.60 38.40
N LYS A 1503 47.85 2.74 37.19
CA LYS A 1503 48.59 2.97 35.95
C LYS A 1503 47.79 3.83 34.97
N VAL A 1504 48.47 4.55 34.10
CA VAL A 1504 47.91 5.23 32.92
C VAL A 1504 48.62 4.74 31.67
N MET A 1505 47.87 4.51 30.60
CA MET A 1505 48.35 4.02 29.30
C MET A 1505 48.11 5.08 28.22
N VAL A 1506 49.19 5.49 27.53
CA VAL A 1506 49.05 6.58 26.52
C VAL A 1506 49.44 6.06 25.14
N LEU A 1507 48.55 6.22 24.15
CA LEU A 1507 48.85 5.79 22.76
C LEU A 1507 48.21 6.80 21.80
N ASP A 1508 48.78 6.96 20.60
CA ASP A 1508 48.25 7.97 19.65
C ASP A 1508 48.13 7.37 18.24
N ASN A 1509 49.26 7.05 17.61
CA ASN A 1509 49.25 6.48 16.25
C ASN A 1509 48.88 5.00 16.32
N GLY A 1510 47.80 4.68 17.04
CA GLY A 1510 47.41 3.26 17.22
C GLY A 1510 48.57 2.46 17.78
N LYS A 1511 49.51 3.12 18.47
CA LYS A 1511 50.70 2.43 19.01
C LYS A 1511 51.01 2.97 20.42
N ILE A 1512 51.49 2.11 21.32
CA ILE A 1512 51.78 2.52 22.72
C ILE A 1512 52.91 3.56 22.72
N ILE A 1513 52.79 4.60 23.53
CA ILE A 1513 53.80 5.67 23.62
C ILE A 1513 54.40 5.78 25.02
N GLU A 1514 53.58 5.80 26.07
CA GLU A 1514 54.02 5.85 27.47
C GLU A 1514 53.11 5.04 28.39
N CYS A 1515 53.66 4.53 29.49
CA CYS A 1515 52.86 3.99 30.60
C CYS A 1515 53.57 4.17 31.95
N GLY A 1516 52.80 4.36 33.02
CA GLY A 1516 53.33 4.54 34.37
C GLY A 1516 52.26 4.97 35.37
N SER A 1517 52.61 5.09 36.65
CA SER A 1517 51.70 5.60 37.68
C SER A 1517 51.44 7.11 37.49
N PRO A 1518 50.27 7.63 37.88
CA PRO A 1518 49.79 8.94 37.43
C PRO A 1518 50.57 10.14 38.00
N GLU A 1519 51.29 9.98 39.11
CA GLU A 1519 52.20 11.00 39.64
C GLU A 1519 53.55 10.99 38.89
N GLU A 1520 54.15 9.81 38.73
CA GLU A 1520 55.41 9.64 37.98
C GLU A 1520 55.28 10.10 36.52
N LEU A 1521 54.13 9.87 35.89
CA LEU A 1521 53.86 10.33 34.53
C LEU A 1521 53.81 11.87 34.39
N LEU A 1522 53.59 12.60 35.49
CA LEU A 1522 53.69 14.07 35.54
C LEU A 1522 55.04 14.57 36.07
N GLN A 1523 55.72 13.77 36.90
CA GLN A 1523 56.99 14.13 37.56
C GLN A 1523 58.12 14.42 36.57
N ILE A 1524 58.15 13.74 35.43
CA ILE A 1524 59.00 14.06 34.28
C ILE A 1524 58.14 14.62 33.14
N PRO A 1525 58.41 15.84 32.64
CA PRO A 1525 57.68 16.41 31.51
C PRO A 1525 57.71 15.52 30.26
N GLY A 1526 56.56 15.32 29.63
CA GLY A 1526 56.38 14.36 28.53
C GLY A 1526 54.96 14.36 27.94
N PRO A 1527 54.59 13.37 27.08
CA PRO A 1527 53.29 13.41 26.41
C PRO A 1527 52.13 13.74 27.36
N PHE A 1528 51.98 12.95 28.42
CA PHE A 1528 50.84 13.15 29.32
C PHE A 1528 50.90 14.47 30.09
N TYR A 1529 52.09 14.92 30.48
CA TYR A 1529 52.29 16.19 31.17
C TYR A 1529 51.87 17.40 30.32
N PHE A 1530 52.22 17.38 29.04
CA PHE A 1530 51.81 18.48 28.13
C PHE A 1530 50.28 18.54 28.10
N MET A 1531 49.64 17.37 28.02
CA MET A 1531 48.15 17.31 27.98
C MET A 1531 47.60 17.85 29.31
N ALA A 1532 47.99 17.25 30.42
CA ALA A 1532 47.55 17.72 31.74
C ALA A 1532 47.73 19.24 31.89
N LYS A 1533 48.81 19.81 31.34
CA LYS A 1533 49.00 21.26 31.27
C LYS A 1533 47.94 21.94 30.40
N GLU A 1534 47.63 21.38 29.22
CA GLU A 1534 46.57 21.90 28.35
C GLU A 1534 45.17 21.80 28.97
N ALA A 1535 44.91 20.76 29.76
CA ALA A 1535 43.68 20.56 30.51
C ALA A 1535 43.59 21.40 31.81
N GLY A 1536 44.69 22.02 32.26
CA GLY A 1536 44.77 22.71 33.55
C GLY A 1536 44.79 21.78 34.77
N ILE A 1537 45.01 20.48 34.57
CA ILE A 1537 45.04 19.46 35.63
C ILE A 1537 46.37 19.40 36.40
N GLU A 1538 47.47 19.92 35.83
CA GLU A 1538 48.81 19.87 36.41
C GLU A 1538 49.69 21.04 35.97
O2 LTX B . -14.84 -11.01 -4.64
C1 LTX B . -14.16 -10.21 -5.31
O1 LTX B . -13.62 -9.20 -4.81
C2 LTX B . -13.95 -10.49 -6.79
C3 LTX B . -13.30 -11.81 -7.08
C4 LTX B . -13.07 -12.05 -8.57
C5 LTX B . -12.55 -13.44 -8.93
O3 LTX B . -11.26 -13.65 -8.34
C6 LTX B . -12.44 -13.59 -10.45
C7 LTX B . -12.17 -15.01 -10.86
C8 LTX B . -12.06 -15.48 -12.08
C9 LTX B . -11.82 -16.87 -12.40
C10 LTX B . -11.56 -17.87 -11.47
C11 LTX B . -11.50 -19.30 -11.68
C12 LTX B . -11.55 -19.97 -12.83
C13 LTX B . -11.91 -21.41 -12.93
C14 LTX B . -10.84 -22.31 -13.46
O32 LTX B . -10.09 -7.18 -11.47
C21 LTX B . -10.77 -7.24 -12.51
O31 LTX B . -10.34 -7.16 -13.67
CA3 LTX B . -12.27 -7.45 -12.34
N3 LTX B . -12.75 -8.66 -12.99
C22 LTX B . -13.33 -9.63 -12.30
O33 LTX B . -13.42 -9.63 -11.08
CA2 LTX B . -13.87 -10.81 -13.10
CB2 LTX B . -13.13 -12.09 -12.73
SG2 LTX B . -13.88 -12.87 -11.28
N2 LTX B . -13.88 -10.60 -14.54
CD1 LTX B . -15.01 -10.65 -15.25
OE1 LTX B . -15.05 -10.39 -16.44
CG1 LTX B . -16.26 -11.05 -14.48
CB1 LTX B . -17.50 -11.11 -15.35
CA1 LTX B . -18.76 -11.57 -14.61
N1 LTX B . -19.75 -12.11 -15.58
C23 LTX B . -19.40 -10.43 -13.82
O11 LTX B . -20.58 -10.13 -14.11
O12 LTX B . -18.70 -9.87 -12.94
C1 CLR C . 6.51 -20.21 -15.20
C2 CLR C . 7.23 -19.17 -16.05
C3 CLR C . 6.53 -17.84 -15.97
C4 CLR C . 6.44 -17.39 -14.51
C5 CLR C . 5.79 -18.43 -13.65
C6 CLR C . 4.75 -18.09 -12.88
C7 CLR C . 4.04 -19.03 -11.96
C8 CLR C . 4.83 -20.31 -11.72
C9 CLR C . 5.39 -20.85 -13.03
C10 CLR C . 6.35 -19.83 -13.71
C11 CLR C . 6.02 -22.24 -12.84
C12 CLR C . 5.11 -23.24 -12.10
C13 CLR C . 4.61 -22.70 -10.77
C14 CLR C . 3.92 -21.36 -11.10
C15 CLR C . 3.16 -20.99 -9.85
C16 CLR C . 2.68 -22.35 -9.31
C17 CLR C . 3.45 -23.45 -10.08
C18 CLR C . 5.77 -22.51 -9.78
C19 CLR C . 7.73 -19.83 -13.04
C20 CLR C . 3.74 -24.65 -9.15
C21 CLR C . 4.30 -25.87 -9.86
C22 CLR C . 2.46 -25.00 -8.37
C23 CLR C . 2.67 -25.62 -7.00
C24 CLR C . 1.35 -26.00 -6.35
C25 CLR C . 0.98 -25.19 -5.11
C26 CLR C . -0.52 -25.29 -4.86
C27 CLR C . 1.74 -25.67 -3.87
O1 CLR C . 7.23 -16.91 -16.76
C1 CLR D . -27.01 -18.80 -50.00
C2 CLR D . -27.48 -19.98 -50.86
C3 CLR D . -26.83 -21.26 -50.40
C4 CLR D . -27.14 -21.49 -48.92
C5 CLR D . -26.73 -20.32 -48.07
C6 CLR D . -25.98 -20.50 -47.00
C7 CLR D . -25.58 -19.42 -46.04
C8 CLR D . -26.39 -18.14 -46.24
C9 CLR D . -26.53 -17.83 -47.73
C10 CLR D . -27.27 -18.96 -48.50
C11 CLR D . -27.15 -16.45 -47.96
C12 CLR D . -26.46 -15.33 -47.17
C13 CLR D . -26.43 -15.62 -45.67
C14 CLR D . -25.71 -16.97 -45.52
C15 CLR D . -25.45 -17.10 -44.04
C16 CLR D . -25.16 -15.67 -43.59
C17 CLR D . -25.51 -14.73 -44.79
C18 CLR D . -27.84 -15.65 -45.09
C19 CLR D . -28.78 -18.93 -48.22
C20 CLR D . -25.98 -13.36 -44.29
C21 CLR D . -26.20 -12.32 -45.38
C22 CLR D . -25.00 -12.82 -43.25
C23 CLR D . -25.43 -11.54 -42.55
C24 CLR D . -24.42 -11.08 -41.50
C25 CLR D . -24.87 -9.90 -40.63
C26 CLR D . -26.18 -10.23 -39.93
C27 CLR D . -23.81 -9.52 -39.60
O1 CLR D . -27.31 -22.33 -51.20
C1 CLR E . -21.32 -23.68 -47.87
C2 CLR E . -21.69 -24.79 -48.85
C3 CLR E . -22.97 -24.45 -49.56
C4 CLR E . -22.82 -23.12 -50.29
C5 CLR E . -22.40 -22.01 -49.35
C6 CLR E . -23.07 -20.87 -49.32
C7 CLR E . -22.76 -19.72 -48.42
C8 CLR E . -21.39 -19.81 -47.78
C9 CLR E . -21.09 -21.25 -47.33
C10 CLR E . -21.17 -22.28 -48.49
C11 CLR E . -19.77 -21.31 -46.56
C12 CLR E . -19.68 -20.31 -45.40
C13 CLR E . -19.97 -18.87 -45.84
C14 CLR E . -21.33 -18.91 -46.56
C15 CLR E . -21.72 -17.46 -46.71
C16 CLR E . -21.20 -16.81 -45.42
C17 CLR E . -20.26 -17.83 -44.73
C18 CLR E . -18.85 -18.35 -46.75
C19 CLR E . -19.93 -22.23 -49.39
C20 CLR E . -19.12 -17.11 -44.01
C21 CLR E . -18.24 -18.01 -43.14
C22 CLR E . -19.69 -15.96 -43.16
C23 CLR E . -18.84 -14.71 -43.07
C24 CLR E . -19.51 -13.62 -42.23
C25 CLR E . -19.85 -12.34 -42.98
C26 CLR E . -20.61 -12.64 -44.26
C27 CLR E . -20.66 -11.37 -42.11
O1 CLR E . -23.30 -25.50 -50.46
O11 UNL F . -4.50 4.88 -33.57
C1 UNL F . -4.84 3.56 -33.18
C2 UNL F . -5.82 2.96 -34.17
O21 UNL F . -6.21 1.64 -33.79
C21 UNL F . -7.50 1.40 -33.55
O22 UNL F . -8.39 2.16 -33.82
C22 UNL F . -7.67 0.06 -32.89
C23 UNL F . -8.50 -0.93 -33.70
C24 UNL F . -9.99 -0.73 -33.48
C25 UNL F . -10.82 -1.93 -33.92
C26 UNL F . -12.30 -1.78 -33.61
C27 UNL F . -13.10 -3.07 -33.74
C28 UNL F . -14.51 -2.96 -33.21
C29 UNL F . -15.50 -2.32 -34.18
C2A UNL F . -15.66 -3.11 -35.47
C2B UNL F . -16.81 -2.64 -36.34
C2C UNL F . -16.97 -3.44 -37.62
C2D UNL F . -18.20 -3.06 -38.43
C2E UNL F . -18.33 -3.83 -39.74
C3 UNL F . -5.22 2.83 -35.55
O31 UNL F . -6.25 2.29 -36.37
C31 UNL F . -5.99 1.17 -37.05
O32 UNL F . -4.88 0.87 -37.42
C32 UNL F . -7.23 0.36 -37.28
C33 UNL F . -8.04 0.80 -38.49
C34 UNL F . -9.20 -0.15 -38.77
C35 UNL F . -10.30 -0.12 -37.72
C36 UNL F . -11.65 -0.52 -38.27
C37 UNL F . -11.69 -1.95 -38.81
C38 UNL F . -13.08 -2.40 -39.21
C39 UNL F . -13.62 -1.70 -40.46
C1 CLR G . -24.98 -16.74 -53.18
C2 CLR G . -25.36 -17.97 -53.98
C3 CLR G . -24.42 -18.17 -55.15
C4 CLR G . -22.98 -18.27 -54.64
C5 CLR G . -22.60 -17.09 -53.78
C6 CLR G . -21.49 -16.40 -54.03
C7 CLR G . -20.97 -15.27 -53.20
C8 CLR G . -21.70 -15.15 -51.86
C9 CLR G . -23.20 -15.35 -52.05
C10 CLR G . -23.54 -16.76 -52.63
C11 CLR G . -23.98 -15.03 -50.77
C12 CLR G . -23.61 -13.68 -50.15
C13 CLR G . -22.11 -13.55 -49.89
C14 CLR G . -21.43 -13.78 -51.25
C15 CLR G . -19.99 -13.35 -51.04
C16 CLR G . -20.12 -12.15 -50.10
C17 CLR G . -21.57 -12.13 -49.54
C18 CLR G . -21.64 -14.55 -48.83
C19 CLR G . -23.40 -17.85 -51.57
C20 CLR G . -21.59 -11.62 -48.10
C21 CLR G . -22.98 -11.38 -47.51
C22 CLR G . -20.78 -10.31 -48.02
C23 CLR G . -20.47 -9.78 -46.62
C24 CLR G . -19.38 -8.72 -46.66
C25 CLR G . -19.26 -7.84 -45.41
C26 CLR G . -19.15 -8.71 -44.16
C27 CLR G . -18.09 -6.89 -45.49
O1 CLR G . -24.80 -19.33 -55.85
O11 UNL H . -19.04 7.89 -25.06
C1 UNL H . -18.75 6.82 -24.20
C2 UNL H . -19.52 5.58 -24.62
O21 UNL H . -20.94 5.78 -24.55
C21 UNL H . -21.62 6.11 -25.66
O22 UNL H . -21.29 6.99 -26.41
C22 UNL H . -22.83 5.23 -25.82
C23 UNL H . -22.58 3.97 -26.63
C24 UNL H . -23.69 2.95 -26.44
C25 UNL H . -23.57 1.76 -27.39
C26 UNL H . -24.51 0.61 -27.02
C27 UNL H . -24.44 -0.54 -28.02
C28 UNL H . -25.64 -1.48 -27.93
C29 UNL H . -25.82 -2.33 -29.18
C2A UNL H . -27.14 -3.10 -29.19
C3 UNL H . -19.22 4.41 -23.72
O31 UNL H . -19.86 3.26 -24.26
C31 UNL H . -19.11 2.21 -24.56
O32 UNL H . -17.95 2.31 -24.90
C32 UNL H . -19.87 0.92 -24.43
C33 UNL H . -20.62 0.52 -25.68
C34 UNL H . -19.68 0.22 -26.83
C35 UNL H . -20.41 -0.04 -28.15
C36 UNL H . -19.76 -1.15 -28.97
C37 UNL H . -20.26 -1.26 -30.39
C38 UNL H . -19.39 -2.18 -31.24
C39 UNL H . -20.12 -2.85 -32.39
C3A UNL H . -19.31 -3.97 -33.02
C3B UNL H . -20.07 -4.78 -34.06
C3C UNL H . -19.26 -5.94 -34.61
C3D UNL H . -19.99 -6.74 -35.68
C3E UNL H . -19.17 -7.90 -36.24
C1 CLR I . -40.84 -19.11 -41.43
C2 CLR I . -42.25 -19.42 -41.94
C3 CLR I . -42.63 -20.86 -41.65
C4 CLR I . -42.49 -21.16 -40.17
C5 CLR I . -41.14 -20.78 -39.63
C6 CLR I . -40.44 -21.65 -38.89
C7 CLR I . -39.14 -21.34 -38.21
C8 CLR I . -38.79 -19.86 -38.22
C9 CLR I . -39.13 -19.26 -39.59
C10 CLR I . -40.65 -19.38 -39.92
C11 CLR I . -38.60 -17.83 -39.73
C12 CLR I . -37.12 -17.70 -39.37
C13 CLR I . -36.85 -18.18 -37.94
C14 CLR I . -37.32 -19.65 -37.91
C15 CLR I . -36.78 -20.19 -36.59
C16 CLR I . -35.43 -19.47 -36.43
C17 CLR I . -35.36 -18.37 -37.52
C18 CLR I . -37.57 -17.32 -36.91
C19 CLR I . -41.49 -18.39 -39.11
C20 CLR I . -34.54 -17.16 -37.04
C21 CLR I . -34.27 -16.12 -38.12
C22 CLR I . -33.22 -17.66 -36.43
C23 CLR I . -32.79 -17.01 -35.12
C24 CLR I . -32.12 -15.64 -35.30
C25 CLR I . -33.03 -14.43 -35.08
C26 CLR I . -33.61 -14.45 -33.67
C27 CLR I . -32.32 -13.11 -35.34
O1 CLR I . -43.94 -21.08 -42.12
C33 UNL J . -22.97 -13.92 -65.14
C34 UNL J . -22.64 -12.49 -64.75
C35 UNL J . -21.68 -12.39 -63.57
C36 UNL J . -21.43 -10.95 -63.13
C37 UNL J . -20.56 -10.84 -61.87
C38 UNL J . -20.45 -9.42 -61.34
C39 UNL J . -19.75 -9.34 -59.99
C3A UNL J . -19.56 -7.91 -59.49
C3B UNL J . -18.86 -7.84 -58.14
C3C UNL J . -18.51 -6.42 -57.73
C3D UNL J . -17.80 -6.34 -56.38
C3E UNL J . -17.47 -4.91 -55.96
C3F UNL J . -16.84 -4.82 -54.58
C3G UNL J . -16.67 -3.38 -54.10
C39 UNL K . -8.37 -1.50 -48.04
C3A UNL K . -7.64 -0.93 -46.82
C3B UNL K . -6.96 0.41 -47.10
C3C UNL K . -6.47 1.09 -45.82
C3D UNL K . -5.79 2.43 -46.06
C3E UNL K . -5.48 3.17 -44.76
C3F UNL K . -4.41 4.24 -44.91
C3G UNL K . -3.95 4.81 -43.58
C3H UNL K . -2.64 5.57 -43.65
C39 UNL L . -6.26 8.11 -50.45
C3A UNL L . -5.67 7.69 -49.11
C3B UNL L . -4.76 8.73 -48.48
C3C UNL L . -4.26 8.32 -47.11
C3D UNL L . -3.34 9.33 -46.46
C3E UNL L . -2.90 8.93 -45.05
C3F UNL L . -1.86 9.86 -44.44
C3G UNL L . -1.37 9.38 -43.07
C3H UNL L . -0.34 10.29 -42.43
C32 UNL M . -28.73 1.70 -31.65
C33 UNL M . -27.64 2.12 -30.67
C34 UNL M . -27.97 3.46 -30.02
C35 UNL M . -26.91 3.93 -29.03
C36 UNL M . -27.20 5.31 -28.46
C37 UNL M . -26.27 5.69 -27.31
C38 UNL M . -26.55 7.08 -26.76
C39 UNL M . -25.89 7.32 -25.40
C3A UNL M . -25.47 8.77 -25.17
C3B UNL M . -24.56 8.95 -23.97
C3C UNL M . -23.99 10.36 -23.86
C3D UNL M . -22.93 10.51 -22.77
C33 UNL N . -26.98 2.07 -22.97
C34 UNL N . -26.33 3.42 -22.73
C35 UNL N . -25.04 3.33 -21.92
C36 UNL N . -24.38 4.68 -21.72
C37 UNL N . -23.05 4.60 -20.97
C38 UNL N . -22.29 5.92 -20.98
C39 UNL N . -20.83 5.78 -20.55
C3A UNL N . -20.04 7.08 -20.70
C3B UNL N . -18.59 6.95 -20.30
C3C UNL N . -17.84 8.28 -20.31
C3D UNL N . -16.44 8.21 -19.73
C34 UNL O . -38.48 -20.71 -29.74
C35 UNL O . -37.96 -19.38 -29.21
C36 UNL O . -36.64 -18.96 -29.85
C37 UNL O . -36.06 -17.67 -29.28
C38 UNL O . -34.71 -17.31 -29.89
C39 UNL O . -34.17 -15.97 -29.42
C3A UNL O . -32.88 -15.57 -30.11
C3B UNL O . -32.46 -14.14 -29.85
C3C UNL O . -31.15 -13.76 -30.51
C3D UNL O . -30.78 -12.29 -30.36
C3E UNL O . -29.38 -11.98 -30.88
C3F UNL O . -28.98 -10.52 -30.74
C3G UNL O . -27.52 -10.26 -31.11
C3H UNL O . -27.15 -8.79 -31.13
C32 UNL P . -6.41 -20.92 -27.25
C33 UNL P . -5.82 -20.73 -25.86
C34 UNL P . -4.45 -21.39 -25.75
C35 UNL P . -3.95 -21.46 -24.31
C36 UNL P . -2.55 -22.04 -24.20
C37 UNL P . -2.04 -22.14 -22.76
C38 UNL P . -0.53 -22.22 -22.67
C39 UNL P . 0.01 -21.81 -21.31
C3A UNL P . 1.54 -21.67 -21.29
C3B UNL P . 2.07 -21.08 -19.99
C3C UNL P . 3.60 -20.94 -19.98
C39 UNL Q . -17.60 -14.73 -57.14
C3A UNL Q . -18.16 -13.59 -56.29
C3B UNL Q . -17.23 -13.17 -55.17
C3C UNL Q . -17.80 -12.00 -54.35
C3D UNL Q . -16.85 -11.51 -53.26
C3E UNL Q . -17.37 -10.29 -52.53
C3F UNL Q . -16.40 -9.74 -51.48
C39 UNL R . -16.97 -19.95 -52.66
C3A UNL R . -17.38 -18.65 -51.96
C3B UNL R . -16.33 -18.13 -50.99
C3C UNL R . -16.77 -16.86 -50.28
C3D UNL R . -15.74 -16.32 -49.30
C3E UNL R . -16.20 -15.06 -48.57
C3F UNL R . -15.17 -14.52 -47.58
C39 UNL S . -16.64 -24.54 -46.78
C3A UNL S . -16.48 -23.02 -46.72
C3B UNL S . -15.69 -22.55 -45.51
C3C UNL S . -15.55 -21.03 -45.44
C3D UNL S . -14.79 -20.52 -44.22
C3E UNL S . -14.78 -19.01 -44.09
C3F UNL S . -14.13 -18.50 -42.82
C3G UNL S . -14.26 -17.00 -42.64
C3H UNL S . -13.53 -16.46 -41.41
C39 UNL T . -10.19 -4.38 -43.02
C3A UNL T . -9.06 -3.93 -42.13
C3B UNL T . -8.07 -3.00 -42.81
C3C UNL T . -6.96 -2.51 -41.88
C3D UNL T . -5.95 -1.59 -42.56
C3E UNL T . -4.86 -1.09 -41.63
C3F UNL T . -3.83 -0.20 -42.30
C3G UNL T . -2.73 0.26 -41.36
C3H UNL T . -1.66 1.09 -42.04
#